data_6PBF
#
_entry.id   6PBF
#
_cell.length_a   1.00
_cell.length_b   1.00
_cell.length_c   1.00
_cell.angle_alpha   90.00
_cell.angle_beta   90.00
_cell.angle_gamma   90.00
#
_symmetry.space_group_name_H-M   'P 1'
#
loop_
_entity.id
_entity.type
_entity.pdbx_description
1 polymer 'Transient receptor potential cation channel subfamily V member 5'
2 non-polymer '(1S)-1-(4-oxo-5-phenyl-3,4-dihydrothieno[2,3-d]pyrimidin-2-yl)ethyl [(2S)-3-oxo-3,4-dihydro-2H-1,4-benzothiazin-2-yl]acetate'
#
_entity_poly.entity_id   1
_entity_poly.type   'polypeptide(L)'
_entity_poly.pdbx_seq_one_letter_code
;MGACPPKAKGPWAQLQKLLISWPVGEQDWEQYRDRVNMLQQERIRDSPLLQAAKENDLRLLKILLLNQSCDFQQRGAVGE
TALHVAALYDNLEAATLLMEAAPELAKEPALCEPFVGQTALHIAVMNQNLNLVRALLARGASVSARATGAAFRRSPHNLI
YYGEHPLSFAACVGSEEIVRLLIEHGADIRAQDSLGNTVLHILILQPNKTFACQMYNLLLSYDEHSDHLQSLELVPNHQG
LTPFKLAGVEGNTVMFQHLMQKRKHVQWTCGPLTSTLYDLTEIDSWGEELSFLELVVSSKKREARQILEQTPVKELVSFK
WKKYGRPYFCVLASLYILYMICFTTCCIYRPLKLRDDNRTDPRDITILQQKLLQEAYVTHQDNIRLVGELVTVTGAVIIL
LLEIPDIFRVGASRYFGQTILGGPFHVIIITYASLVLLTMVMRLTNMNGEVVPLSFALVLGWCSVMYFARGFQMLGPFTI
MIQKMIFGDLMRFCWLMAVVILGFASAFHITFQTEDPNNLGEFSDYPTALFSTFELFLTIIDGPANYSVDLPFMYCITYA
AFAIIATLLMLNLFIAMMGDTHWRVAQERDELWRAQVVATTVMLERKMPRFLWPRSGICGYEYGLGDRWFLRVENHHDQN
PLRVLRYVEAFKCSDKEDGQEQLSEKRPSTVESGMLSRASVAFQTPSLSRTTSQSSNSHRGWEILRRNTLGHLNLGLDLG
EGDGEEVYHF
;
_entity_poly.pdbx_strand_id   A,B,C,D
#
loop_
_chem_comp.id
_chem_comp.type
_chem_comp.name
_chem_comp.formula
O6V non-polymer '(1S)-1-(4-oxo-5-phenyl-3,4-dihydrothieno[2,3-d]pyrimidin-2-yl)ethyl [(2S)-3-oxo-3,4-dihydro-2H-1,4-benzothiazin-2-yl]acetate' 'C24 H19 N3 O4 S2'
#
# COMPACT_ATOMS: atom_id res chain seq x y z
N TRP A 29 11.87 43.38 -10.75
CA TRP A 29 11.34 42.04 -10.93
C TRP A 29 12.07 41.34 -12.07
N GLU A 30 11.48 40.27 -12.61
CA GLU A 30 12.21 39.36 -13.49
C GLU A 30 12.01 39.66 -14.97
N GLN A 31 11.64 40.89 -15.31
CA GLN A 31 11.69 41.37 -16.68
C GLN A 31 12.74 42.47 -16.81
N TYR A 32 13.84 42.31 -16.08
CA TYR A 32 14.93 43.26 -16.02
C TYR A 32 16.23 42.64 -16.51
N ARG A 33 16.55 41.44 -16.03
CA ARG A 33 17.78 40.75 -16.41
C ARG A 33 17.78 40.41 -17.90
N ASP A 34 16.61 40.04 -18.43
CA ASP A 34 16.51 39.74 -19.86
C ASP A 34 16.75 40.97 -20.71
N ARG A 35 16.20 42.12 -20.30
CA ARG A 35 16.38 43.35 -21.06
C ARG A 35 17.83 43.81 -21.02
N VAL A 36 18.48 43.74 -19.86
CA VAL A 36 19.87 44.18 -19.83
C VAL A 36 20.80 43.16 -20.48
N ASN A 37 20.42 41.88 -20.53
CA ASN A 37 21.23 40.90 -21.25
C ASN A 37 21.12 41.12 -22.76
N MET A 38 19.92 41.42 -23.25
CA MET A 38 19.76 41.71 -24.67
C MET A 38 20.46 43.02 -25.05
N LEU A 39 20.45 44.00 -24.15
CA LEU A 39 21.18 45.24 -24.43
C LEU A 39 22.69 45.02 -24.40
N GLN A 40 23.16 44.12 -23.52
CA GLN A 40 24.59 43.80 -23.49
C GLN A 40 25.01 43.05 -24.74
N GLN A 41 24.15 42.16 -25.25
CA GLN A 41 24.46 41.49 -26.50
C GLN A 41 24.40 42.45 -27.68
N GLU A 42 23.53 43.46 -27.61
CA GLU A 42 23.54 44.53 -28.61
C GLU A 42 24.85 45.30 -28.58
N ARG A 43 25.32 45.63 -27.37
CA ARG A 43 26.54 46.43 -27.26
C ARG A 43 27.80 45.64 -27.60
N ILE A 44 27.78 44.33 -27.40
CA ILE A 44 28.92 43.54 -27.88
C ILE A 44 28.79 43.28 -29.38
N ARG A 45 27.58 43.39 -29.93
CA ARG A 45 27.41 43.19 -31.37
C ARG A 45 27.86 44.41 -32.16
N ASP A 46 27.56 45.61 -31.68
CA ASP A 46 27.78 46.80 -32.51
C ASP A 46 29.25 47.20 -32.57
N SER A 47 29.92 47.23 -31.43
CA SER A 47 31.31 47.66 -31.41
C SER A 47 32.22 46.52 -31.90
N PRO A 48 33.10 46.77 -32.85
CA PRO A 48 33.98 45.69 -33.34
C PRO A 48 35.05 45.25 -32.36
N LEU A 49 35.33 46.08 -31.34
CA LEU A 49 36.35 45.74 -30.35
C LEU A 49 35.93 44.54 -29.51
N LEU A 50 34.78 44.65 -28.85
CA LEU A 50 34.29 43.55 -28.02
C LEU A 50 33.82 42.38 -28.86
N GLN A 51 33.38 42.65 -30.10
CA GLN A 51 32.99 41.56 -30.99
C GLN A 51 34.19 40.74 -31.44
N ALA A 52 35.32 41.40 -31.68
CA ALA A 52 36.56 40.67 -31.97
C ALA A 52 37.12 40.02 -30.71
N ALA A 53 36.84 40.60 -29.54
CA ALA A 53 37.23 39.96 -28.29
C ALA A 53 36.48 38.65 -28.09
N LYS A 54 35.17 38.65 -28.35
CA LYS A 54 34.39 37.41 -28.33
C LYS A 54 34.80 36.49 -29.47
N GLU A 55 35.26 37.05 -30.59
CA GLU A 55 35.67 36.22 -31.71
C GLU A 55 37.01 35.54 -31.43
N ASN A 56 37.92 36.23 -30.74
CA ASN A 56 39.28 35.77 -30.41
C ASN A 56 40.06 35.38 -31.68
N ASP A 57 40.23 36.37 -32.55
CA ASP A 57 40.99 36.21 -33.77
C ASP A 57 42.42 36.65 -33.55
N LEU A 58 43.20 36.71 -34.64
CA LEU A 58 44.59 37.11 -34.59
C LEU A 58 44.80 38.52 -35.15
N ARG A 59 44.40 38.76 -36.39
CA ARG A 59 44.61 40.05 -37.03
C ARG A 59 43.42 40.98 -36.83
N LEU A 60 42.98 41.14 -35.59
CA LEU A 60 41.90 42.06 -35.27
C LEU A 60 42.36 43.17 -34.34
N LEU A 61 42.88 42.84 -33.15
CA LEU A 61 43.28 43.85 -32.19
C LEU A 61 44.59 44.52 -32.58
N LYS A 62 45.54 43.76 -33.13
CA LYS A 62 46.77 44.35 -33.62
C LYS A 62 46.52 45.23 -34.85
N ILE A 63 45.53 44.86 -35.66
CA ILE A 63 45.18 45.70 -36.81
C ILE A 63 44.46 46.97 -36.35
N LEU A 64 43.68 46.86 -35.27
CA LEU A 64 43.05 48.06 -34.72
C LEU A 64 44.08 48.98 -34.05
N LEU A 65 45.09 48.39 -33.44
CA LEU A 65 46.16 49.17 -32.81
C LEU A 65 47.24 49.51 -33.83
N PHE A 72 38.18 51.84 -25.41
CA PHE A 72 39.05 51.13 -24.47
C PHE A 72 38.45 51.14 -23.07
N GLN A 73 38.28 52.33 -22.51
CA GLN A 73 37.63 52.47 -21.21
C GLN A 73 36.14 52.73 -21.34
N GLN A 74 35.58 52.53 -22.52
CA GLN A 74 34.15 52.71 -22.74
C GLN A 74 33.37 51.58 -22.07
N ARG A 75 32.25 51.93 -21.46
CA ARG A 75 31.41 50.92 -20.83
C ARG A 75 30.61 50.17 -21.89
N GLY A 76 30.02 49.06 -21.47
CA GLY A 76 29.14 48.31 -22.35
C GLY A 76 27.72 48.86 -22.28
N ALA A 77 26.74 47.97 -22.20
CA ALA A 77 25.38 48.40 -21.94
C ALA A 77 25.24 48.88 -20.50
N VAL A 78 25.60 48.03 -19.55
CA VAL A 78 25.68 48.45 -18.17
C VAL A 78 26.90 47.82 -17.52
N GLY A 79 28.01 48.57 -17.46
CA GLY A 79 29.19 48.13 -16.75
C GLY A 79 29.97 46.98 -17.38
N GLU A 80 30.60 47.22 -18.53
CA GLU A 80 31.43 46.19 -19.16
C GLU A 80 32.48 46.87 -20.03
N THR A 81 33.74 46.60 -19.74
CA THR A 81 34.84 47.03 -20.60
C THR A 81 35.32 45.85 -21.43
N ALA A 82 36.44 46.03 -22.13
CA ALA A 82 36.88 45.05 -23.11
C ALA A 82 37.43 43.78 -22.47
N LEU A 83 38.03 43.89 -21.28
CA LEU A 83 38.55 42.68 -20.63
C LEU A 83 37.45 41.80 -20.06
N HIS A 84 36.26 42.37 -19.81
CA HIS A 84 35.20 41.60 -19.17
C HIS A 84 34.67 40.51 -20.08
N VAL A 85 34.37 40.84 -21.33
CA VAL A 85 33.85 39.83 -22.24
C VAL A 85 34.94 38.85 -22.65
N ALA A 86 36.21 39.28 -22.61
CA ALA A 86 37.30 38.36 -22.90
C ALA A 86 37.46 37.34 -21.79
N ALA A 87 37.41 37.79 -20.53
CA ALA A 87 37.47 36.85 -19.41
C ALA A 87 36.21 36.00 -19.32
N LEU A 88 35.08 36.52 -19.79
CA LEU A 88 33.84 35.78 -19.72
C LEU A 88 33.75 34.71 -20.79
N TYR A 89 34.36 34.94 -21.95
CA TYR A 89 34.35 33.96 -23.02
C TYR A 89 35.68 33.21 -23.16
N ASP A 90 36.61 33.43 -22.22
CA ASP A 90 37.82 32.61 -22.06
C ASP A 90 38.74 32.67 -23.28
N ASN A 91 39.22 33.88 -23.55
CA ASN A 91 40.09 34.15 -24.70
C ASN A 91 41.43 34.66 -24.18
N LEU A 92 42.38 33.73 -24.05
CA LEU A 92 43.64 34.03 -23.37
C LEU A 92 44.52 34.95 -24.19
N GLU A 93 44.56 34.75 -25.51
CA GLU A 93 45.39 35.62 -26.35
C GLU A 93 44.84 37.03 -26.40
N ALA A 94 43.52 37.18 -26.41
CA ALA A 94 42.92 38.51 -26.36
C ALA A 94 43.17 39.17 -25.02
N ALA A 95 43.15 38.38 -23.94
CA ALA A 95 43.46 38.90 -22.61
C ALA A 95 44.90 39.41 -22.55
N THR A 96 45.84 38.61 -23.06
CA THR A 96 47.25 39.02 -23.03
C THR A 96 47.51 40.23 -23.91
N LEU A 97 46.88 40.28 -25.10
CA LEU A 97 47.09 41.41 -26.00
C LEU A 97 46.50 42.70 -25.43
N LEU A 98 45.32 42.63 -24.82
CA LEU A 98 44.73 43.83 -24.24
C LEU A 98 45.48 44.28 -22.99
N MET A 99 45.97 43.35 -22.18
CA MET A 99 46.68 43.74 -20.98
C MET A 99 48.08 44.26 -21.27
N GLU A 100 48.72 43.81 -22.35
CA GLU A 100 49.97 44.41 -22.75
C GLU A 100 49.79 45.65 -23.61
N ALA A 101 48.59 45.87 -24.14
CA ALA A 101 48.29 47.15 -24.80
C ALA A 101 48.03 48.25 -23.77
N ALA A 102 47.04 48.04 -22.91
CA ALA A 102 46.71 49.03 -21.88
C ALA A 102 46.94 48.46 -20.50
N PRO A 103 47.89 48.98 -19.73
CA PRO A 103 48.17 48.40 -18.41
C PRO A 103 47.16 48.78 -17.34
N GLU A 104 46.60 49.99 -17.45
CA GLU A 104 45.66 50.49 -16.45
C GLU A 104 44.27 49.90 -16.60
N LEU A 105 43.99 49.17 -17.68
CA LEU A 105 42.63 48.78 -17.99
C LEU A 105 42.15 47.61 -17.14
N ALA A 106 43.07 46.76 -16.68
CA ALA A 106 42.69 45.69 -15.76
C ALA A 106 42.31 46.26 -14.39
N LYS A 107 42.96 47.35 -13.99
CA LYS A 107 42.62 48.04 -12.74
C LYS A 107 41.49 49.03 -13.00
N GLU A 108 40.32 48.47 -13.33
CA GLU A 108 39.17 49.32 -13.63
C GLU A 108 37.87 48.59 -13.30
N PRO A 109 37.10 49.08 -12.35
CA PRO A 109 35.79 48.50 -12.05
C PRO A 109 34.76 48.93 -13.09
N ALA A 110 33.54 48.44 -12.93
CA ALA A 110 32.48 48.67 -13.90
C ALA A 110 31.43 49.61 -13.33
N LEU A 111 30.51 50.03 -14.21
CA LEU A 111 29.35 50.79 -13.78
C LEU A 111 28.45 49.90 -12.93
N CYS A 112 27.85 50.49 -11.90
CA CYS A 112 27.36 49.73 -10.76
C CYS A 112 25.83 49.69 -10.67
N GLU A 113 25.12 49.85 -11.80
CA GLU A 113 23.68 49.89 -11.63
C GLU A 113 23.08 48.48 -11.52
N PRO A 114 23.38 47.47 -12.41
CA PRO A 114 23.01 46.09 -12.04
C PRO A 114 24.12 45.25 -11.43
N PHE A 115 25.38 45.66 -11.60
CA PHE A 115 26.53 44.88 -11.14
C PHE A 115 27.52 45.85 -10.51
N VAL A 116 27.56 45.89 -9.19
CA VAL A 116 28.44 46.81 -8.48
C VAL A 116 29.87 46.24 -8.49
N GLY A 117 30.84 47.11 -8.78
CA GLY A 117 32.23 46.73 -8.76
C GLY A 117 32.64 45.98 -10.00
N GLN A 118 32.28 44.69 -10.04
CA GLN A 118 32.48 43.79 -11.18
C GLN A 118 33.96 43.72 -11.59
N THR A 119 34.77 43.17 -10.68
CA THR A 119 36.18 42.98 -10.95
C THR A 119 36.38 41.91 -12.01
N ALA A 120 37.36 42.14 -12.90
CA ALA A 120 37.67 41.16 -13.93
C ALA A 120 38.23 39.88 -13.33
N LEU A 121 38.98 40.01 -12.23
CA LEU A 121 39.44 38.85 -11.48
C LEU A 121 38.27 38.06 -10.93
N HIS A 122 37.28 38.76 -10.37
CA HIS A 122 36.11 38.12 -9.79
C HIS A 122 35.24 37.46 -10.86
N ILE A 123 35.25 38.00 -12.07
CA ILE A 123 34.54 37.36 -13.16
C ILE A 123 35.29 36.12 -13.63
N ALA A 124 36.61 36.23 -13.78
CA ALA A 124 37.40 35.16 -14.37
C ALA A 124 37.63 33.98 -13.42
N VAL A 125 37.52 34.20 -12.12
CA VAL A 125 37.80 33.11 -11.19
C VAL A 125 36.70 32.04 -11.24
N MET A 126 35.48 32.42 -11.63
CA MET A 126 34.41 31.43 -11.78
C MET A 126 34.67 30.52 -12.97
N ASN A 127 35.16 31.09 -14.08
CA ASN A 127 35.57 30.27 -15.21
C ASN A 127 36.84 29.48 -14.92
N GLN A 128 37.65 29.96 -13.96
CA GLN A 128 38.79 29.23 -13.38
C GLN A 128 39.85 28.87 -14.42
N ASN A 129 40.47 29.91 -14.95
CA ASN A 129 41.60 29.77 -15.87
C ASN A 129 42.90 30.14 -15.14
N LEU A 130 43.81 29.18 -15.06
CA LEU A 130 45.08 29.36 -14.32
C LEU A 130 45.94 30.45 -14.94
N ASN A 131 46.13 30.40 -16.26
CA ASN A 131 46.96 31.39 -16.94
C ASN A 131 46.35 32.77 -16.85
N LEU A 132 45.01 32.85 -16.90
CA LEU A 132 44.36 34.15 -16.84
C LEU A 132 44.43 34.76 -15.45
N VAL A 133 44.25 33.94 -14.40
CA VAL A 133 44.35 34.49 -13.06
C VAL A 133 45.80 34.82 -12.74
N ARG A 134 46.76 34.09 -13.32
CA ARG A 134 48.17 34.40 -13.09
C ARG A 134 48.57 35.70 -13.78
N ALA A 135 48.09 35.92 -15.01
CA ALA A 135 48.39 37.16 -15.71
C ALA A 135 47.67 38.35 -15.07
N LEU A 136 46.47 38.13 -14.54
CA LEU A 136 45.75 39.21 -13.87
C LEU A 136 46.44 39.59 -12.56
N LEU A 137 46.97 38.61 -11.82
CA LEU A 137 47.74 38.96 -10.64
C LEU A 137 49.11 39.52 -11.00
N ALA A 138 49.63 39.19 -12.18
CA ALA A 138 50.86 39.83 -12.65
C ALA A 138 50.65 41.30 -12.93
N ARG A 139 49.51 41.64 -13.53
CA ARG A 139 49.12 43.04 -13.61
C ARG A 139 48.78 43.63 -12.25
N GLY A 140 48.36 42.78 -11.31
CA GLY A 140 48.18 43.17 -9.93
C GLY A 140 46.85 43.86 -9.65
N ALA A 141 45.75 43.19 -9.93
CA ALA A 141 44.43 43.78 -9.72
C ALA A 141 44.11 43.84 -8.23
N SER A 142 43.06 44.59 -7.90
CA SER A 142 42.65 44.79 -6.51
C SER A 142 42.00 43.50 -6.02
N VAL A 143 42.79 42.67 -5.33
CA VAL A 143 42.30 41.37 -4.88
C VAL A 143 41.38 41.50 -3.68
N SER A 144 41.36 42.65 -3.01
CA SER A 144 40.45 42.90 -1.89
C SER A 144 39.27 43.74 -2.33
N ALA A 145 38.76 43.50 -3.53
CA ALA A 145 37.66 44.27 -4.07
C ALA A 145 36.33 43.84 -3.42
N ARG A 146 35.25 44.46 -3.88
CA ARG A 146 33.94 44.25 -3.28
C ARG A 146 32.87 44.45 -4.36
N ALA A 147 32.00 43.46 -4.52
CA ALA A 147 31.02 43.44 -5.60
C ALA A 147 29.63 43.15 -5.04
N THR A 148 28.94 44.20 -4.59
CA THR A 148 27.59 44.06 -4.04
C THR A 148 26.51 44.26 -5.10
N GLY A 149 26.63 43.50 -6.19
CA GLY A 149 25.75 43.68 -7.33
C GLY A 149 24.33 43.21 -7.08
N ALA A 150 23.44 43.67 -7.96
CA ALA A 150 22.03 43.31 -7.84
C ALA A 150 21.81 41.83 -8.13
N ALA A 151 22.69 41.22 -8.92
CA ALA A 151 22.69 39.77 -9.10
C ALA A 151 23.56 39.06 -8.07
N PHE A 152 24.09 39.80 -7.09
CA PHE A 152 25.02 39.26 -6.10
C PHE A 152 24.47 39.55 -4.71
N ARG A 153 23.61 38.66 -4.22
CA ARG A 153 22.92 38.83 -2.94
C ARG A 153 22.28 37.51 -2.55
N ARG A 154 22.21 37.26 -1.24
CA ARG A 154 21.42 36.16 -0.72
C ARG A 154 19.95 36.50 -0.89
N SER A 155 19.33 35.94 -1.92
CA SER A 155 17.95 36.27 -2.26
C SER A 155 17.36 35.10 -3.04
N PRO A 156 16.05 34.89 -2.95
CA PRO A 156 15.43 33.85 -3.79
C PRO A 156 15.33 34.22 -5.26
N HIS A 157 15.64 35.47 -5.62
CA HIS A 157 15.72 35.83 -7.04
C HIS A 157 16.88 35.13 -7.72
N ASN A 158 18.10 35.39 -7.25
CA ASN A 158 19.27 34.74 -7.82
C ASN A 158 19.37 33.30 -7.36
N LEU A 159 20.27 32.56 -8.00
CA LEU A 159 20.54 31.17 -7.63
C LEU A 159 21.81 31.04 -6.82
N ILE A 160 22.91 31.55 -7.33
CA ILE A 160 24.18 31.51 -6.62
C ILE A 160 24.19 32.56 -5.53
N TYR A 161 24.82 32.25 -4.41
CA TYR A 161 25.11 33.22 -3.36
C TYR A 161 26.58 33.02 -3.02
N TYR A 162 27.43 33.81 -3.67
CA TYR A 162 28.86 33.60 -3.61
C TYR A 162 29.60 34.70 -2.87
N GLY A 163 28.88 35.60 -2.21
CA GLY A 163 29.54 36.70 -1.54
C GLY A 163 30.01 37.77 -2.52
N GLU A 164 30.89 38.62 -2.03
CA GLU A 164 31.39 39.77 -2.78
C GLU A 164 32.91 39.86 -2.72
N HIS A 165 33.59 38.72 -2.87
CA HIS A 165 35.04 38.71 -2.83
C HIS A 165 35.59 37.63 -3.74
N PRO A 166 36.73 37.89 -4.39
CA PRO A 166 37.35 36.84 -5.22
C PRO A 166 37.83 35.65 -4.41
N LEU A 167 38.25 35.87 -3.17
CA LEU A 167 38.62 34.76 -2.29
C LEU A 167 37.42 33.88 -1.98
N SER A 168 36.28 34.51 -1.70
CA SER A 168 35.05 33.75 -1.46
C SER A 168 34.61 33.01 -2.71
N PHE A 169 34.76 33.64 -3.88
CA PHE A 169 34.41 33.00 -5.15
C PHE A 169 35.26 31.76 -5.38
N ALA A 170 36.57 31.87 -5.14
CA ALA A 170 37.46 30.75 -5.36
C ALA A 170 37.23 29.64 -4.34
N ALA A 171 37.06 30.00 -3.06
CA ALA A 171 36.86 29.00 -2.02
C ALA A 171 35.48 28.37 -2.05
N CYS A 172 34.53 28.96 -2.76
CA CYS A 172 33.25 28.28 -2.95
C CYS A 172 33.18 27.51 -4.26
N VAL A 173 33.95 27.90 -5.28
CA VAL A 173 33.99 27.10 -6.50
C VAL A 173 34.80 25.82 -6.26
N GLY A 174 35.99 25.95 -5.70
CA GLY A 174 36.77 24.76 -5.39
C GLY A 174 38.15 24.76 -6.01
N SER A 175 38.61 25.94 -6.42
CA SER A 175 39.92 26.11 -7.05
C SER A 175 41.00 26.03 -5.98
N GLU A 176 41.38 24.79 -5.65
CA GLU A 176 42.33 24.57 -4.58
C GLU A 176 43.75 24.97 -4.98
N GLU A 177 44.06 24.93 -6.26
CA GLU A 177 45.37 25.38 -6.73
C GLU A 177 45.42 26.89 -6.94
N ILE A 178 44.29 27.58 -6.83
CA ILE A 178 44.23 29.01 -7.06
C ILE A 178 43.98 29.79 -5.78
N VAL A 179 43.37 29.17 -4.75
CA VAL A 179 43.19 29.85 -3.47
C VAL A 179 44.53 30.16 -2.82
N ARG A 180 45.54 29.32 -3.05
CA ARG A 180 46.87 29.61 -2.52
C ARG A 180 47.48 30.83 -3.19
N LEU A 181 47.32 30.96 -4.51
CA LEU A 181 47.84 32.14 -5.20
C LEU A 181 47.06 33.39 -4.83
N LEU A 182 45.78 33.25 -4.51
CA LEU A 182 45.02 34.39 -4.03
C LEU A 182 45.46 34.82 -2.63
N ILE A 183 45.68 33.87 -1.72
CA ILE A 183 46.10 34.27 -0.37
C ILE A 183 47.57 34.60 -0.30
N GLU A 184 48.34 34.32 -1.37
CA GLU A 184 49.75 34.71 -1.42
C GLU A 184 49.92 36.21 -1.29
N HIS A 185 49.04 37.00 -1.90
CA HIS A 185 49.10 38.45 -1.79
C HIS A 185 48.24 38.98 -0.65
N GLY A 186 47.82 38.11 0.27
CA GLY A 186 47.12 38.51 1.48
C GLY A 186 45.75 39.12 1.24
N ALA A 187 44.82 38.30 0.73
CA ALA A 187 43.55 38.84 0.27
C ALA A 187 42.46 38.80 1.34
N ASP A 188 42.77 39.34 2.54
CA ASP A 188 41.79 39.66 3.59
C ASP A 188 41.00 38.44 4.04
N ILE A 189 41.70 37.55 4.74
CA ILE A 189 41.13 36.27 5.21
C ILE A 189 39.93 36.49 6.13
N ARG A 190 39.86 37.62 6.81
CA ARG A 190 38.67 38.03 7.54
C ARG A 190 38.11 39.31 6.90
N ALA A 191 36.83 39.27 6.55
CA ALA A 191 36.16 40.39 5.90
C ALA A 191 34.65 40.20 6.02
N GLN A 192 33.93 41.26 5.68
CA GLN A 192 32.48 41.22 5.57
C GLN A 192 32.09 41.61 4.16
N ASP A 193 30.78 41.73 3.93
CA ASP A 193 30.24 42.01 2.60
C ASP A 193 28.83 42.59 2.79
N SER A 194 28.04 42.56 1.72
CA SER A 194 26.60 42.78 1.82
C SER A 194 25.99 41.76 2.78
N LEU A 195 25.25 42.28 3.77
CA LEU A 195 24.67 41.62 4.95
C LEU A 195 25.71 41.17 5.96
N GLY A 196 26.99 41.35 5.65
CA GLY A 196 28.08 41.17 6.59
C GLY A 196 28.30 39.77 7.14
N ASN A 197 28.31 38.76 6.28
CA ASN A 197 28.78 37.44 6.69
C ASN A 197 30.21 37.26 6.21
N THR A 198 30.77 36.06 6.38
CA THR A 198 32.16 35.84 6.04
C THR A 198 32.31 34.73 5.01
N VAL A 199 33.56 34.51 4.62
CA VAL A 199 33.91 33.49 3.63
C VAL A 199 33.61 32.09 4.17
N LEU A 200 33.71 31.90 5.49
CA LEU A 200 33.39 30.60 6.05
C LEU A 200 31.90 30.31 6.00
N HIS A 201 31.08 31.33 6.23
CA HIS A 201 29.63 31.16 6.10
C HIS A 201 29.23 30.97 4.65
N ILE A 202 29.95 31.62 3.71
CA ILE A 202 29.72 31.38 2.28
C ILE A 202 30.04 29.93 1.93
N LEU A 203 31.17 29.42 2.40
CA LEU A 203 31.54 28.04 2.13
C LEU A 203 30.62 27.04 2.83
N ILE A 204 29.98 27.43 3.93
CA ILE A 204 29.02 26.54 4.58
C ILE A 204 27.70 26.52 3.82
N LEU A 205 27.16 27.69 3.49
CA LEU A 205 25.85 27.78 2.83
C LEU A 205 26.01 27.40 1.36
N GLN A 206 26.12 26.09 1.12
CA GLN A 206 26.37 25.56 -0.21
C GLN A 206 26.02 24.09 -0.23
N PRO A 207 25.45 23.58 -1.32
CA PRO A 207 25.31 22.12 -1.48
C PRO A 207 26.68 21.45 -1.52
N ASN A 208 26.91 20.53 -0.59
CA ASN A 208 28.24 20.08 -0.25
C ASN A 208 28.83 19.15 -1.31
N LYS A 209 30.15 19.04 -1.29
CA LYS A 209 30.92 18.13 -2.12
C LYS A 209 32.29 17.98 -1.47
N THR A 210 33.23 17.36 -2.21
CA THR A 210 34.59 17.23 -1.69
C THR A 210 35.31 18.57 -1.64
N PHE A 211 34.97 19.47 -2.56
CA PHE A 211 35.59 20.79 -2.59
C PHE A 211 35.26 21.57 -1.33
N ALA A 212 34.04 21.39 -0.81
CA ALA A 212 33.60 22.12 0.37
C ALA A 212 34.40 21.73 1.61
N CYS A 213 34.56 20.42 1.86
CA CYS A 213 35.27 19.99 3.05
C CYS A 213 36.76 20.27 2.95
N GLN A 214 37.34 20.08 1.76
CA GLN A 214 38.77 20.39 1.60
C GLN A 214 39.04 21.88 1.73
N MET A 215 38.15 22.73 1.20
CA MET A 215 38.32 24.17 1.34
C MET A 215 38.06 24.63 2.75
N TYR A 216 37.19 23.95 3.49
CA TYR A 216 36.97 24.28 4.89
C TYR A 216 38.22 24.00 5.71
N ASN A 217 38.84 22.84 5.49
CA ASN A 217 40.10 22.52 6.18
C ASN A 217 41.21 23.49 5.77
N LEU A 218 41.24 23.89 4.50
CA LEU A 218 42.25 24.82 4.01
C LEU A 218 42.10 26.20 4.64
N LEU A 219 40.88 26.73 4.67
CA LEU A 219 40.67 28.04 5.25
C LEU A 219 40.83 28.03 6.76
N LEU A 220 40.59 26.89 7.41
CA LEU A 220 40.88 26.82 8.84
C LEU A 220 42.38 26.75 9.09
N SER A 221 43.13 26.10 8.20
CA SER A 221 44.57 26.00 8.40
C SER A 221 45.26 27.34 8.13
N TYR A 222 44.79 28.08 7.12
CA TYR A 222 45.50 29.30 6.74
C TYR A 222 45.19 30.48 7.65
N ASP A 223 44.39 30.30 8.69
CA ASP A 223 44.20 31.32 9.72
C ASP A 223 45.40 31.27 10.65
N GLU A 224 46.17 32.35 10.70
CA GLU A 224 47.26 32.47 11.66
C GLU A 224 47.35 33.89 12.22
N GLN A 230 38.31 32.78 17.86
CA GLN A 230 38.94 33.96 18.42
C GLN A 230 39.02 35.07 17.38
N SER A 231 39.30 34.68 16.14
CA SER A 231 39.43 35.65 15.06
C SER A 231 38.60 35.25 13.85
N LEU A 232 38.37 33.96 13.67
CA LEU A 232 37.59 33.50 12.53
C LEU A 232 36.43 32.62 12.91
N GLU A 233 36.59 31.76 13.91
CA GLU A 233 35.50 30.89 14.35
C GLU A 233 34.58 31.59 15.35
N LEU A 234 34.89 32.82 15.73
CA LEU A 234 34.13 33.53 16.76
C LEU A 234 33.41 34.75 16.23
N VAL A 235 33.68 35.17 15.00
CA VAL A 235 33.12 36.43 14.50
C VAL A 235 31.64 36.24 14.18
N PRO A 236 30.77 37.14 14.63
CA PRO A 236 29.36 37.06 14.28
C PRO A 236 29.11 37.76 12.94
N ASN A 237 27.85 37.79 12.55
CA ASN A 237 27.40 38.51 11.37
C ASN A 237 26.38 39.57 11.80
N HIS A 238 25.85 40.28 10.82
CA HIS A 238 24.80 41.25 11.12
C HIS A 238 23.43 40.61 11.27
N GLN A 239 23.33 39.30 11.07
CA GLN A 239 22.23 38.52 11.61
C GLN A 239 22.51 38.05 13.03
N GLY A 240 23.76 38.13 13.47
CA GLY A 240 24.13 37.80 14.83
C GLY A 240 24.27 36.31 15.07
N LEU A 241 25.17 35.65 14.35
CA LEU A 241 25.32 34.20 14.48
C LEU A 241 26.78 33.80 14.39
N THR A 242 27.18 32.92 15.30
CA THR A 242 28.42 32.16 15.20
C THR A 242 28.33 31.23 13.99
N PRO A 243 29.46 30.97 13.30
CA PRO A 243 29.44 29.99 12.18
C PRO A 243 28.91 28.61 12.53
N PHE A 244 29.20 28.12 13.74
CA PHE A 244 28.58 26.91 14.27
C PHE A 244 27.05 27.01 14.24
N LYS A 245 26.51 28.11 14.78
CA LYS A 245 25.08 28.27 14.84
C LYS A 245 24.47 28.53 13.47
N LEU A 246 25.21 29.13 12.55
CA LEU A 246 24.69 29.35 11.21
C LEU A 246 24.64 28.05 10.42
N ALA A 247 25.64 27.19 10.61
CA ALA A 247 25.59 25.85 10.03
C ALA A 247 24.44 25.05 10.62
N GLY A 248 24.18 25.23 11.92
CA GLY A 248 23.05 24.57 12.53
C GLY A 248 21.71 25.04 11.98
N VAL A 249 21.54 26.36 11.86
CA VAL A 249 20.28 26.91 11.37
C VAL A 249 20.09 26.68 9.88
N GLU A 250 21.16 26.44 9.14
CA GLU A 250 21.00 26.02 7.75
C GLU A 250 20.63 24.55 7.67
N GLY A 251 21.49 23.67 8.20
CA GLY A 251 21.18 22.26 8.23
C GLY A 251 22.23 21.36 7.60
N ASN A 252 23.44 21.86 7.43
CA ASN A 252 24.50 21.08 6.79
C ASN A 252 25.13 20.15 7.82
N THR A 253 24.65 18.90 7.83
CA THR A 253 25.01 17.97 8.89
C THR A 253 26.46 17.52 8.80
N VAL A 254 26.97 17.35 7.58
CA VAL A 254 28.35 16.90 7.43
C VAL A 254 29.33 18.02 7.79
N MET A 255 28.96 19.28 7.52
CA MET A 255 29.79 20.39 7.97
C MET A 255 29.73 20.54 9.49
N PHE A 256 28.54 20.29 10.06
CA PHE A 256 28.39 20.30 11.51
C PHE A 256 29.27 19.25 12.17
N GLN A 257 29.31 18.04 11.59
CA GLN A 257 30.13 16.99 12.19
C GLN A 257 31.62 17.23 11.96
N HIS A 258 32.00 17.77 10.80
CA HIS A 258 33.41 18.07 10.60
C HIS A 258 33.86 19.29 11.39
N LEU A 259 32.95 20.14 11.85
CA LEU A 259 33.34 21.18 12.78
C LEU A 259 33.35 20.66 14.21
N MET A 260 32.52 19.67 14.51
CA MET A 260 32.52 19.06 15.84
C MET A 260 33.78 18.23 16.05
N GLN A 261 34.26 17.57 15.00
CA GLN A 261 35.36 16.61 15.12
C GLN A 261 36.70 17.27 15.43
N LYS A 262 36.81 18.58 15.31
CA LYS A 262 37.99 19.30 15.79
C LYS A 262 37.91 19.61 17.28
N ARG A 263 36.81 19.27 17.95
CA ARG A 263 36.60 19.55 19.37
C ARG A 263 36.14 18.30 20.09
N LYS A 264 36.81 17.18 19.84
CA LYS A 264 36.40 15.89 20.39
C LYS A 264 37.64 15.16 20.89
N HIS A 265 37.85 15.19 22.21
CA HIS A 265 38.96 14.49 22.83
C HIS A 265 38.53 13.08 23.21
N VAL A 266 39.46 12.13 23.09
CA VAL A 266 39.16 10.71 23.23
C VAL A 266 39.82 10.18 24.49
N GLN A 267 39.05 9.48 25.31
CA GLN A 267 39.54 8.79 26.49
C GLN A 267 39.91 7.35 26.11
N TRP A 268 40.00 6.46 27.10
CA TRP A 268 40.38 5.06 26.91
C TRP A 268 39.47 4.32 25.93
N THR A 269 40.10 3.56 25.03
CA THR A 269 39.43 2.79 23.98
C THR A 269 39.81 1.32 24.15
N CYS A 270 39.06 0.59 24.97
CA CYS A 270 39.34 -0.81 25.24
C CYS A 270 38.57 -1.67 24.26
N GLY A 271 39.22 -2.01 23.15
CA GLY A 271 38.69 -2.96 22.19
C GLY A 271 37.42 -2.53 21.50
N PRO A 272 36.32 -3.21 21.80
CA PRO A 272 35.05 -2.90 21.15
C PRO A 272 34.46 -1.55 21.56
N LEU A 273 34.32 -1.31 22.86
CA LEU A 273 33.63 -0.11 23.31
C LEU A 273 34.60 1.06 23.42
N THR A 274 34.09 2.25 23.16
CA THR A 274 34.90 3.47 23.11
C THR A 274 34.17 4.56 23.86
N SER A 275 34.87 5.17 24.81
CA SER A 275 34.32 6.23 25.65
C SER A 275 34.90 7.56 25.19
N THR A 276 34.09 8.33 24.46
CA THR A 276 34.55 9.59 23.89
C THR A 276 33.92 10.75 24.63
N LEU A 277 34.46 11.94 24.39
CA LEU A 277 34.04 13.16 25.07
C LEU A 277 33.72 14.24 24.06
N TYR A 278 32.71 15.05 24.38
CA TYR A 278 32.32 16.19 23.56
C TYR A 278 32.38 17.46 24.38
N ASP A 279 32.62 18.58 23.71
CA ASP A 279 32.51 19.89 24.31
C ASP A 279 31.10 20.42 24.06
N LEU A 280 30.62 21.23 25.00
CA LEU A 280 29.24 21.71 24.92
C LEU A 280 29.11 23.21 25.17
N THR A 281 30.22 23.95 25.25
CA THR A 281 30.10 25.39 25.45
C THR A 281 29.60 26.12 24.21
N GLU A 282 29.57 25.47 23.05
CA GLU A 282 28.88 25.99 21.89
C GLU A 282 27.43 25.54 21.85
N ILE A 283 27.16 24.30 22.26
CA ILE A 283 25.81 23.76 22.13
C ILE A 283 24.89 24.25 23.24
N ASP A 284 25.45 24.74 24.36
CA ASP A 284 24.66 25.22 25.49
C ASP A 284 25.32 26.49 26.01
N SER A 285 24.84 27.64 25.53
CA SER A 285 25.42 28.90 25.97
C SER A 285 24.90 29.32 27.34
N TRP A 286 23.60 29.13 27.58
CA TRP A 286 22.86 29.37 28.83
C TRP A 286 23.05 30.78 29.40
N GLY A 287 23.53 31.74 28.60
CA GLY A 287 23.64 33.11 29.04
C GLY A 287 23.35 34.10 27.93
N GLU A 288 22.99 33.59 26.75
CA GLU A 288 22.78 34.42 25.57
C GLU A 288 21.30 34.69 25.35
N GLU A 289 21.00 35.39 24.26
CA GLU A 289 19.61 35.64 23.91
C GLU A 289 18.99 34.44 23.22
N LEU A 290 19.69 33.86 22.24
CA LEU A 290 19.19 32.71 21.49
C LEU A 290 20.21 31.60 21.57
N SER A 291 19.87 30.52 22.26
CA SER A 291 20.72 29.34 22.30
C SER A 291 20.74 28.66 20.94
N PHE A 292 21.75 27.82 20.73
CA PHE A 292 21.86 27.07 19.48
C PHE A 292 20.74 26.06 19.35
N LEU A 293 20.42 25.36 20.43
CA LEU A 293 19.33 24.40 20.43
C LEU A 293 17.98 25.07 20.26
N GLU A 294 17.82 26.29 20.79
CA GLU A 294 16.58 27.03 20.59
C GLU A 294 16.47 27.58 19.18
N LEU A 295 17.59 27.99 18.59
CA LEU A 295 17.56 28.57 17.26
C LEU A 295 17.37 27.52 16.19
N VAL A 296 17.92 26.32 16.40
CA VAL A 296 17.91 25.31 15.34
C VAL A 296 16.51 24.74 15.11
N VAL A 297 15.61 24.87 16.08
CA VAL A 297 14.27 24.35 15.91
C VAL A 297 13.33 25.39 15.32
N SER A 298 13.76 26.66 15.25
CA SER A 298 12.88 27.75 14.89
C SER A 298 13.05 28.21 13.44
N SER A 299 13.78 27.46 12.62
CA SER A 299 13.94 27.88 11.24
C SER A 299 12.74 27.50 10.40
N LYS A 300 12.54 28.25 9.33
CA LYS A 300 11.49 27.94 8.36
C LYS A 300 11.93 26.87 7.38
N LYS A 301 13.21 26.54 7.34
CA LYS A 301 13.68 25.51 6.43
C LYS A 301 13.25 24.13 6.92
N ARG A 302 12.93 23.25 5.98
CA ARG A 302 12.45 21.91 6.28
C ARG A 302 13.57 20.88 6.34
N GLU A 303 14.79 21.31 6.64
CA GLU A 303 15.91 20.40 6.83
C GLU A 303 16.57 20.55 8.18
N ALA A 304 16.12 21.51 8.99
CA ALA A 304 16.72 21.69 10.31
C ALA A 304 16.33 20.58 11.26
N ARG A 305 15.21 19.91 11.00
CA ARG A 305 14.73 18.87 11.89
C ARG A 305 15.58 17.62 11.84
N GLN A 306 16.29 17.37 10.72
CA GLN A 306 17.08 16.16 10.61
C GLN A 306 18.39 16.25 11.37
N ILE A 307 18.75 17.44 11.87
CA ILE A 307 20.01 17.59 12.61
C ILE A 307 19.93 16.96 14.01
N LEU A 308 18.73 16.65 14.50
CA LEU A 308 18.58 16.23 15.88
C LEU A 308 18.88 14.75 16.09
N GLU A 309 18.98 13.97 15.02
CA GLU A 309 19.36 12.56 15.16
C GLU A 309 20.87 12.36 15.11
N GLN A 310 21.64 13.42 14.89
CA GLN A 310 23.08 13.34 15.08
C GLN A 310 23.39 13.20 16.57
N THR A 311 24.42 12.41 16.88
CA THR A 311 24.74 12.03 18.26
C THR A 311 24.95 13.16 19.28
N PRO A 312 25.78 14.20 19.04
CA PRO A 312 26.21 15.04 20.17
C PRO A 312 25.15 16.00 20.67
N VAL A 313 23.98 16.06 20.04
CA VAL A 313 22.86 16.83 20.58
C VAL A 313 21.78 15.84 21.00
N LYS A 314 21.75 14.66 20.36
CA LYS A 314 20.70 13.70 20.63
C LYS A 314 20.86 13.07 22.01
N GLU A 315 22.11 12.73 22.38
CA GLU A 315 22.34 12.18 23.71
C GLU A 315 21.98 13.16 24.81
N LEU A 316 22.28 14.44 24.60
CA LEU A 316 21.97 15.47 25.59
C LEU A 316 20.47 15.68 25.73
N VAL A 317 19.75 15.76 24.60
CA VAL A 317 18.32 15.99 24.73
C VAL A 317 17.60 14.74 25.23
N SER A 318 18.13 13.55 24.96
CA SER A 318 17.50 12.36 25.51
C SER A 318 17.78 12.22 27.01
N PHE A 319 18.95 12.64 27.47
CA PHE A 319 19.22 12.68 28.90
C PHE A 319 18.29 13.67 29.60
N LYS A 320 18.09 14.84 28.99
CA LYS A 320 17.20 15.84 29.59
C LYS A 320 15.75 15.36 29.61
N TRP A 321 15.29 14.73 28.53
CA TRP A 321 13.92 14.25 28.49
C TRP A 321 13.71 13.02 29.38
N LYS A 322 14.75 12.22 29.61
CA LYS A 322 14.59 11.07 30.48
C LYS A 322 14.65 11.46 31.95
N LYS A 323 15.40 12.52 32.30
CA LYS A 323 15.45 12.91 33.70
C LYS A 323 14.41 13.96 34.06
N TYR A 324 14.48 15.13 33.44
CA TYR A 324 13.72 16.29 33.92
C TYR A 324 12.79 16.88 32.87
N GLY A 325 12.54 16.16 31.79
CA GLY A 325 11.53 16.62 30.85
C GLY A 325 10.13 16.29 31.31
N ARG A 326 9.82 15.00 31.38
CA ARG A 326 8.49 14.55 31.78
C ARG A 326 8.11 14.88 33.23
N PRO A 327 8.98 14.75 34.28
CA PRO A 327 8.47 15.02 35.64
C PRO A 327 8.22 16.49 35.98
N TYR A 328 8.29 17.39 35.01
CA TYR A 328 7.71 18.72 35.13
C TYR A 328 6.51 18.91 34.22
N PHE A 329 6.61 18.39 32.99
CA PHE A 329 5.54 18.53 32.00
C PHE A 329 4.28 17.81 32.45
N CYS A 330 4.42 16.59 32.98
CA CYS A 330 3.25 15.79 33.34
C CYS A 330 2.54 16.39 34.55
N VAL A 331 3.28 16.92 35.52
CA VAL A 331 2.61 17.49 36.68
C VAL A 331 1.98 18.84 36.33
N LEU A 332 2.60 19.62 35.43
CA LEU A 332 1.93 20.83 34.96
C LEU A 332 0.69 20.50 34.14
N ALA A 333 0.71 19.39 33.38
CA ALA A 333 -0.46 18.97 32.64
C ALA A 333 -1.57 18.49 33.58
N SER A 334 -1.21 17.81 34.66
CA SER A 334 -2.21 17.39 35.63
C SER A 334 -2.85 18.59 36.33
N LEU A 335 -2.05 19.61 36.65
CA LEU A 335 -2.62 20.81 37.25
C LEU A 335 -3.49 21.59 36.25
N TYR A 336 -3.14 21.58 34.97
CA TYR A 336 -4.00 22.22 33.97
C TYR A 336 -5.30 21.45 33.79
N ILE A 337 -5.24 20.12 33.86
CA ILE A 337 -6.44 19.29 33.84
C ILE A 337 -7.35 19.62 35.01
N LEU A 338 -6.76 19.79 36.21
CA LEU A 338 -7.55 20.13 37.39
C LEU A 338 -8.15 21.53 37.26
N TYR A 339 -7.40 22.48 36.71
CA TYR A 339 -7.92 23.82 36.49
C TYR A 339 -9.06 23.84 35.50
N MET A 340 -8.95 23.08 34.41
CA MET A 340 -9.99 23.06 33.40
C MET A 340 -11.24 22.34 33.91
N ILE A 341 -11.07 21.28 34.70
CA ILE A 341 -12.25 20.62 35.23
C ILE A 341 -12.90 21.46 36.33
N CYS A 342 -12.10 22.28 37.03
CA CYS A 342 -12.68 23.22 37.99
C CYS A 342 -13.47 24.31 37.27
N PHE A 343 -12.96 24.77 36.12
CA PHE A 343 -13.68 25.75 35.32
C PHE A 343 -14.99 25.18 34.80
N THR A 344 -14.98 23.94 34.32
CA THR A 344 -16.23 23.40 33.78
C THR A 344 -17.23 23.06 34.87
N THR A 345 -16.78 22.63 36.06
CA THR A 345 -17.74 22.38 37.13
C THR A 345 -18.16 23.68 37.82
N CYS A 346 -17.46 24.78 37.58
CA CYS A 346 -17.95 26.06 38.03
C CYS A 346 -18.95 26.65 37.03
N CYS A 347 -18.69 26.46 35.74
CA CYS A 347 -19.59 27.00 34.73
C CYS A 347 -20.87 26.20 34.60
N ILE A 348 -20.87 24.93 35.00
CA ILE A 348 -22.09 24.13 34.92
C ILE A 348 -23.15 24.59 35.92
N TYR A 349 -22.77 25.33 36.95
CA TYR A 349 -23.73 25.87 37.91
C TYR A 349 -24.09 27.31 37.55
N ARG A 350 -24.60 27.50 36.36
CA ARG A 350 -25.04 28.83 35.94
C ARG A 350 -26.33 29.19 36.67
N PRO A 351 -26.44 30.40 37.23
CA PRO A 351 -27.65 30.75 38.00
C PRO A 351 -28.86 30.91 37.10
N LEU A 352 -30.02 30.99 37.75
CA LEU A 352 -31.29 30.88 37.04
C LEU A 352 -32.28 31.93 37.50
N LYS A 353 -33.26 32.18 36.64
CA LYS A 353 -34.47 32.91 36.96
C LYS A 353 -35.56 32.38 36.05
N LEU A 354 -36.78 32.25 36.58
CA LEU A 354 -37.87 31.70 35.81
C LEU A 354 -38.39 32.71 34.78
N ARG A 355 -39.32 32.28 33.95
CA ARG A 355 -39.81 33.13 32.88
C ARG A 355 -40.73 34.22 33.43
N ASP A 356 -40.73 35.37 32.75
CA ASP A 356 -41.52 36.53 33.15
C ASP A 356 -42.61 36.88 32.14
N ASP A 357 -42.29 36.91 30.86
CA ASP A 357 -43.27 37.12 29.81
C ASP A 357 -43.81 35.77 29.34
N ASN A 358 -45.08 35.76 28.93
CA ASN A 358 -45.72 34.51 28.53
C ASN A 358 -45.25 34.09 27.14
N ARG A 359 -45.67 32.89 26.73
CA ARG A 359 -45.22 32.29 25.48
C ARG A 359 -46.38 32.02 24.54
N THR A 360 -47.24 33.02 24.32
CA THR A 360 -48.45 32.86 23.50
C THR A 360 -48.13 32.88 22.00
N ASP A 361 -47.24 31.99 21.61
CA ASP A 361 -46.83 31.65 20.25
C ASP A 361 -46.17 30.29 20.38
N PRO A 362 -46.60 29.28 19.59
CA PRO A 362 -46.34 27.88 19.97
C PRO A 362 -44.88 27.45 19.85
N ARG A 363 -44.01 28.28 19.31
CA ARG A 363 -42.59 27.95 19.19
C ARG A 363 -41.74 28.86 20.06
N ASP A 364 -42.19 29.11 21.28
CA ASP A 364 -41.45 29.93 22.24
C ASP A 364 -41.11 29.02 23.41
N ILE A 365 -39.96 28.35 23.33
CA ILE A 365 -39.47 27.57 24.46
C ILE A 365 -38.22 28.25 25.00
N THR A 366 -38.40 29.13 25.98
CA THR A 366 -37.31 29.76 26.72
C THR A 366 -37.73 29.72 28.19
N ILE A 367 -37.42 28.61 28.86
CA ILE A 367 -37.96 28.36 30.19
C ILE A 367 -37.08 28.91 31.31
N LEU A 368 -35.88 29.40 31.00
CA LEU A 368 -35.03 30.06 31.98
C LEU A 368 -34.58 31.42 31.46
N GLN A 369 -33.91 32.15 32.34
CA GLN A 369 -33.32 33.44 32.03
C GLN A 369 -32.21 33.69 33.05
N GLN A 370 -31.29 34.58 32.70
CA GLN A 370 -30.18 34.91 33.59
C GLN A 370 -30.58 36.08 34.49
N LYS A 371 -30.49 35.88 35.80
CA LYS A 371 -30.97 36.86 36.76
C LYS A 371 -29.94 37.97 36.95
N LEU A 372 -30.26 38.90 37.85
CA LEU A 372 -29.46 40.10 38.05
C LEU A 372 -28.19 39.78 38.85
N LEU A 373 -27.30 40.77 38.93
CA LEU A 373 -26.02 40.59 39.61
C LEU A 373 -26.15 40.56 41.12
N GLN A 374 -27.28 41.02 41.66
CA GLN A 374 -27.43 41.16 43.10
C GLN A 374 -27.63 39.83 43.83
N GLU A 375 -28.01 38.78 43.10
CA GLU A 375 -28.38 37.52 43.73
C GLU A 375 -27.31 36.45 43.59
N ALA A 376 -26.16 36.76 42.99
CA ALA A 376 -25.09 35.78 42.91
C ALA A 376 -24.42 35.58 44.27
N TYR A 377 -24.45 36.60 45.12
CA TYR A 377 -23.93 36.51 46.47
C TYR A 377 -25.04 36.44 47.52
N VAL A 378 -26.27 36.17 47.10
CA VAL A 378 -27.37 36.04 48.05
C VAL A 378 -27.37 34.66 48.70
N THR A 379 -27.16 33.62 47.90
CA THR A 379 -27.15 32.26 48.41
C THR A 379 -25.77 31.90 48.94
N HIS A 380 -25.73 31.17 50.05
CA HIS A 380 -24.49 30.73 50.66
C HIS A 380 -23.95 29.45 50.05
N GLN A 381 -24.67 28.85 49.09
CA GLN A 381 -24.19 27.70 48.35
C GLN A 381 -23.57 28.09 47.01
N ASP A 382 -23.09 29.34 46.90
CA ASP A 382 -22.47 29.81 45.68
C ASP A 382 -21.21 30.63 45.94
N ASN A 383 -20.77 30.76 47.20
CA ASN A 383 -19.52 31.47 47.46
C ASN A 383 -18.33 30.71 46.89
N ILE A 384 -18.35 29.38 47.00
CA ILE A 384 -17.29 28.60 46.38
C ILE A 384 -17.43 28.60 44.85
N ARG A 385 -18.64 28.84 44.33
CA ARG A 385 -18.80 28.99 42.89
C ARG A 385 -18.19 30.30 42.40
N LEU A 386 -18.36 31.37 43.17
CA LEU A 386 -17.68 32.62 42.85
C LEU A 386 -16.17 32.50 43.03
N VAL A 387 -15.72 31.68 43.97
CA VAL A 387 -14.29 31.36 44.11
C VAL A 387 -13.78 30.64 42.86
N GLY A 388 -14.58 29.73 42.32
CA GLY A 388 -14.22 29.06 41.09
C GLY A 388 -14.17 30.00 39.88
N GLU A 389 -15.12 30.94 39.82
CA GLU A 389 -15.07 31.97 38.78
C GLU A 389 -13.84 32.85 38.92
N LEU A 390 -13.45 33.15 40.16
CA LEU A 390 -12.24 33.92 40.42
C LEU A 390 -11.00 33.16 39.98
N VAL A 391 -10.94 31.85 40.25
CA VAL A 391 -9.75 31.11 39.86
C VAL A 391 -9.70 30.92 38.34
N THR A 392 -10.88 30.87 37.69
CA THR A 392 -10.92 30.84 36.23
C THR A 392 -10.35 32.13 35.63
N VAL A 393 -10.80 33.28 36.14
CA VAL A 393 -10.33 34.55 35.58
C VAL A 393 -8.88 34.81 35.97
N THR A 394 -8.42 34.27 37.11
CA THR A 394 -7.01 34.42 37.47
C THR A 394 -6.13 33.56 36.59
N GLY A 395 -6.59 32.35 36.24
CA GLY A 395 -5.85 31.52 35.30
C GLY A 395 -5.79 32.13 33.92
N ALA A 396 -6.88 32.76 33.49
CA ALA A 396 -6.87 33.44 32.19
C ALA A 396 -5.91 34.63 32.18
N VAL A 397 -5.89 35.41 33.27
CA VAL A 397 -4.99 36.55 33.36
C VAL A 397 -3.53 36.08 33.41
N ILE A 398 -3.26 34.99 34.14
CA ILE A 398 -1.88 34.54 34.25
C ILE A 398 -1.42 33.86 32.96
N ILE A 399 -2.32 33.25 32.20
CA ILE A 399 -1.87 32.65 30.95
C ILE A 399 -1.68 33.72 29.88
N LEU A 400 -2.46 34.81 29.94
CA LEU A 400 -2.22 35.95 29.06
C LEU A 400 -0.90 36.64 29.41
N LEU A 401 -0.61 36.80 30.70
CA LEU A 401 0.62 37.44 31.12
C LEU A 401 1.84 36.57 30.85
N LEU A 402 1.66 35.26 30.81
CA LEU A 402 2.77 34.40 30.39
C LEU A 402 2.99 34.47 28.88
N GLU A 403 1.92 34.41 28.08
CA GLU A 403 2.09 34.30 26.64
C GLU A 403 2.29 35.64 25.94
N ILE A 404 2.12 36.77 26.64
CA ILE A 404 2.38 38.06 26.00
C ILE A 404 3.85 38.28 25.64
N PRO A 405 4.85 37.96 26.47
CA PRO A 405 6.23 38.05 25.97
C PRO A 405 6.62 36.91 25.06
N ASP A 406 5.82 35.83 25.00
CA ASP A 406 6.11 34.72 24.11
C ASP A 406 5.68 34.97 22.67
N ILE A 407 5.23 36.17 22.34
CA ILE A 407 4.81 36.50 20.98
C ILE A 407 5.89 37.23 20.21
N PHE A 408 6.93 37.74 20.88
CA PHE A 408 7.95 38.55 20.23
C PHE A 408 9.35 37.96 20.35
N ARG A 409 9.45 36.67 20.71
CA ARG A 409 10.77 36.06 20.82
C ARG A 409 11.35 35.78 19.44
N VAL A 410 10.68 34.92 18.67
CA VAL A 410 11.01 34.69 17.27
C VAL A 410 9.74 35.16 16.56
N GLY A 411 9.69 35.09 15.23
CA GLY A 411 8.69 35.79 14.46
C GLY A 411 7.26 35.31 14.67
N ALA A 412 6.34 36.12 14.13
CA ALA A 412 4.92 35.85 14.27
C ALA A 412 4.53 34.57 13.55
N SER A 413 4.98 34.41 12.31
CA SER A 413 4.73 33.14 11.61
C SER A 413 5.64 32.03 12.10
N ARG A 414 6.73 32.37 12.79
CA ARG A 414 7.54 31.34 13.45
C ARG A 414 6.84 30.81 14.70
N TYR A 415 5.92 31.57 15.27
CA TYR A 415 5.20 31.15 16.45
C TYR A 415 3.76 30.72 16.17
N PHE A 416 3.20 31.07 15.00
CA PHE A 416 1.81 30.76 14.70
C PHE A 416 1.61 29.56 13.80
N GLY A 417 2.59 29.17 13.00
CA GLY A 417 2.33 28.16 11.99
C GLY A 417 3.32 27.03 12.01
N GLN A 418 4.36 27.17 12.81
CA GLN A 418 5.36 26.10 12.92
C GLN A 418 4.77 25.01 13.79
N THR A 419 4.47 23.86 13.16
CA THR A 419 3.93 22.71 13.87
C THR A 419 4.91 22.14 14.87
N ILE A 420 6.20 22.43 14.73
CA ILE A 420 7.17 22.02 15.74
C ILE A 420 6.93 22.76 17.05
N LEU A 421 6.79 24.08 16.98
CA LEU A 421 6.60 24.84 18.20
C LEU A 421 5.16 24.82 18.70
N GLY A 422 4.19 24.56 17.83
CA GLY A 422 2.82 24.45 18.30
C GLY A 422 1.98 25.70 18.16
N GLY A 423 1.99 26.28 16.96
CA GLY A 423 1.21 27.46 16.64
C GLY A 423 -0.30 27.36 16.79
N PRO A 424 -0.93 26.39 16.15
CA PRO A 424 -2.37 26.19 16.31
C PRO A 424 -2.79 25.64 17.68
N PHE A 425 -1.89 25.51 18.64
CA PHE A 425 -2.29 25.44 20.03
C PHE A 425 -2.15 26.78 20.74
N HIS A 426 -1.14 27.57 20.36
CA HIS A 426 -0.95 28.89 20.97
C HIS A 426 -2.09 29.83 20.63
N VAL A 427 -2.59 29.78 19.40
CA VAL A 427 -3.63 30.73 19.01
C VAL A 427 -4.95 30.37 19.67
N ILE A 428 -5.24 29.08 19.85
CA ILE A 428 -6.49 28.75 20.51
C ILE A 428 -6.38 28.97 22.01
N ILE A 429 -5.18 28.86 22.60
CA ILE A 429 -5.02 29.19 24.01
C ILE A 429 -5.23 30.68 24.25
N ILE A 430 -4.65 31.53 23.40
CA ILE A 430 -4.81 32.97 23.62
C ILE A 430 -6.24 33.43 23.27
N THR A 431 -6.91 32.75 22.32
CA THR A 431 -8.29 33.07 22.03
C THR A 431 -9.21 32.66 23.18
N TYR A 432 -8.95 31.51 23.80
CA TYR A 432 -9.70 31.08 24.96
C TYR A 432 -9.53 32.05 26.13
N ALA A 433 -8.30 32.53 26.33
CA ALA A 433 -8.04 33.47 27.41
C ALA A 433 -8.77 34.80 27.19
N SER A 434 -8.70 35.32 25.95
CA SER A 434 -9.34 36.60 25.66
C SER A 434 -10.86 36.49 25.72
N LEU A 435 -11.41 35.35 25.32
CA LEU A 435 -12.87 35.22 25.35
C LEU A 435 -13.38 34.98 26.76
N VAL A 436 -12.61 34.31 27.61
CA VAL A 436 -12.99 34.19 29.02
C VAL A 436 -12.93 35.56 29.69
N LEU A 437 -11.93 36.39 29.33
CA LEU A 437 -11.87 37.75 29.86
C LEU A 437 -13.07 38.58 29.43
N LEU A 438 -13.48 38.46 28.16
CA LEU A 438 -14.64 39.20 27.66
C LEU A 438 -15.92 38.74 28.33
N THR A 439 -16.11 37.44 28.51
CA THR A 439 -17.34 37.00 29.14
C THR A 439 -17.35 37.27 30.64
N MET A 440 -16.18 37.38 31.28
CA MET A 440 -16.16 37.75 32.69
C MET A 440 -16.49 39.23 32.88
N VAL A 441 -15.98 40.09 31.99
CA VAL A 441 -16.35 41.50 32.12
C VAL A 441 -17.81 41.71 31.69
N MET A 442 -18.35 40.85 30.82
CA MET A 442 -19.78 40.92 30.51
C MET A 442 -20.63 40.48 31.70
N ARG A 443 -20.18 39.46 32.43
CA ARG A 443 -20.87 39.04 33.65
C ARG A 443 -20.82 40.15 34.71
N LEU A 444 -19.68 40.81 34.85
CA LEU A 444 -19.56 41.90 35.81
C LEU A 444 -20.34 43.14 35.39
N THR A 445 -20.61 43.32 34.09
CA THR A 445 -21.43 44.42 33.63
C THR A 445 -22.92 44.07 33.62
N ASN A 446 -23.26 42.78 33.70
CA ASN A 446 -24.63 42.26 33.82
C ASN A 446 -25.49 42.67 32.62
N MET A 447 -25.12 42.12 31.47
CA MET A 447 -25.92 42.20 30.26
C MET A 447 -26.52 40.84 29.93
N ASN A 448 -27.60 40.87 29.14
CA ASN A 448 -28.28 39.64 28.79
C ASN A 448 -27.53 38.90 27.69
N GLY A 449 -27.82 37.60 27.59
CA GLY A 449 -27.24 36.76 26.56
C GLY A 449 -25.76 36.52 26.73
N GLU A 450 -25.39 35.85 27.82
CA GLU A 450 -23.99 35.61 28.12
C GLU A 450 -23.48 34.26 27.63
N VAL A 451 -24.37 33.35 27.23
CA VAL A 451 -23.97 31.98 26.93
C VAL A 451 -23.24 31.86 25.60
N VAL A 452 -23.37 32.86 24.73
CA VAL A 452 -22.82 32.84 23.38
C VAL A 452 -21.29 32.85 23.42
N PRO A 453 -20.61 33.67 24.24
CA PRO A 453 -19.18 33.38 24.45
C PRO A 453 -18.90 32.23 25.39
N LEU A 454 -19.84 31.86 26.29
CA LEU A 454 -19.54 30.84 27.30
C LEU A 454 -19.33 29.47 26.68
N SER A 455 -20.26 29.01 25.84
CA SER A 455 -20.12 27.69 25.23
C SER A 455 -18.93 27.63 24.29
N PHE A 456 -18.67 28.73 23.58
CA PHE A 456 -17.57 28.78 22.64
C PHE A 456 -16.23 28.74 23.35
N ALA A 457 -16.08 29.53 24.43
CA ALA A 457 -14.87 29.49 25.22
C ALA A 457 -14.71 28.16 25.94
N LEU A 458 -15.81 27.53 26.32
CA LEU A 458 -15.72 26.25 27.02
C LEU A 458 -15.21 25.15 26.10
N VAL A 459 -15.73 25.08 24.88
CA VAL A 459 -15.24 24.04 23.96
C VAL A 459 -13.82 24.36 23.51
N LEU A 460 -13.45 25.64 23.40
CA LEU A 460 -12.07 25.97 23.04
C LEU A 460 -11.08 25.62 24.15
N GLY A 461 -11.42 25.94 25.40
CA GLY A 461 -10.55 25.60 26.51
C GLY A 461 -10.48 24.11 26.75
N TRP A 462 -11.52 23.36 26.42
CA TRP A 462 -11.40 21.92 26.61
C TRP A 462 -10.65 21.26 25.46
N CYS A 463 -10.74 21.77 24.24
CA CYS A 463 -9.84 21.25 23.21
C CYS A 463 -8.42 21.76 23.35
N SER A 464 -8.18 22.76 24.21
CA SER A 464 -6.82 23.16 24.54
C SER A 464 -6.00 22.10 25.27
N VAL A 465 -6.63 21.04 25.79
CA VAL A 465 -5.88 19.97 26.44
C VAL A 465 -5.02 19.21 25.42
N MET A 466 -5.44 19.18 24.15
CA MET A 466 -4.80 18.41 23.09
C MET A 466 -3.37 18.86 22.80
N TYR A 467 -2.94 20.03 23.28
CA TYR A 467 -1.53 20.39 23.23
C TYR A 467 -0.68 19.47 24.07
N PHE A 468 -1.23 18.94 25.17
CA PHE A 468 -0.46 18.14 26.11
C PHE A 468 -0.30 16.70 25.70
N ALA A 469 -0.44 16.39 24.42
CA ALA A 469 -0.20 15.04 23.93
C ALA A 469 1.18 14.92 23.30
N ARG A 470 2.16 15.64 23.84
CA ARG A 470 3.53 15.49 23.38
C ARG A 470 4.36 14.63 24.31
N GLY A 471 3.89 14.36 25.52
CA GLY A 471 4.67 13.61 26.48
C GLY A 471 4.21 12.17 26.60
N PHE A 472 3.64 11.64 25.52
CA PHE A 472 3.18 10.26 25.49
C PHE A 472 3.62 9.65 24.17
N GLN A 473 4.28 8.50 24.23
CA GLN A 473 4.74 7.84 23.00
C GLN A 473 3.57 7.33 22.18
N MET A 474 2.45 6.99 22.83
CA MET A 474 1.26 6.61 22.10
C MET A 474 0.55 7.83 21.51
N LEU A 475 0.44 8.91 22.29
CA LEU A 475 -0.34 10.05 21.87
C LEU A 475 0.45 11.06 21.06
N GLY A 476 1.71 10.79 20.78
CA GLY A 476 2.51 11.67 19.95
C GLY A 476 2.08 11.80 18.50
N PRO A 477 2.25 10.74 17.71
CA PRO A 477 2.08 10.90 16.25
C PRO A 477 0.63 11.08 15.83
N PHE A 478 -0.32 10.68 16.66
CA PHE A 478 -1.73 10.73 16.27
C PHE A 478 -2.24 12.17 16.18
N THR A 479 -1.88 13.01 17.14
CA THR A 479 -2.27 14.41 17.08
C THR A 479 -1.54 15.16 15.98
N ILE A 480 -0.30 14.78 15.70
CA ILE A 480 0.43 15.44 14.62
C ILE A 480 -0.15 15.02 13.27
N MET A 481 -0.64 13.78 13.20
CA MET A 481 -1.36 13.33 12.01
C MET A 481 -2.63 14.12 11.81
N ILE A 482 -3.40 14.38 12.88
CA ILE A 482 -4.65 15.13 12.70
C ILE A 482 -4.37 16.60 12.38
N GLN A 483 -3.25 17.14 12.89
CA GLN A 483 -2.87 18.52 12.58
C GLN A 483 -2.41 18.65 11.15
N LYS A 484 -1.69 17.65 10.64
CA LYS A 484 -1.38 17.63 9.22
C LYS A 484 -2.63 17.42 8.37
N MET A 485 -3.55 16.57 8.84
CA MET A 485 -4.63 16.09 8.01
C MET A 485 -5.70 17.13 7.76
N ILE A 486 -5.98 17.99 8.76
CA ILE A 486 -6.98 19.04 8.58
C ILE A 486 -6.60 19.93 7.40
N PHE A 487 -5.48 20.63 7.51
CA PHE A 487 -5.03 21.53 6.46
C PHE A 487 -4.41 20.80 5.27
N GLY A 488 -4.31 19.48 5.29
CA GLY A 488 -3.98 18.79 4.07
C GLY A 488 -5.18 18.49 3.20
N ASP A 489 -6.24 17.90 3.77
CA ASP A 489 -7.32 17.39 2.95
C ASP A 489 -8.72 17.76 3.40
N LEU A 490 -8.94 18.11 4.68
CA LEU A 490 -10.30 18.41 5.09
C LEU A 490 -10.74 19.75 4.53
N MET A 491 -9.78 20.64 4.30
CA MET A 491 -10.03 21.89 3.58
C MET A 491 -10.56 21.63 2.18
N ARG A 492 -9.91 20.72 1.45
CA ARG A 492 -10.35 20.37 0.10
C ARG A 492 -11.72 19.72 0.10
N PHE A 493 -11.95 18.82 1.06
CA PHE A 493 -13.23 18.13 1.10
C PHE A 493 -14.37 19.07 1.48
N CYS A 494 -14.12 20.02 2.38
CA CYS A 494 -15.15 21.00 2.71
C CYS A 494 -15.40 21.96 1.55
N TRP A 495 -14.34 22.37 0.85
CA TRP A 495 -14.49 23.28 -0.28
C TRP A 495 -15.22 22.63 -1.44
N LEU A 496 -15.12 21.31 -1.58
CA LEU A 496 -15.90 20.67 -2.63
C LEU A 496 -17.27 20.23 -2.15
N MET A 497 -17.46 20.03 -0.84
CA MET A 497 -18.77 19.68 -0.33
C MET A 497 -19.72 20.86 -0.29
N ALA A 498 -19.17 22.08 -0.13
CA ALA A 498 -20.00 23.25 0.08
C ALA A 498 -20.86 23.57 -1.15
N VAL A 499 -20.29 23.44 -2.34
CA VAL A 499 -21.02 23.80 -3.55
C VAL A 499 -22.14 22.80 -3.84
N VAL A 500 -21.87 21.51 -3.61
CA VAL A 500 -22.89 20.47 -3.81
C VAL A 500 -24.01 20.63 -2.81
N ILE A 501 -23.68 20.97 -1.55
CA ILE A 501 -24.73 21.08 -0.55
C ILE A 501 -25.54 22.36 -0.77
N LEU A 502 -24.90 23.42 -1.28
CA LEU A 502 -25.62 24.65 -1.54
C LEU A 502 -26.53 24.52 -2.74
N GLY A 503 -26.16 23.66 -3.70
CA GLY A 503 -27.09 23.36 -4.78
C GLY A 503 -28.27 22.53 -4.32
N PHE A 504 -27.99 21.44 -3.60
CA PHE A 504 -29.04 20.48 -3.30
C PHE A 504 -30.03 21.01 -2.28
N ALA A 505 -29.59 21.88 -1.37
CA ALA A 505 -30.53 22.47 -0.41
C ALA A 505 -31.52 23.39 -1.11
N SER A 506 -31.05 24.20 -2.04
CA SER A 506 -31.93 25.07 -2.81
C SER A 506 -32.88 24.27 -3.68
N ALA A 507 -32.39 23.15 -4.22
CA ALA A 507 -33.25 22.27 -5.01
C ALA A 507 -34.39 21.68 -4.17
N PHE A 508 -34.04 21.18 -2.98
CA PHE A 508 -35.06 20.59 -2.11
C PHE A 508 -36.05 21.64 -1.61
N HIS A 509 -35.56 22.86 -1.35
CA HIS A 509 -36.47 23.90 -0.84
C HIS A 509 -37.42 24.38 -1.93
N ILE A 510 -36.95 24.44 -3.19
CA ILE A 510 -37.82 24.79 -4.29
C ILE A 510 -38.88 23.71 -4.50
N THR A 511 -38.47 22.44 -4.36
CA THR A 511 -39.46 21.37 -4.55
C THR A 511 -40.41 21.23 -3.37
N PHE A 512 -40.06 21.74 -2.19
CA PHE A 512 -40.94 21.60 -1.04
C PHE A 512 -41.59 22.89 -0.57
N GLN A 513 -41.38 24.02 -1.25
CA GLN A 513 -42.15 25.20 -0.90
C GLN A 513 -43.62 25.11 -1.30
N THR A 514 -43.99 24.15 -2.14
CA THR A 514 -45.39 23.89 -2.44
C THR A 514 -45.99 22.86 -1.50
N GLU A 515 -45.35 22.58 -0.38
CA GLU A 515 -45.76 21.51 0.51
C GLU A 515 -45.99 22.07 1.91
N ASP A 516 -47.02 21.57 2.58
CA ASP A 516 -47.35 22.07 3.91
C ASP A 516 -46.39 21.49 4.94
N PRO A 517 -45.83 22.31 5.82
CA PRO A 517 -44.80 21.84 6.75
C PRO A 517 -45.32 21.22 8.04
N ASN A 518 -46.64 21.19 8.27
CA ASN A 518 -47.14 20.64 9.52
C ASN A 518 -47.12 19.12 9.57
N ASN A 519 -46.93 18.46 8.43
CA ASN A 519 -46.76 17.02 8.36
C ASN A 519 -45.35 16.61 7.98
N LEU A 520 -44.86 17.10 6.84
CA LEU A 520 -43.46 16.97 6.48
C LEU A 520 -42.72 18.13 7.12
N GLY A 521 -42.13 17.87 8.27
CA GLY A 521 -41.54 18.93 9.08
C GLY A 521 -40.28 19.54 8.49
N GLU A 522 -39.45 18.69 7.87
CA GLU A 522 -38.17 19.13 7.33
C GLU A 522 -38.38 20.07 6.15
N PHE A 523 -37.34 20.87 5.87
CA PHE A 523 -37.30 21.86 4.80
C PHE A 523 -38.45 22.86 4.92
N SER A 524 -38.68 23.36 6.13
CA SER A 524 -39.71 24.38 6.32
C SER A 524 -39.26 25.71 5.72
N ASP A 525 -38.15 26.24 6.21
CA ASP A 525 -37.54 27.44 5.64
C ASP A 525 -36.16 27.09 5.12
N TYR A 526 -35.56 28.06 4.43
CA TYR A 526 -34.30 27.80 3.73
C TYR A 526 -33.09 27.47 4.61
N PRO A 527 -32.83 28.13 5.76
CA PRO A 527 -31.66 27.72 6.54
C PRO A 527 -31.78 26.35 7.17
N THR A 528 -32.96 25.97 7.67
CA THR A 528 -33.07 24.62 8.21
C THR A 528 -33.09 23.58 7.10
N ALA A 529 -33.47 23.97 5.88
CA ALA A 529 -33.32 23.08 4.74
C ALA A 529 -31.85 22.85 4.41
N LEU A 530 -31.05 23.93 4.49
CA LEU A 530 -29.61 23.82 4.32
C LEU A 530 -29.00 22.89 5.36
N PHE A 531 -29.43 23.05 6.62
CA PHE A 531 -28.90 22.22 7.69
C PHE A 531 -29.33 20.77 7.55
N SER A 532 -30.58 20.53 7.12
CA SER A 532 -31.05 19.16 6.94
C SER A 532 -30.34 18.49 5.78
N THR A 533 -30.01 19.23 4.73
CA THR A 533 -29.23 18.64 3.64
C THR A 533 -27.81 18.34 4.08
N PHE A 534 -27.23 19.20 4.92
CA PHE A 534 -25.91 18.92 5.48
C PHE A 534 -25.92 17.65 6.33
N GLU A 535 -26.98 17.47 7.12
CA GLU A 535 -27.08 16.28 7.95
C GLU A 535 -27.31 15.04 7.10
N LEU A 536 -28.12 15.16 6.04
CA LEU A 536 -28.34 14.00 5.16
C LEU A 536 -27.10 13.67 4.35
N PHE A 537 -26.25 14.66 4.10
CA PHE A 537 -24.93 14.39 3.54
C PHE A 537 -24.10 13.56 4.49
N LEU A 538 -23.97 14.02 5.74
CA LEU A 538 -23.12 13.30 6.67
C LEU A 538 -23.80 12.11 7.34
N THR A 539 -25.00 11.75 6.88
CA THR A 539 -25.84 10.61 7.32
C THR A 539 -25.89 10.43 8.84
N ILE A 540 -26.45 11.43 9.51
CA ILE A 540 -26.85 11.27 10.90
C ILE A 540 -28.37 11.14 10.94
N ILE A 541 -29.08 12.14 10.43
CA ILE A 541 -30.54 12.10 10.41
C ILE A 541 -30.99 11.08 9.36
N ASP A 542 -32.15 10.49 9.60
CA ASP A 542 -32.76 9.64 8.59
C ASP A 542 -33.41 10.49 7.51
N GLY A 543 -33.78 9.83 6.42
CA GLY A 543 -34.40 10.50 5.30
C GLY A 543 -35.81 10.94 5.64
N PRO A 544 -36.17 12.16 5.25
CA PRO A 544 -37.48 12.70 5.62
C PRO A 544 -38.62 12.02 4.89
N ALA A 545 -39.31 11.13 5.58
CA ALA A 545 -40.37 10.33 4.98
C ALA A 545 -41.53 10.21 5.94
N ASN A 546 -42.73 10.52 5.45
CA ASN A 546 -43.96 10.26 6.18
C ASN A 546 -44.78 9.30 5.35
N TYR A 547 -45.29 8.26 5.98
CA TYR A 547 -45.97 7.18 5.27
C TYR A 547 -47.47 7.19 5.53
N SER A 548 -48.04 8.40 5.57
CA SER A 548 -49.48 8.58 5.57
C SER A 548 -49.98 9.33 4.34
N VAL A 549 -49.14 10.13 3.70
CA VAL A 549 -49.53 10.94 2.55
C VAL A 549 -48.56 10.65 1.40
N ASP A 550 -48.74 11.36 0.30
CA ASP A 550 -47.89 11.23 -0.88
C ASP A 550 -46.94 12.41 -0.98
N LEU A 551 -45.80 12.16 -1.63
CA LEU A 551 -44.74 13.14 -1.85
C LEU A 551 -44.52 13.35 -3.34
N PRO A 552 -44.11 14.54 -3.76
CA PRO A 552 -43.87 14.77 -5.19
C PRO A 552 -42.66 14.00 -5.69
N PHE A 553 -42.76 13.51 -6.93
CA PHE A 553 -41.78 12.58 -7.49
C PHE A 553 -40.46 13.26 -7.81
N MET A 554 -40.46 14.58 -7.99
CA MET A 554 -39.20 15.30 -8.21
C MET A 554 -38.31 15.20 -7.00
N TYR A 555 -38.90 15.25 -5.80
CA TYR A 555 -38.15 15.01 -4.57
C TYR A 555 -37.54 13.62 -4.56
N CYS A 556 -38.30 12.61 -4.99
CA CYS A 556 -37.82 11.23 -4.94
C CYS A 556 -36.64 11.03 -5.88
N ILE A 557 -36.76 11.54 -7.12
CA ILE A 557 -35.67 11.35 -8.07
C ILE A 557 -34.45 12.20 -7.69
N THR A 558 -34.65 13.39 -7.11
CA THR A 558 -33.52 14.21 -6.73
C THR A 558 -32.82 13.66 -5.48
N TYR A 559 -33.58 13.11 -4.53
CA TYR A 559 -32.96 12.48 -3.36
C TYR A 559 -32.25 11.19 -3.74
N ALA A 560 -32.77 10.45 -4.72
CA ALA A 560 -32.06 9.28 -5.21
C ALA A 560 -30.77 9.65 -5.91
N ALA A 561 -30.74 10.79 -6.60
CA ALA A 561 -29.48 11.27 -7.16
C ALA A 561 -28.53 11.73 -6.06
N PHE A 562 -29.07 12.40 -5.04
CA PHE A 562 -28.26 12.96 -3.96
C PHE A 562 -27.60 11.88 -3.12
N ALA A 563 -28.28 10.75 -2.94
CA ALA A 563 -27.71 9.63 -2.18
C ALA A 563 -26.45 9.11 -2.84
N ILE A 564 -26.51 8.77 -4.12
CA ILE A 564 -25.32 8.24 -4.79
C ILE A 564 -24.31 9.30 -5.16
N ILE A 565 -24.66 10.59 -5.08
CA ILE A 565 -23.62 11.60 -5.28
C ILE A 565 -23.00 12.05 -3.97
N ALA A 566 -23.60 11.72 -2.83
CA ALA A 566 -22.99 12.11 -1.57
C ALA A 566 -22.50 10.91 -0.77
N THR A 567 -23.41 10.03 -0.34
CA THR A 567 -23.07 9.09 0.72
C THR A 567 -22.28 7.91 0.20
N LEU A 568 -22.65 7.40 -0.97
CA LEU A 568 -21.91 6.29 -1.55
C LEU A 568 -20.57 6.76 -2.11
N LEU A 569 -20.53 7.95 -2.70
CA LEU A 569 -19.36 8.38 -3.46
C LEU A 569 -18.38 9.21 -2.65
N MET A 570 -18.81 10.39 -2.16
CA MET A 570 -17.81 11.39 -1.79
C MET A 570 -17.25 11.14 -0.40
N LEU A 571 -18.07 10.67 0.54
CA LEU A 571 -17.57 10.32 1.87
C LEU A 571 -16.58 9.17 1.81
N ASN A 572 -16.90 8.16 1.00
CA ASN A 572 -15.99 7.03 0.86
C ASN A 572 -14.73 7.41 0.10
N LEU A 573 -14.85 8.32 -0.87
CA LEU A 573 -13.66 8.78 -1.57
C LEU A 573 -12.78 9.61 -0.67
N PHE A 574 -13.38 10.35 0.26
CA PHE A 574 -12.59 11.08 1.25
C PHE A 574 -11.86 10.13 2.18
N ILE A 575 -12.51 9.04 2.57
CA ILE A 575 -11.86 8.02 3.41
C ILE A 575 -10.68 7.40 2.68
N ALA A 576 -10.87 7.07 1.40
CA ALA A 576 -9.77 6.49 0.62
C ALA A 576 -8.64 7.48 0.39
N MET A 577 -8.96 8.77 0.22
CA MET A 577 -7.93 9.77 -0.01
C MET A 577 -7.10 9.99 1.25
N MET A 578 -7.76 10.00 2.42
CA MET A 578 -6.98 10.14 3.64
C MET A 578 -6.18 8.89 3.94
N GLY A 579 -6.65 7.71 3.51
CA GLY A 579 -5.82 6.51 3.64
C GLY A 579 -4.61 6.53 2.75
N ASP A 580 -4.77 7.02 1.52
CA ASP A 580 -3.65 7.20 0.60
C ASP A 580 -2.62 8.17 1.16
N THR A 581 -3.09 9.32 1.66
CA THR A 581 -2.11 10.28 2.17
C THR A 581 -1.51 9.85 3.51
N HIS A 582 -2.19 9.00 4.28
CA HIS A 582 -1.55 8.43 5.47
C HIS A 582 -0.47 7.46 5.09
N TRP A 583 -0.73 6.64 4.05
CA TRP A 583 0.29 5.75 3.49
C TRP A 583 1.51 6.52 3.01
N ARG A 584 1.31 7.72 2.47
CA ARG A 584 2.46 8.47 1.97
C ARG A 584 3.20 9.26 3.05
N VAL A 585 2.53 9.83 4.04
CA VAL A 585 3.27 10.63 5.03
C VAL A 585 3.30 9.96 6.41
N ALA A 586 3.21 8.62 6.44
CA ALA A 586 3.55 7.91 7.66
C ALA A 586 5.03 7.99 8.01
N GLN A 587 5.86 8.38 7.05
CA GLN A 587 7.29 8.48 7.27
C GLN A 587 7.67 9.70 8.12
N GLU A 588 6.93 10.80 8.00
CA GLU A 588 7.41 12.08 8.51
C GLU A 588 6.99 12.35 9.95
N ARG A 589 6.06 11.55 10.49
CA ARG A 589 5.44 11.88 11.77
C ARG A 589 6.41 11.69 12.94
N ASP A 590 7.21 10.62 12.93
CA ASP A 590 8.12 10.39 14.04
C ASP A 590 9.28 11.38 14.04
N GLU A 591 9.73 11.80 12.86
CA GLU A 591 10.74 12.86 12.79
C GLU A 591 10.19 14.17 13.30
N LEU A 592 8.95 14.50 12.94
CA LEU A 592 8.34 15.71 13.48
C LEU A 592 8.12 15.61 14.98
N TRP A 593 7.82 14.41 15.49
CA TRP A 593 7.62 14.25 16.92
C TRP A 593 8.92 14.41 17.69
N ARG A 594 10.02 13.88 17.16
CA ARG A 594 11.32 14.09 17.80
C ARG A 594 11.70 15.55 17.78
N ALA A 595 11.41 16.25 16.68
CA ALA A 595 11.68 17.68 16.58
C ALA A 595 10.90 18.46 17.62
N GLN A 596 9.62 18.14 17.80
CA GLN A 596 8.86 18.92 18.77
C GLN A 596 9.11 18.50 20.21
N VAL A 597 9.60 17.29 20.47
CA VAL A 597 9.96 17.02 21.86
C VAL A 597 11.27 17.71 22.23
N VAL A 598 12.19 17.87 21.28
CA VAL A 598 13.37 18.70 21.58
C VAL A 598 12.97 20.17 21.69
N ALA A 599 11.96 20.59 20.93
CA ALA A 599 11.45 21.95 21.05
C ALA A 599 10.81 22.21 22.41
N THR A 600 10.00 21.26 22.91
CA THR A 600 9.37 21.50 24.20
C THR A 600 10.38 21.39 25.33
N THR A 601 11.45 20.60 25.16
CA THR A 601 12.51 20.57 26.16
C THR A 601 13.23 21.91 26.22
N VAL A 602 13.59 22.48 25.07
CA VAL A 602 14.32 23.75 25.12
C VAL A 602 13.41 24.90 25.56
N MET A 603 12.12 24.85 25.22
CA MET A 603 11.21 25.92 25.67
C MET A 603 10.95 25.84 27.16
N LEU A 604 10.70 24.65 27.71
CA LEU A 604 10.47 24.55 29.14
C LEU A 604 11.77 24.49 29.94
N GLU A 605 12.91 24.51 29.28
CA GLU A 605 14.16 24.85 29.93
C GLU A 605 14.35 26.36 30.03
N ARG A 606 14.02 27.08 28.96
CA ARG A 606 14.17 28.53 28.98
C ARG A 606 13.14 29.20 29.87
N LYS A 607 11.95 28.61 30.02
CA LYS A 607 10.86 29.32 30.67
C LYS A 607 11.01 29.36 32.19
N MET A 608 11.29 28.22 32.81
CA MET A 608 11.37 28.17 34.26
C MET A 608 12.66 28.81 34.75
N PRO A 609 12.63 29.46 35.92
CA PRO A 609 13.85 30.08 36.45
C PRO A 609 14.86 29.04 36.88
N ARG A 610 16.10 29.48 36.99
CA ARG A 610 17.25 28.58 37.14
C ARG A 610 17.48 28.14 38.58
N PHE A 611 16.55 28.43 39.49
CA PHE A 611 16.63 27.87 40.83
C PHE A 611 16.21 26.42 40.89
N LEU A 612 15.58 25.91 39.84
CA LEU A 612 15.01 24.56 39.86
C LEU A 612 15.65 23.65 38.83
N TRP A 613 15.80 24.12 37.60
CA TRP A 613 16.46 23.32 36.58
C TRP A 613 17.96 23.24 36.88
N PRO A 614 18.55 22.04 36.80
CA PRO A 614 19.98 21.92 37.08
C PRO A 614 20.82 22.48 35.95
N ARG A 615 22.05 22.84 36.29
CA ARG A 615 23.04 23.16 35.28
C ARG A 615 23.37 21.90 34.49
N SER A 616 23.37 22.01 33.16
CA SER A 616 23.51 20.82 32.33
C SER A 616 24.95 20.32 32.33
N GLY A 617 25.09 19.00 32.24
CA GLY A 617 26.39 18.37 32.19
C GLY A 617 27.11 18.40 33.53
N ILE A 618 28.41 18.13 33.47
CA ILE A 618 29.30 18.14 34.63
C ILE A 618 30.28 19.29 34.49
N CYS A 619 30.63 19.91 35.61
CA CYS A 619 31.59 20.99 35.57
C CYS A 619 33.01 20.44 35.47
N GLY A 620 33.94 21.32 35.13
CA GLY A 620 35.31 20.89 34.91
C GLY A 620 36.33 21.54 35.83
N TYR A 621 35.86 22.41 36.72
CA TYR A 621 36.79 23.08 37.63
C TYR A 621 37.31 22.16 38.71
N GLU A 622 36.55 21.13 39.08
CA GLU A 622 36.99 20.13 40.05
C GLU A 622 37.88 19.06 39.43
N TYR A 623 38.13 19.14 38.13
CA TYR A 623 39.03 18.23 37.45
C TYR A 623 40.15 18.97 36.73
N GLY A 624 40.11 20.30 36.72
CA GLY A 624 41.24 21.09 36.30
C GLY A 624 41.29 21.46 34.84
N LEU A 625 40.27 21.08 34.06
CA LEU A 625 40.22 21.51 32.67
C LEU A 625 39.90 23.00 32.59
N GLY A 626 38.88 23.45 33.32
CA GLY A 626 38.67 24.85 33.57
C GLY A 626 37.47 25.48 32.89
N ASP A 627 36.37 25.59 33.64
CA ASP A 627 35.19 26.39 33.30
C ASP A 627 34.55 25.97 31.97
N ARG A 628 34.66 24.70 31.62
CA ARG A 628 34.07 24.14 30.41
C ARG A 628 33.31 22.90 30.80
N TRP A 629 31.99 22.94 30.69
CA TRP A 629 31.19 21.75 30.95
C TRP A 629 31.38 20.74 29.82
N PHE A 630 31.33 19.46 30.18
CA PHE A 630 31.68 18.41 29.25
C PHE A 630 30.69 17.26 29.39
N LEU A 631 30.68 16.40 28.36
CA LEU A 631 29.82 15.24 28.33
C LEU A 631 30.55 14.13 27.61
N ARG A 632 30.31 12.89 28.05
CA ARG A 632 30.92 11.71 27.46
C ARG A 632 29.83 10.77 26.96
N VAL A 633 30.16 10.02 25.93
CA VAL A 633 29.28 8.99 25.39
C VAL A 633 30.06 7.69 25.27
N GLU A 634 29.37 6.57 25.46
CA GLU A 634 29.97 5.25 25.47
C GLU A 634 29.44 4.53 24.23
N ASN A 635 30.12 4.71 23.12
CA ASN A 635 29.66 4.08 21.89
C ASN A 635 30.37 2.74 21.69
N HIS A 636 29.93 2.00 20.67
CA HIS A 636 30.43 0.65 20.45
C HIS A 636 30.48 0.42 18.94
N HIS A 637 31.68 0.54 18.36
CA HIS A 637 31.84 0.33 16.93
C HIS A 637 32.35 -1.07 16.63
N TRP B 29 -11.62 -6.73 -44.20
CA TRP B 29 -11.33 -7.06 -42.81
C TRP B 29 -10.18 -8.07 -42.75
N GLU B 30 -10.02 -8.75 -41.61
CA GLU B 30 -8.81 -9.51 -41.32
C GLU B 30 -8.93 -10.99 -41.67
N GLN B 31 -9.84 -11.35 -42.57
CA GLN B 31 -9.86 -12.67 -43.17
C GLN B 31 -9.56 -12.55 -44.66
N TYR B 32 -8.66 -11.64 -45.00
CA TYR B 32 -8.26 -11.33 -46.36
C TYR B 32 -6.78 -11.59 -46.58
N ARG B 33 -5.94 -11.11 -45.66
CA ARG B 33 -4.49 -11.29 -45.76
C ARG B 33 -4.11 -12.76 -45.67
N ASP B 34 -4.81 -13.52 -44.82
CA ASP B 34 -4.54 -14.94 -44.69
C ASP B 34 -4.86 -15.69 -45.97
N ARG B 35 -6.00 -15.36 -46.61
CA ARG B 35 -6.39 -16.01 -47.84
C ARG B 35 -5.43 -15.69 -48.98
N VAL B 36 -5.02 -14.42 -49.10
CA VAL B 36 -4.09 -14.12 -50.18
C VAL B 36 -2.69 -14.63 -49.89
N ASN B 37 -2.31 -14.79 -48.62
CA ASN B 37 -1.02 -15.39 -48.31
C ASN B 37 -1.01 -16.88 -48.63
N MET B 38 -2.12 -17.57 -48.33
CA MET B 38 -2.19 -18.99 -48.68
C MET B 38 -2.25 -19.19 -50.19
N LEU B 39 -2.91 -18.27 -50.91
CA LEU B 39 -2.92 -18.35 -52.37
C LEU B 39 -1.55 -18.05 -52.96
N GLN B 40 -0.80 -17.14 -52.32
CA GLN B 40 0.55 -16.85 -52.80
C GLN B 40 1.49 -18.02 -52.53
N GLN B 41 1.30 -18.72 -51.41
CA GLN B 41 2.10 -19.91 -51.16
C GLN B 41 1.71 -21.05 -52.10
N GLU B 42 0.44 -21.11 -52.49
CA GLU B 42 0.01 -22.04 -53.53
C GLU B 42 0.68 -21.74 -54.85
N ARG B 43 0.74 -20.46 -55.23
CA ARG B 43 1.30 -20.09 -56.52
C ARG B 43 2.82 -20.21 -56.54
N ILE B 44 3.50 -20.07 -55.40
CA ILE B 44 4.93 -20.35 -55.39
C ILE B 44 5.16 -21.86 -55.29
N ARG B 45 4.17 -22.63 -54.83
CA ARG B 45 4.34 -24.08 -54.76
C ARG B 45 4.18 -24.73 -56.13
N ASP B 46 3.22 -24.26 -56.94
CA ASP B 46 2.88 -25.00 -58.15
C ASP B 46 3.91 -24.76 -59.26
N SER B 47 4.29 -23.52 -59.50
CA SER B 47 5.23 -23.22 -60.57
C SER B 47 6.65 -23.56 -60.13
N PRO B 48 7.40 -24.33 -60.93
CA PRO B 48 8.76 -24.70 -60.52
C PRO B 48 9.75 -23.54 -60.59
N LEU B 49 9.41 -22.46 -61.29
CA LEU B 49 10.30 -21.31 -61.41
C LEU B 49 10.47 -20.61 -60.07
N LEU B 50 9.36 -20.17 -59.48
CA LEU B 50 9.43 -19.48 -58.19
C LEU B 50 9.77 -20.45 -57.06
N GLN B 51 9.44 -21.74 -57.22
CA GLN B 51 9.81 -22.73 -56.22
C GLN B 51 11.31 -22.97 -56.21
N ALA B 52 11.94 -22.96 -57.40
CA ALA B 52 13.40 -23.04 -57.44
C ALA B 52 14.04 -21.73 -57.02
N ALA B 53 13.34 -20.61 -57.21
CA ALA B 53 13.82 -19.33 -56.70
C ALA B 53 13.87 -19.32 -55.18
N LYS B 54 12.81 -19.82 -54.54
CA LYS B 54 12.82 -19.99 -53.10
C LYS B 54 13.81 -21.07 -52.67
N GLU B 55 14.05 -22.06 -53.53
CA GLU B 55 15.00 -23.12 -53.19
C GLU B 55 16.44 -22.62 -53.26
N ASN B 56 16.73 -21.74 -54.23
CA ASN B 56 18.06 -21.20 -54.49
C ASN B 56 19.10 -22.30 -54.74
N ASP B 57 18.83 -23.09 -55.77
CA ASP B 57 19.73 -24.16 -56.19
C ASP B 57 20.66 -23.65 -57.28
N LEU B 58 21.43 -24.56 -57.87
CA LEU B 58 22.37 -24.24 -58.93
C LEU B 58 21.86 -24.70 -60.30
N ARG B 59 21.59 -25.99 -60.45
CA ARG B 59 21.16 -26.53 -61.74
C ARG B 59 19.64 -26.52 -61.89
N LEU B 60 19.02 -25.38 -61.63
CA LEU B 60 17.57 -25.23 -61.82
C LEU B 60 17.25 -24.20 -62.88
N LEU B 61 17.69 -22.95 -62.70
CA LEU B 61 17.35 -21.89 -63.64
C LEU B 61 18.15 -22.00 -64.93
N LYS B 62 19.42 -22.40 -64.85
CA LYS B 62 20.20 -22.62 -66.06
C LYS B 62 19.70 -23.84 -66.82
N ILE B 63 19.18 -24.85 -66.12
CA ILE B 63 18.59 -26.00 -66.78
C ILE B 63 17.27 -25.64 -67.42
N LEU B 64 16.50 -24.72 -66.80
CA LEU B 64 15.27 -24.26 -67.41
C LEU B 64 15.55 -23.38 -68.63
N LEU B 65 16.62 -22.60 -68.58
CA LEU B 65 17.01 -21.76 -69.70
C LEU B 65 17.87 -22.55 -70.69
N PHE B 72 7.90 -15.89 -66.88
CA PHE B 72 8.87 -14.84 -66.61
C PHE B 72 8.17 -13.57 -66.11
N GLN B 73 7.32 -13.00 -66.96
CA GLN B 73 6.51 -11.85 -66.58
C GLN B 73 5.15 -12.25 -66.03
N GLN B 74 4.96 -13.53 -65.74
CA GLN B 74 3.70 -13.99 -65.17
C GLN B 74 3.56 -13.52 -63.73
N ARG B 75 2.35 -13.12 -63.36
CA ARG B 75 2.09 -12.70 -62.00
C ARG B 75 1.97 -13.91 -61.08
N GLY B 76 2.02 -13.66 -59.79
CA GLY B 76 1.79 -14.71 -58.81
C GLY B 76 0.32 -14.88 -58.53
N ALA B 77 -0.04 -15.03 -57.25
CA ALA B 77 -1.45 -15.01 -56.89
C ALA B 77 -2.01 -13.61 -57.04
N VAL B 78 -1.40 -12.64 -56.37
CA VAL B 78 -1.74 -11.24 -56.59
C VAL B 78 -0.48 -10.40 -56.60
N GLY B 79 0.03 -10.12 -57.80
CA GLY B 79 1.16 -9.22 -57.96
C GLY B 79 2.50 -9.73 -57.47
N GLU B 80 3.07 -10.72 -58.15
CA GLU B 80 4.38 -11.23 -57.79
C GLU B 80 5.03 -11.86 -59.02
N THR B 81 6.19 -11.35 -59.41
CA THR B 81 6.99 -11.97 -60.45
C THR B 81 8.14 -12.74 -59.81
N ALA B 82 9.08 -13.21 -60.63
CA ALA B 82 10.10 -14.13 -60.16
C ALA B 82 11.14 -13.45 -59.29
N LEU B 83 11.43 -12.17 -59.52
CA LEU B 83 12.41 -11.48 -58.69
C LEU B 83 11.88 -11.15 -57.31
N HIS B 84 10.55 -11.10 -57.14
CA HIS B 84 9.99 -10.70 -55.85
C HIS B 84 10.26 -11.73 -54.77
N VAL B 85 10.00 -13.00 -55.07
CA VAL B 85 10.23 -14.03 -54.06
C VAL B 85 11.72 -14.26 -53.85
N ALA B 86 12.54 -13.98 -54.86
CA ALA B 86 13.99 -14.09 -54.70
C ALA B 86 14.52 -13.00 -53.77
N ALA B 87 14.05 -11.77 -53.95
CA ALA B 87 14.44 -10.69 -53.04
C ALA B 87 13.83 -10.87 -51.67
N LEU B 88 12.67 -11.52 -51.58
CA LEU B 88 12.02 -11.71 -50.30
C LEU B 88 12.67 -12.82 -49.49
N TYR B 89 13.22 -13.84 -50.15
CA TYR B 89 13.89 -14.92 -49.45
C TYR B 89 15.41 -14.84 -49.54
N ASP B 90 15.95 -13.73 -50.07
CA ASP B 90 17.37 -13.37 -49.98
C ASP B 90 18.27 -14.40 -50.67
N ASN B 91 18.07 -14.54 -51.98
CA ASN B 91 18.81 -15.49 -52.80
C ASN B 91 19.59 -14.71 -53.87
N LEU B 92 20.85 -14.43 -53.55
CA LEU B 92 21.65 -13.52 -54.36
C LEU B 92 22.01 -14.13 -55.71
N GLU B 93 22.33 -15.43 -55.74
CA GLU B 93 22.68 -16.06 -57.01
C GLU B 93 21.48 -16.16 -57.93
N ALA B 94 20.29 -16.41 -57.36
CA ALA B 94 19.08 -16.42 -58.17
C ALA B 94 18.76 -15.04 -58.69
N ALA B 95 19.00 -14.01 -57.87
CA ALA B 95 18.80 -12.63 -58.30
C ALA B 95 19.72 -12.28 -59.46
N THR B 96 21.01 -12.64 -59.35
CA THR B 96 21.96 -12.33 -60.42
C THR B 96 21.65 -13.10 -61.69
N LEU B 97 21.27 -14.37 -61.56
CA LEU B 97 20.97 -15.18 -62.73
C LEU B 97 19.72 -14.69 -63.45
N LEU B 98 18.67 -14.32 -62.70
CA LEU B 98 17.46 -13.81 -63.33
C LEU B 98 17.67 -12.43 -63.94
N MET B 99 18.48 -11.58 -63.30
CA MET B 99 18.69 -10.25 -63.84
C MET B 99 19.63 -10.25 -65.04
N GLU B 100 20.54 -11.21 -65.14
CA GLU B 100 21.33 -11.34 -66.35
C GLU B 100 20.63 -12.19 -67.41
N ALA B 101 19.58 -12.92 -67.04
CA ALA B 101 18.75 -13.57 -68.05
C ALA B 101 17.81 -12.58 -68.71
N ALA B 102 16.97 -11.91 -67.93
CA ALA B 102 16.01 -10.94 -68.45
C ALA B 102 16.33 -9.55 -67.90
N PRO B 103 16.73 -8.60 -68.75
CA PRO B 103 17.10 -7.28 -68.23
C PRO B 103 15.89 -6.41 -67.88
N GLU B 104 14.81 -6.57 -68.62
CA GLU B 104 13.61 -5.75 -68.43
C GLU B 104 12.79 -6.17 -67.23
N LEU B 105 13.09 -7.32 -66.61
CA LEU B 105 12.20 -7.89 -65.63
C LEU B 105 12.31 -7.19 -64.28
N ALA B 106 13.47 -6.61 -63.97
CA ALA B 106 13.58 -5.80 -62.75
C ALA B 106 12.79 -4.51 -62.86
N LYS B 107 12.68 -3.95 -64.06
CA LYS B 107 11.86 -2.77 -64.30
C LYS B 107 10.42 -3.20 -64.59
N GLU B 108 9.79 -3.76 -63.56
CA GLU B 108 8.43 -4.24 -63.71
C GLU B 108 7.69 -4.18 -62.38
N PRO B 109 6.64 -3.37 -62.28
CA PRO B 109 5.81 -3.35 -61.07
C PRO B 109 4.87 -4.54 -61.05
N ALA B 110 4.10 -4.64 -59.97
CA ALA B 110 3.23 -5.77 -59.74
C ALA B 110 1.76 -5.39 -59.92
N LEU B 111 0.89 -6.40 -59.91
CA LEU B 111 -0.54 -6.17 -59.90
C LEU B 111 -0.94 -5.53 -58.57
N CYS B 112 -1.89 -4.61 -58.63
CA CYS B 112 -2.06 -3.62 -57.58
C CYS B 112 -3.33 -3.82 -56.75
N GLU B 113 -3.84 -5.04 -56.65
CA GLU B 113 -5.10 -5.15 -55.92
C GLU B 113 -4.86 -5.20 -54.41
N PRO B 114 -3.95 -6.06 -53.82
CA PRO B 114 -3.59 -5.81 -52.42
C PRO B 114 -2.28 -5.04 -52.21
N PHE B 115 -1.42 -4.96 -53.22
CA PHE B 115 -0.11 -4.32 -53.10
C PHE B 115 0.10 -3.48 -54.35
N VAL B 116 -0.06 -2.17 -54.22
CA VAL B 116 0.10 -1.28 -55.37
C VAL B 116 1.57 -1.05 -55.62
N GLY B 117 1.97 -1.12 -56.90
CA GLY B 117 3.33 -0.85 -57.30
C GLY B 117 4.24 -2.02 -57.04
N GLN B 118 4.64 -2.17 -55.77
CA GLN B 118 5.45 -3.28 -55.26
C GLN B 118 6.76 -3.41 -56.03
N THR B 119 7.61 -2.40 -55.85
CA THR B 119 8.93 -2.40 -56.47
C THR B 119 9.81 -3.44 -55.79
N ALA B 120 10.63 -4.12 -56.62
CA ALA B 120 11.56 -5.11 -56.08
C ALA B 120 12.62 -4.47 -55.21
N LEU B 121 13.03 -3.24 -55.57
CA LEU B 121 13.92 -2.46 -54.72
C LEU B 121 13.29 -2.17 -53.37
N HIS B 122 12.01 -1.78 -53.38
CA HIS B 122 11.30 -1.45 -52.15
C HIS B 122 11.07 -2.68 -51.29
N ILE B 123 10.96 -3.85 -51.92
CA ILE B 123 10.86 -5.08 -51.15
C ILE B 123 12.21 -5.45 -50.55
N ALA B 124 13.27 -5.34 -51.34
CA ALA B 124 14.58 -5.82 -50.92
C ALA B 124 15.27 -4.89 -49.92
N VAL B 125 14.88 -3.62 -49.87
CA VAL B 125 15.57 -2.69 -48.98
C VAL B 125 15.22 -2.97 -47.51
N MET B 126 14.06 -3.58 -47.26
CA MET B 126 13.71 -3.97 -45.89
C MET B 126 14.58 -5.12 -45.41
N ASN B 127 14.84 -6.09 -46.28
CA ASN B 127 15.78 -7.16 -45.94
C ASN B 127 17.22 -6.66 -45.90
N GLN B 128 17.51 -5.56 -46.60
CA GLN B 128 18.76 -4.80 -46.49
C GLN B 128 19.99 -5.64 -46.88
N ASN B 129 20.03 -6.00 -48.15
CA ASN B 129 21.17 -6.69 -48.74
C ASN B 129 21.94 -5.72 -49.63
N LEU B 130 23.22 -5.50 -49.28
CA LEU B 130 24.07 -4.54 -49.98
C LEU B 130 24.30 -4.95 -51.43
N ASN B 131 24.67 -6.22 -51.66
CA ASN B 131 24.93 -6.69 -53.01
C ASN B 131 23.66 -6.66 -53.86
N LEU B 132 22.52 -6.95 -53.24
CA LEU B 132 21.27 -6.97 -53.99
C LEU B 132 20.82 -5.57 -54.36
N VAL B 133 20.95 -4.61 -53.43
CA VAL B 133 20.56 -3.25 -53.78
C VAL B 133 21.55 -2.64 -54.77
N ARG B 134 22.82 -3.06 -54.73
CA ARG B 134 23.80 -2.56 -55.69
C ARG B 134 23.54 -3.13 -57.08
N ALA B 135 23.20 -4.41 -57.18
CA ALA B 135 22.88 -4.99 -58.48
C ALA B 135 21.57 -4.47 -59.03
N LEU B 136 20.60 -4.17 -58.15
CA LEU B 136 19.34 -3.61 -58.61
C LEU B 136 19.53 -2.18 -59.11
N LEU B 137 20.39 -1.39 -58.45
CA LEU B 137 20.68 -0.07 -59.01
C LEU B 137 21.57 -0.15 -60.23
N ALA B 138 22.34 -1.23 -60.38
CA ALA B 138 23.11 -1.43 -61.61
C ALA B 138 22.18 -1.69 -62.79
N ARG B 139 21.12 -2.48 -62.55
CA ARG B 139 20.07 -2.59 -63.56
C ARG B 139 19.29 -1.29 -63.69
N GLY B 140 19.26 -0.47 -62.64
CA GLY B 140 18.70 0.86 -62.69
C GLY B 140 17.19 0.91 -62.56
N ALA B 141 16.67 0.41 -61.45
CA ALA B 141 15.22 0.39 -61.24
C ALA B 141 14.71 1.79 -60.94
N SER B 142 13.40 1.94 -60.99
CA SER B 142 12.75 3.23 -60.76
C SER B 142 12.82 3.55 -59.27
N VAL B 143 13.83 4.34 -58.89
CA VAL B 143 14.05 4.66 -57.48
C VAL B 143 13.05 5.66 -56.94
N SER B 144 12.33 6.35 -57.82
CA SER B 144 11.28 7.29 -57.42
C SER B 144 9.90 6.67 -57.58
N ALA B 145 9.77 5.38 -57.27
CA ALA B 145 8.51 4.68 -57.42
C ALA B 145 7.55 5.06 -56.30
N ARG B 146 6.37 4.42 -56.31
CA ARG B 146 5.31 4.75 -55.38
C ARG B 146 4.47 3.51 -55.13
N ALA B 147 4.28 3.16 -53.87
CA ALA B 147 3.63 1.91 -53.47
C ALA B 147 2.54 2.18 -52.45
N THR B 148 1.34 2.52 -52.92
CA THR B 148 0.21 2.82 -52.03
C THR B 148 -0.64 1.58 -51.77
N GLY B 149 0.01 0.50 -51.34
CA GLY B 149 -0.66 -0.77 -51.19
C GLY B 149 -1.63 -0.81 -50.03
N ALA B 150 -2.50 -1.82 -50.06
CA ALA B 150 -3.50 -1.98 -49.01
C ALA B 150 -2.85 -2.36 -47.68
N ALA B 151 -1.69 -3.00 -47.72
CA ALA B 151 -0.89 -3.22 -46.53
C ALA B 151 0.08 -2.08 -46.24
N PHE B 152 -0.01 -0.98 -47.01
CA PHE B 152 0.91 0.14 -46.91
C PHE B 152 0.10 1.42 -46.68
N ARG B 153 -0.21 1.70 -45.43
CA ARG B 153 -1.06 2.82 -45.05
C ARG B 153 -0.94 3.05 -43.55
N ARG B 154 -1.05 4.31 -43.14
CA ARG B 154 -1.18 4.63 -41.72
C ARG B 154 -2.57 4.20 -41.27
N SER B 155 -2.65 3.06 -40.61
CA SER B 155 -3.93 2.47 -40.22
C SER B 155 -3.70 1.56 -39.03
N PRO B 156 -4.69 1.38 -38.16
CA PRO B 156 -4.54 0.41 -37.07
C PRO B 156 -4.62 -1.03 -37.52
N HIS B 157 -4.96 -1.29 -38.79
CA HIS B 157 -4.90 -2.65 -39.31
C HIS B 157 -3.46 -3.13 -39.42
N ASN B 158 -2.64 -2.43 -40.20
CA ASN B 158 -1.25 -2.79 -40.34
C ASN B 158 -0.46 -2.37 -39.11
N LEU B 159 0.78 -2.87 -39.03
CA LEU B 159 1.69 -2.50 -37.94
C LEU B 159 2.72 -1.47 -38.38
N ILE B 160 3.44 -1.75 -39.46
CA ILE B 160 4.40 -0.81 -39.98
C ILE B 160 3.70 0.30 -40.75
N TYR B 161 4.24 1.51 -40.65
CA TYR B 161 3.82 2.63 -41.50
C TYR B 161 5.11 3.23 -42.04
N TYR B 162 5.49 2.78 -43.23
CA TYR B 162 6.79 3.09 -43.79
C TYR B 162 6.71 4.01 -45.00
N GLY B 163 5.54 4.55 -45.30
CA GLY B 163 5.41 5.37 -46.49
C GLY B 163 5.38 4.52 -47.76
N GLU B 164 5.59 5.21 -48.88
CA GLU B 164 5.50 4.60 -50.19
C GLU B 164 6.71 4.95 -51.05
N HIS B 165 7.90 4.89 -50.46
CA HIS B 165 9.11 5.21 -51.20
C HIS B 165 10.28 4.38 -50.69
N PRO B 166 11.19 3.95 -51.58
CA PRO B 166 12.37 3.22 -51.12
C PRO B 166 13.29 4.05 -50.26
N LEU B 167 13.35 5.37 -50.50
CA LEU B 167 14.13 6.26 -49.65
C LEU B 167 13.55 6.31 -48.25
N SER B 168 12.23 6.39 -48.14
CA SER B 168 11.57 6.36 -46.84
C SER B 168 11.77 5.03 -46.14
N PHE B 169 11.73 3.94 -46.91
CA PHE B 169 11.95 2.60 -46.35
C PHE B 169 13.35 2.49 -45.78
N ALA B 170 14.36 2.98 -46.52
CA ALA B 170 15.73 2.88 -46.05
C ALA B 170 15.98 3.79 -44.86
N ALA B 171 15.47 5.03 -44.91
CA ALA B 171 15.70 5.98 -43.83
C ALA B 171 14.87 5.68 -42.58
N CYS B 172 13.87 4.82 -42.67
CA CYS B 172 13.19 4.37 -41.47
C CYS B 172 13.72 3.04 -40.96
N VAL B 173 14.30 2.19 -41.82
CA VAL B 173 14.93 0.98 -41.31
C VAL B 173 16.24 1.32 -40.63
N GLY B 174 17.11 2.09 -41.28
CA GLY B 174 18.33 2.51 -40.64
C GLY B 174 19.58 2.16 -41.43
N SER B 175 19.39 1.88 -42.72
CA SER B 175 20.48 1.52 -43.62
C SER B 175 21.27 2.77 -43.97
N GLU B 176 22.21 3.11 -43.08
CA GLU B 176 22.98 4.34 -43.24
C GLU B 176 24.00 4.23 -44.37
N GLU B 177 24.47 3.02 -44.66
CA GLU B 177 25.37 2.81 -45.78
C GLU B 177 24.65 2.68 -47.11
N ILE B 178 23.32 2.60 -47.10
CA ILE B 178 22.54 2.41 -48.31
C ILE B 178 21.73 3.66 -48.67
N VAL B 179 21.42 4.52 -47.69
CA VAL B 179 20.73 5.77 -48.01
C VAL B 179 21.59 6.67 -48.87
N ARG B 180 22.91 6.60 -48.72
CA ARG B 180 23.80 7.39 -49.58
C ARG B 180 23.75 6.89 -51.02
N LEU B 181 23.72 5.57 -51.22
CA LEU B 181 23.64 5.03 -52.58
C LEU B 181 22.26 5.29 -53.19
N LEU B 182 21.22 5.37 -52.36
CA LEU B 182 19.91 5.74 -52.86
C LEU B 182 19.86 7.20 -53.28
N ILE B 183 20.42 8.11 -52.47
CA ILE B 183 20.37 9.52 -52.84
C ILE B 183 21.42 9.88 -53.89
N GLU B 184 22.36 8.97 -54.18
CA GLU B 184 23.33 9.19 -55.25
C GLU B 184 22.66 9.41 -56.60
N HIS B 185 21.58 8.67 -56.88
CA HIS B 185 20.86 8.85 -58.12
C HIS B 185 19.69 9.83 -57.98
N GLY B 186 19.68 10.62 -56.90
CA GLY B 186 18.71 11.68 -56.72
C GLY B 186 17.28 11.21 -56.55
N ALA B 187 17.00 10.52 -55.45
CA ALA B 187 15.72 9.84 -55.30
C ALA B 187 14.68 10.70 -54.57
N ASP B 188 14.48 11.94 -55.02
CA ASP B 188 13.35 12.80 -54.66
C ASP B 188 13.28 13.05 -53.15
N ILE B 189 14.25 13.84 -52.68
CA ILE B 189 14.37 14.15 -51.25
C ILE B 189 13.14 14.84 -50.69
N ARG B 190 12.37 15.53 -51.52
CA ARG B 190 11.05 16.04 -51.16
C ARG B 190 10.00 15.36 -52.03
N ALA B 191 9.01 14.76 -51.38
CA ALA B 191 7.94 14.05 -52.07
C ALA B 191 6.77 13.87 -51.11
N GLN B 192 5.65 13.44 -51.67
CA GLN B 192 4.46 13.07 -50.91
C GLN B 192 4.13 11.61 -51.21
N ASP B 193 3.01 11.15 -50.67
CA ASP B 193 2.59 9.76 -50.79
C ASP B 193 1.09 9.70 -50.53
N SER B 194 0.58 8.49 -50.24
CA SER B 194 -0.74 8.34 -49.68
C SER B 194 -0.85 9.13 -48.38
N LEU B 195 -1.88 9.98 -48.30
CA LEU B 195 -2.18 11.00 -47.28
C LEU B 195 -1.20 12.18 -47.30
N GLY B 196 -0.20 12.12 -48.16
CA GLY B 196 0.68 13.24 -48.45
C GLY B 196 1.53 13.76 -47.31
N ASN B 197 2.20 12.88 -46.58
CA ASN B 197 3.23 13.33 -45.64
C ASN B 197 4.59 13.13 -46.30
N THR B 198 5.67 13.35 -45.56
CA THR B 198 7.00 13.26 -46.14
C THR B 198 7.86 12.24 -45.41
N VAL B 199 9.08 12.09 -45.91
CA VAL B 199 10.05 11.15 -45.36
C VAL B 199 10.48 11.57 -43.95
N LEU B 200 10.48 12.87 -43.66
CA LEU B 200 10.82 13.32 -42.33
C LEU B 200 9.73 12.97 -41.32
N HIS B 201 8.47 13.08 -41.74
CA HIS B 201 7.37 12.67 -40.86
C HIS B 201 7.34 11.16 -40.68
N ILE B 202 7.73 10.41 -41.71
CA ILE B 202 7.87 8.96 -41.59
C ILE B 202 8.94 8.61 -40.57
N LEU B 203 10.10 9.28 -40.66
CA LEU B 203 11.18 9.03 -39.71
C LEU B 203 10.85 9.51 -38.30
N ILE B 204 9.95 10.48 -38.17
CA ILE B 204 9.53 10.91 -36.84
C ILE B 204 8.55 9.90 -36.23
N LEU B 205 7.51 9.53 -36.98
CA LEU B 205 6.47 8.64 -36.46
C LEU B 205 7.01 7.21 -36.42
N GLN B 206 7.83 6.95 -35.39
CA GLN B 206 8.51 5.67 -35.26
C GLN B 206 9.01 5.53 -33.83
N PRO B 207 8.95 4.33 -33.24
CA PRO B 207 9.65 4.10 -31.95
C PRO B 207 11.14 4.29 -32.11
N ASN B 208 11.69 5.22 -31.32
CA ASN B 208 13.00 5.78 -31.59
C ASN B 208 14.12 4.81 -31.24
N LYS B 209 15.29 5.08 -31.83
CA LYS B 209 16.53 4.37 -31.57
C LYS B 209 17.67 5.26 -32.07
N THR B 210 18.88 4.70 -32.13
CA THR B 210 20.02 5.45 -32.65
C THR B 210 19.89 5.69 -34.15
N PHE B 211 19.27 4.75 -34.87
CA PHE B 211 19.08 4.88 -36.31
C PHE B 211 18.21 6.09 -36.63
N ALA B 212 17.23 6.36 -35.77
CA ALA B 212 16.30 7.46 -36.00
C ALA B 212 17.00 8.82 -35.92
N CYS B 213 17.79 9.04 -34.87
CA CYS B 213 18.45 10.34 -34.72
C CYS B 213 19.56 10.52 -35.75
N GLN B 214 20.31 9.45 -36.05
CA GLN B 214 21.36 9.58 -37.06
C GLN B 214 20.77 9.81 -38.45
N MET B 215 19.65 9.16 -38.77
CA MET B 215 19.01 9.38 -40.06
C MET B 215 18.35 10.74 -40.14
N TYR B 216 17.88 11.27 -39.00
CA TYR B 216 17.33 12.62 -39.00
C TYR B 216 18.41 13.64 -39.31
N ASN B 217 19.57 13.50 -38.66
CA ASN B 217 20.70 14.40 -38.96
C ASN B 217 21.16 14.24 -40.41
N LEU B 218 21.15 13.01 -40.92
CA LEU B 218 21.57 12.75 -42.29
C LEU B 218 20.64 13.40 -43.30
N LEU B 219 19.33 13.22 -43.12
CA LEU B 219 18.37 13.80 -44.05
C LEU B 219 18.29 15.32 -43.91
N LEU B 220 18.62 15.87 -42.74
CA LEU B 220 18.70 17.31 -42.65
C LEU B 220 19.95 17.84 -43.33
N SER B 221 21.05 17.09 -43.29
CA SER B 221 22.28 17.55 -43.93
C SER B 221 22.18 17.46 -45.44
N TYR B 222 21.54 16.41 -45.96
CA TYR B 222 21.52 16.21 -47.41
C TYR B 222 20.51 17.09 -48.13
N ASP B 223 19.80 17.96 -47.42
CA ASP B 223 18.95 18.96 -48.06
C ASP B 223 19.85 20.11 -48.51
N GLU B 224 19.91 20.34 -49.82
CA GLU B 224 20.62 21.49 -50.36
C GLU B 224 19.86 22.11 -51.53
N GLN B 230 12.12 25.91 -45.18
CA GLN B 230 11.94 26.62 -46.44
C GLN B 230 11.56 25.66 -47.55
N SER B 231 12.18 24.46 -47.53
CA SER B 231 11.92 23.47 -48.56
C SER B 231 11.61 22.11 -47.95
N LEU B 232 12.12 21.85 -46.76
CA LEU B 232 11.88 20.56 -46.12
C LEU B 232 11.32 20.69 -44.71
N GLU B 233 11.78 21.67 -43.94
CA GLU B 233 11.27 21.87 -42.59
C GLU B 233 9.99 22.69 -42.57
N LEU B 234 9.53 23.18 -43.72
CA LEU B 234 8.39 24.06 -43.80
C LEU B 234 7.20 23.46 -44.53
N VAL B 235 7.37 22.32 -45.18
CA VAL B 235 6.31 21.78 -46.03
C VAL B 235 5.22 21.17 -45.14
N PRO B 236 3.96 21.48 -45.39
CA PRO B 236 2.86 20.87 -44.63
C PRO B 236 2.47 19.54 -45.27
N ASN B 237 1.46 18.92 -44.69
CA ASN B 237 0.86 17.71 -45.23
C ASN B 237 -0.60 17.97 -45.54
N HIS B 238 -1.30 16.93 -46.00
CA HIS B 238 -2.74 17.07 -46.23
C HIS B 238 -3.55 16.94 -44.96
N GLN B 239 -2.92 16.68 -43.83
CA GLN B 239 -3.50 16.97 -42.53
C GLN B 239 -3.21 18.41 -42.10
N GLY B 240 -2.26 19.08 -42.76
CA GLY B 240 -1.97 20.46 -42.48
C GLY B 240 -1.10 20.67 -41.27
N LEU B 241 0.11 20.11 -41.27
CA LEU B 241 0.98 20.22 -40.10
C LEU B 241 2.43 20.38 -40.54
N THR B 242 3.11 21.32 -39.86
CA THR B 242 4.56 21.43 -39.88
C THR B 242 5.16 20.18 -39.21
N PRO B 243 6.33 19.71 -39.66
CA PRO B 243 6.99 18.57 -38.97
C PRO B 243 7.23 18.77 -37.49
N PHE B 244 7.57 19.99 -37.07
CA PHE B 244 7.62 20.35 -35.65
C PHE B 244 6.30 20.04 -34.95
N LYS B 245 5.19 20.50 -35.53
CA LYS B 245 3.88 20.30 -34.92
C LYS B 245 3.44 18.85 -34.99
N LEU B 246 3.87 18.11 -36.02
CA LEU B 246 3.50 16.70 -36.09
C LEU B 246 4.26 15.88 -35.08
N ALA B 247 5.53 16.22 -34.84
CA ALA B 247 6.27 15.59 -33.76
C ALA B 247 5.67 15.93 -32.41
N GLY B 248 5.17 17.15 -32.26
CA GLY B 248 4.49 17.52 -31.03
C GLY B 248 3.20 16.75 -30.82
N VAL B 249 2.38 16.63 -31.86
CA VAL B 249 1.09 15.95 -31.74
C VAL B 249 1.26 14.45 -31.64
N GLU B 250 2.39 13.90 -32.09
CA GLU B 250 2.66 12.50 -31.83
C GLU B 250 3.16 12.30 -30.40
N GLY B 251 4.27 12.94 -30.04
CA GLY B 251 4.76 12.86 -28.68
C GLY B 251 6.19 12.41 -28.54
N ASN B 252 6.98 12.48 -29.61
CA ASN B 252 8.36 12.02 -29.58
C ASN B 252 9.23 13.11 -28.98
N THR B 253 9.50 13.00 -27.68
CA THR B 253 10.14 14.07 -26.94
C THR B 253 11.61 14.23 -27.33
N VAL B 254 12.29 13.12 -27.60
CA VAL B 254 13.71 13.23 -27.96
C VAL B 254 13.88 13.79 -29.36
N MET B 255 12.93 13.51 -30.27
CA MET B 255 12.97 14.15 -31.58
C MET B 255 12.63 15.63 -31.48
N PHE B 256 11.69 15.97 -30.58
CA PHE B 256 11.36 17.36 -30.33
C PHE B 256 12.57 18.13 -29.80
N GLN B 257 13.32 17.53 -28.88
CA GLN B 257 14.48 18.23 -28.34
C GLN B 257 15.63 18.29 -29.34
N HIS B 258 15.82 17.25 -30.15
CA HIS B 258 16.87 17.32 -31.16
C HIS B 258 16.50 18.24 -32.31
N LEU B 259 15.21 18.53 -32.50
CA LEU B 259 14.85 19.56 -33.46
C LEU B 259 14.95 20.94 -32.84
N MET B 260 14.73 21.05 -31.53
CA MET B 260 14.87 22.33 -30.86
C MET B 260 16.33 22.75 -30.76
N GLN B 261 17.24 21.78 -30.59
CA GLN B 261 18.65 22.07 -30.34
C GLN B 261 19.37 22.66 -31.55
N LYS B 262 18.78 22.61 -32.73
CA LYS B 262 19.31 23.33 -33.89
C LYS B 262 18.88 24.78 -33.91
N ARG B 263 18.05 25.22 -32.97
CA ARG B 263 17.53 26.59 -32.91
C ARG B 263 17.70 27.15 -31.52
N LYS B 264 18.89 26.99 -30.96
CA LYS B 264 19.16 27.41 -29.57
C LYS B 264 20.51 28.12 -29.54
N HIS B 265 20.50 29.44 -29.49
CA HIS B 265 21.71 30.24 -29.40
C HIS B 265 22.04 30.49 -27.93
N VAL B 266 23.34 30.49 -27.62
CA VAL B 266 23.83 30.53 -26.25
C VAL B 266 24.49 31.87 -25.99
N GLN B 267 24.10 32.50 -24.89
CA GLN B 267 24.72 33.72 -24.40
C GLN B 267 25.84 33.37 -23.42
N TRP B 268 26.25 34.33 -22.60
CA TRP B 268 27.34 34.17 -21.63
C TRP B 268 27.12 33.00 -20.67
N THR B 269 28.16 32.21 -20.46
CA THR B 269 28.16 31.02 -19.60
C THR B 269 29.24 31.21 -18.53
N CYS B 270 28.87 31.85 -17.41
CA CYS B 270 29.83 32.12 -16.35
C CYS B 270 29.79 30.98 -15.34
N GLY B 271 30.65 29.99 -15.54
CA GLY B 271 30.86 28.92 -14.59
C GLY B 271 29.66 28.01 -14.39
N PRO B 272 29.06 28.08 -13.19
CA PRO B 272 27.92 27.22 -12.90
C PRO B 272 26.66 27.56 -13.67
N LEU B 273 26.24 28.82 -13.63
CA LEU B 273 24.96 29.18 -14.24
C LEU B 273 25.14 29.50 -15.71
N THR B 274 24.10 29.19 -16.49
CA THR B 274 24.15 29.35 -17.93
C THR B 274 22.85 29.98 -18.40
N SER B 275 22.97 31.07 -19.14
CA SER B 275 21.83 31.84 -19.64
C SER B 275 21.67 31.53 -21.13
N THR B 276 20.69 30.70 -21.46
CA THR B 276 20.49 30.27 -22.84
C THR B 276 19.23 30.92 -23.40
N LEU B 277 19.09 30.83 -24.72
CA LEU B 277 17.99 31.46 -25.43
C LEU B 277 17.29 30.45 -26.32
N TYR B 278 15.97 30.61 -26.44
CA TYR B 278 15.15 29.77 -27.31
C TYR B 278 14.41 30.64 -28.31
N ASP B 279 14.11 30.06 -29.46
CA ASP B 279 13.23 30.68 -30.44
C ASP B 279 11.82 30.20 -30.19
N LEU B 280 10.85 31.05 -30.50
CA LEU B 280 9.45 30.73 -30.20
C LEU B 280 8.51 31.01 -31.37
N THR B 281 9.03 31.32 -32.56
CA THR B 281 8.14 31.54 -33.70
C THR B 281 7.51 30.26 -34.22
N GLU B 282 7.99 29.11 -33.79
CA GLU B 282 7.30 27.85 -34.04
C GLU B 282 6.33 27.52 -32.92
N ILE B 283 6.71 27.83 -31.68
CA ILE B 283 5.88 27.43 -30.53
C ILE B 283 4.70 28.37 -30.32
N ASP B 284 4.75 29.58 -30.88
CA ASP B 284 3.68 30.57 -30.73
C ASP B 284 3.48 31.25 -32.08
N SER B 285 2.54 30.73 -32.87
CA SER B 285 2.29 31.32 -34.18
C SER B 285 1.45 32.58 -34.08
N TRP B 286 0.43 32.55 -33.22
CA TRP B 286 -0.49 33.66 -32.88
C TRP B 286 -1.17 34.31 -34.10
N GLY B 287 -1.16 33.65 -35.25
CA GLY B 287 -1.86 34.14 -36.42
C GLY B 287 -2.48 33.03 -37.24
N GLU B 288 -2.35 31.80 -36.79
CA GLU B 288 -2.79 30.63 -37.53
C GLU B 288 -4.14 30.15 -37.03
N GLU B 289 -4.61 29.05 -37.60
CA GLU B 289 -5.86 28.45 -37.14
C GLU B 289 -5.65 27.61 -35.90
N LEU B 290 -4.62 26.76 -35.89
CA LEU B 290 -4.32 25.89 -34.75
C LEU B 290 -2.88 26.11 -34.34
N SER B 291 -2.69 26.69 -33.15
CA SER B 291 -1.36 26.85 -32.60
C SER B 291 -0.79 25.48 -32.21
N PHE B 292 0.54 25.45 -32.05
CA PHE B 292 1.20 24.21 -31.64
C PHE B 292 0.82 23.83 -30.22
N LEU B 293 0.77 24.81 -29.32
CA LEU B 293 0.38 24.56 -27.93
C LEU B 293 -1.09 24.17 -27.83
N GLU B 294 -1.94 24.70 -28.70
CA GLU B 294 -3.34 24.31 -28.71
C GLU B 294 -3.54 22.93 -29.31
N LEU B 295 -2.73 22.57 -30.31
CA LEU B 295 -2.90 21.28 -30.97
C LEU B 295 -2.33 20.15 -30.12
N VAL B 296 -1.27 20.41 -29.36
CA VAL B 296 -0.58 19.34 -28.64
C VAL B 296 -1.42 18.83 -27.47
N VAL B 297 -2.38 19.62 -26.98
CA VAL B 297 -3.20 19.18 -25.87
C VAL B 297 -4.45 18.47 -26.34
N SER B 298 -4.76 18.52 -27.63
CA SER B 298 -6.03 18.04 -28.16
C SER B 298 -5.92 16.67 -28.82
N SER B 299 -4.80 15.98 -28.67
CA SER B 299 -4.69 14.67 -29.29
C SER B 299 -5.39 13.60 -28.45
N LYS B 300 -5.81 12.54 -29.13
CA LYS B 300 -6.37 11.39 -28.45
C LYS B 300 -5.31 10.46 -27.89
N LYS B 301 -4.05 10.65 -28.28
CA LYS B 301 -2.97 9.82 -27.78
C LYS B 301 -2.67 10.17 -26.33
N ARG B 302 -2.34 9.14 -25.54
CA ARG B 302 -2.08 9.30 -24.12
C ARG B 302 -0.61 9.52 -23.82
N GLU B 303 0.16 10.06 -24.78
CA GLU B 303 1.54 10.43 -24.56
C GLU B 303 1.82 11.88 -24.85
N ALA B 304 0.83 12.63 -25.32
CA ALA B 304 1.04 14.05 -25.63
C ALA B 304 1.19 14.86 -24.35
N ARG B 305 0.64 14.38 -23.24
CA ARG B 305 0.67 15.12 -21.99
C ARG B 305 2.06 15.18 -21.38
N GLN B 306 2.92 14.22 -21.68
CA GLN B 306 4.25 14.20 -21.08
C GLN B 306 5.19 15.21 -21.74
N ILE B 307 4.79 15.81 -22.87
CA ILE B 307 5.64 16.78 -23.55
C ILE B 307 5.73 18.09 -22.79
N LEU B 308 4.82 18.35 -21.86
CA LEU B 308 4.74 19.66 -21.23
C LEU B 308 5.73 19.87 -20.11
N GLU B 309 6.39 18.82 -19.63
CA GLU B 309 7.43 18.97 -18.63
C GLU B 309 8.81 19.18 -19.25
N GLN B 310 8.92 19.17 -20.57
CA GLN B 310 10.14 19.62 -21.21
C GLN B 310 10.26 21.13 -21.07
N THR B 311 11.50 21.60 -20.90
CA THR B 311 11.78 23.00 -20.56
C THR B 311 11.20 24.07 -21.49
N PRO B 312 11.38 24.04 -22.83
CA PRO B 312 11.13 25.26 -23.61
C PRO B 312 9.67 25.59 -23.81
N VAL B 313 8.74 24.75 -23.34
CA VAL B 313 7.33 25.11 -23.34
C VAL B 313 6.89 25.28 -21.89
N LYS B 314 7.59 24.60 -20.97
CA LYS B 314 7.20 24.63 -19.56
C LYS B 314 7.46 25.99 -18.94
N GLU B 315 8.62 26.57 -19.25
CA GLU B 315 8.94 27.90 -18.72
C GLU B 315 7.96 28.95 -19.23
N LEU B 316 7.56 28.85 -20.50
CA LEU B 316 6.62 29.80 -21.08
C LEU B 316 5.24 29.66 -20.46
N VAL B 317 4.75 28.43 -20.30
CA VAL B 317 3.41 28.28 -19.75
C VAL B 317 3.40 28.60 -18.25
N SER B 318 4.52 28.40 -17.55
CA SER B 318 4.54 28.78 -16.15
C SER B 318 4.64 30.28 -15.98
N PHE B 319 5.34 30.97 -16.88
CA PHE B 319 5.33 32.43 -16.87
C PHE B 319 3.94 32.98 -17.14
N LYS B 320 3.23 32.39 -18.10
CA LYS B 320 1.88 32.84 -18.41
C LYS B 320 0.91 32.58 -17.25
N TRP B 321 1.02 31.40 -16.62
CA TRP B 321 0.13 31.10 -15.50
C TRP B 321 0.49 31.88 -14.24
N LYS B 322 1.75 32.28 -14.08
CA LYS B 322 2.11 33.07 -12.91
C LYS B 322 1.75 34.54 -13.08
N LYS B 323 1.76 35.05 -14.30
CA LYS B 323 1.41 36.45 -14.47
C LYS B 323 -0.08 36.65 -14.79
N TYR B 324 -0.56 36.08 -15.90
CA TYR B 324 -1.87 36.46 -16.41
C TYR B 324 -2.82 35.29 -16.57
N GLY B 325 -2.50 34.15 -15.98
CA GLY B 325 -3.45 33.05 -15.97
C GLY B 325 -4.52 33.23 -14.90
N ARG B 326 -4.09 33.18 -13.64
CA ARG B 326 -5.02 33.33 -12.53
C ARG B 326 -5.71 34.68 -12.41
N PRO B 327 -5.06 35.87 -12.61
CA PRO B 327 -5.82 37.12 -12.41
C PRO B 327 -6.86 37.46 -13.47
N TYR B 328 -7.14 36.56 -14.40
CA TYR B 328 -8.35 36.62 -15.20
C TYR B 328 -9.33 35.50 -14.87
N PHE B 329 -8.80 34.30 -14.64
CA PHE B 329 -9.63 33.14 -14.33
C PHE B 329 -10.36 33.31 -13.00
N CYS B 330 -9.66 33.80 -11.99
CA CYS B 330 -10.27 33.92 -10.66
C CYS B 330 -11.35 34.99 -10.63
N VAL B 331 -11.15 36.10 -11.35
CA VAL B 331 -12.18 37.13 -11.32
C VAL B 331 -13.37 36.72 -12.18
N LEU B 332 -13.14 35.98 -13.28
CA LEU B 332 -14.28 35.44 -14.03
C LEU B 332 -15.02 34.39 -13.21
N ALA B 333 -14.31 33.62 -12.39
CA ALA B 333 -14.96 32.65 -11.51
C ALA B 333 -15.77 33.34 -10.42
N SER B 334 -15.25 34.45 -9.88
CA SER B 334 -16.00 35.20 -8.88
C SER B 334 -17.27 35.81 -9.48
N LEU B 335 -17.19 36.31 -10.71
CA LEU B 335 -18.39 36.83 -11.36
C LEU B 335 -19.39 35.73 -11.69
N TYR B 336 -18.92 34.53 -12.04
CA TYR B 336 -19.83 33.42 -12.26
C TYR B 336 -20.49 32.96 -10.96
N ILE B 337 -19.73 32.99 -9.85
CA ILE B 337 -20.29 32.72 -8.53
C ILE B 337 -21.39 33.72 -8.19
N LEU B 338 -21.16 35.00 -8.49
CA LEU B 338 -22.16 36.02 -8.21
C LEU B 338 -23.39 35.84 -9.10
N TYR B 339 -23.19 35.47 -10.37
CA TYR B 339 -24.32 35.22 -11.27
C TYR B 339 -25.15 34.02 -10.81
N MET B 340 -24.48 32.95 -10.37
CA MET B 340 -25.21 31.76 -9.94
C MET B 340 -25.94 32.00 -8.62
N ILE B 341 -25.34 32.77 -7.71
CA ILE B 341 -26.05 33.04 -6.48
C ILE B 341 -27.18 34.04 -6.71
N CYS B 342 -27.06 34.91 -7.72
CA CYS B 342 -28.18 35.77 -8.09
C CYS B 342 -29.31 34.96 -8.69
N PHE B 343 -28.97 33.94 -9.49
CA PHE B 343 -29.98 33.05 -10.06
C PHE B 343 -30.71 32.28 -8.96
N THR B 344 -29.97 31.77 -7.98
CA THR B 344 -30.64 30.97 -6.96
C THR B 344 -31.46 31.85 -6.00
N THR B 345 -31.01 33.08 -5.72
CA THR B 345 -31.83 33.95 -4.88
C THR B 345 -32.97 34.59 -5.66
N CYS B 346 -32.94 34.53 -6.99
CA CYS B 346 -34.10 34.92 -7.76
C CYS B 346 -35.10 33.78 -7.87
N CYS B 347 -34.61 32.55 -8.01
CA CYS B 347 -35.50 31.42 -8.15
C CYS B 347 -36.12 31.02 -6.82
N ILE B 348 -35.50 31.35 -5.69
CA ILE B 348 -36.09 31.03 -4.39
C ILE B 348 -37.36 31.83 -4.10
N TYR B 349 -37.58 32.94 -4.80
CA TYR B 349 -38.81 33.72 -4.62
C TYR B 349 -39.82 33.36 -5.71
N ARG B 350 -40.18 32.09 -5.76
CA ARG B 350 -41.19 31.66 -6.71
C ARG B 350 -42.56 32.14 -6.25
N PRO B 351 -43.37 32.71 -7.14
CA PRO B 351 -44.68 33.25 -6.71
C PRO B 351 -45.65 32.15 -6.33
N LEU B 352 -46.76 32.57 -5.72
CA LEU B 352 -47.65 31.64 -5.06
C LEU B 352 -49.11 31.94 -5.38
N LYS B 353 -49.94 30.92 -5.20
CA LYS B 353 -51.38 31.04 -5.13
C LYS B 353 -51.89 29.91 -4.25
N LEU B 354 -52.90 30.20 -3.45
CA LEU B 354 -53.42 29.22 -2.50
C LEU B 354 -54.25 28.17 -3.24
N ARG B 355 -54.68 27.15 -2.50
CA ARG B 355 -55.40 26.04 -3.10
C ARG B 355 -56.82 26.44 -3.47
N ASP B 356 -57.33 25.83 -4.53
CA ASP B 356 -58.67 26.11 -5.05
C ASP B 356 -59.62 24.93 -4.92
N ASP B 357 -59.19 23.72 -5.28
CA ASP B 357 -59.98 22.52 -5.08
C ASP B 357 -59.64 21.91 -3.73
N ASN B 358 -60.63 21.27 -3.11
CA ASN B 358 -60.45 20.71 -1.78
C ASN B 358 -59.64 19.42 -1.84
N ARG B 359 -59.30 18.89 -0.67
CA ARG B 359 -58.43 17.73 -0.57
C ARG B 359 -59.13 16.58 0.15
N THR B 360 -60.34 16.24 -0.28
CA THR B 360 -61.15 15.21 0.38
C THR B 360 -60.69 13.79 -0.01
N ASP B 361 -59.41 13.53 0.24
CA ASP B 361 -58.70 12.27 0.13
C ASP B 361 -57.45 12.47 0.97
N PRO B 362 -57.16 11.59 1.93
CA PRO B 362 -56.25 11.95 3.03
C PRO B 362 -54.79 12.10 2.63
N ARG B 363 -54.43 11.76 1.40
CA ARG B 363 -53.05 11.88 0.93
C ARG B 363 -52.94 12.94 -0.16
N ASP B 364 -53.63 14.06 0.01
CA ASP B 364 -53.58 15.17 -0.94
C ASP B 364 -52.96 16.35 -0.19
N ILE B 365 -51.64 16.46 -0.22
CA ILE B 365 -50.97 17.63 0.32
C ILE B 365 -50.37 18.42 -0.82
N THR B 366 -51.13 19.38 -1.34
CA THR B 366 -50.66 20.34 -2.35
C THR B 366 -51.18 21.70 -1.91
N ILE B 367 -50.43 22.38 -1.05
CA ILE B 367 -50.94 23.57 -0.38
C ILE B 367 -50.66 24.85 -1.15
N LEU B 368 -49.86 24.79 -2.22
CA LEU B 368 -49.64 25.93 -3.09
C LEU B 368 -49.92 25.56 -4.54
N GLN B 369 -49.87 26.58 -5.40
CA GLN B 369 -50.02 26.43 -6.84
C GLN B 369 -49.36 27.64 -7.48
N GLN B 370 -49.02 27.51 -8.76
CA GLN B 370 -48.40 28.61 -9.50
C GLN B 370 -49.48 29.45 -10.16
N LYS B 371 -49.49 30.74 -9.86
CA LYS B 371 -50.54 31.64 -10.34
C LYS B 371 -50.30 32.06 -11.78
N LEU B 372 -51.18 32.92 -12.28
CA LEU B 372 -51.17 33.31 -13.68
C LEU B 372 -50.06 34.32 -13.95
N LEU B 373 -49.85 34.60 -15.24
CA LEU B 373 -48.78 35.50 -15.67
C LEU B 373 -49.09 36.97 -15.38
N GLN B 374 -50.35 37.29 -15.11
CA GLN B 374 -50.75 38.69 -14.96
C GLN B 374 -50.32 39.30 -13.65
N GLU B 375 -49.98 38.49 -12.65
CA GLU B 375 -49.69 38.99 -11.31
C GLU B 375 -48.21 39.01 -10.97
N ALA B 376 -47.34 38.65 -11.92
CA ALA B 376 -45.90 38.75 -11.64
C ALA B 376 -45.43 40.19 -11.65
N TYR B 377 -46.12 41.06 -12.40
CA TYR B 377 -45.83 42.48 -12.41
C TYR B 377 -46.86 43.30 -11.63
N VAL B 378 -47.69 42.65 -10.82
CA VAL B 378 -48.67 43.37 -10.02
C VAL B 378 -48.01 43.96 -8.78
N THR B 379 -47.18 43.17 -8.10
CA THR B 379 -46.52 43.63 -6.90
C THR B 379 -45.25 44.39 -7.24
N HIS B 380 -44.99 45.46 -6.49
CA HIS B 380 -43.80 46.27 -6.68
C HIS B 380 -42.59 45.74 -5.95
N GLN B 381 -42.73 44.64 -5.20
CA GLN B 381 -41.61 43.95 -4.58
C GLN B 381 -41.13 42.77 -5.39
N ASP B 382 -41.37 42.79 -6.71
CA ASP B 382 -40.93 41.72 -7.60
C ASP B 382 -40.35 42.25 -8.91
N ASN B 383 -40.23 43.56 -9.08
CA ASN B 383 -39.60 44.09 -10.29
C ASN B 383 -38.12 43.72 -10.34
N ILE B 384 -37.44 43.78 -9.20
CA ILE B 384 -36.06 43.34 -9.16
C ILE B 384 -35.96 41.82 -9.29
N ARG B 385 -37.02 41.09 -8.94
CA ARG B 385 -37.04 39.65 -9.17
C ARG B 385 -37.15 39.33 -10.66
N LEU B 386 -37.98 40.09 -11.37
CA LEU B 386 -38.03 39.95 -12.82
C LEU B 386 -36.73 40.40 -13.48
N VAL B 387 -36.04 41.39 -12.89
CA VAL B 387 -34.71 41.77 -13.34
C VAL B 387 -33.73 40.62 -13.17
N GLY B 388 -33.84 39.90 -12.05
CA GLY B 388 -33.00 38.73 -11.83
C GLY B 388 -33.30 37.60 -12.80
N GLU B 389 -34.57 37.40 -13.12
CA GLU B 389 -34.94 36.42 -14.14
C GLU B 389 -34.40 36.83 -15.51
N LEU B 390 -34.41 38.13 -15.80
CA LEU B 390 -33.85 38.63 -17.06
C LEU B 390 -32.34 38.41 -17.12
N VAL B 391 -31.63 38.62 -16.00
CA VAL B 391 -30.18 38.45 -16.05
C VAL B 391 -29.84 36.96 -16.09
N THR B 392 -30.70 36.09 -15.54
CA THR B 392 -30.51 34.65 -15.69
C THR B 392 -30.65 34.23 -17.14
N VAL B 393 -31.70 34.68 -17.82
CA VAL B 393 -31.90 34.26 -19.19
C VAL B 393 -30.89 34.92 -20.12
N THR B 394 -30.37 36.11 -19.76
CA THR B 394 -29.34 36.73 -20.56
C THR B 394 -28.01 35.99 -20.40
N GLY B 395 -27.71 35.53 -19.19
CA GLY B 395 -26.52 34.72 -18.99
C GLY B 395 -26.59 33.39 -19.72
N ALA B 396 -27.79 32.79 -19.76
CA ALA B 396 -27.95 31.54 -20.50
C ALA B 396 -27.79 31.76 -22.00
N VAL B 397 -28.34 32.85 -22.53
CA VAL B 397 -28.20 33.15 -23.95
C VAL B 397 -26.75 33.46 -24.30
N ILE B 398 -26.04 34.19 -23.42
CA ILE B 398 -24.66 34.53 -23.74
C ILE B 398 -23.73 33.33 -23.58
N ILE B 399 -24.06 32.39 -22.68
CA ILE B 399 -23.18 31.23 -22.57
C ILE B 399 -23.46 30.25 -23.72
N LEU B 400 -24.69 30.21 -24.23
CA LEU B 400 -24.97 29.43 -25.43
C LEU B 400 -24.28 30.04 -26.66
N LEU B 401 -24.31 31.37 -26.76
CA LEU B 401 -23.69 32.03 -27.90
C LEU B 401 -22.16 31.97 -27.83
N LEU B 402 -21.60 31.84 -26.62
CA LEU B 402 -20.16 31.61 -26.53
C LEU B 402 -19.81 30.18 -26.90
N GLU B 403 -20.56 29.19 -26.40
CA GLU B 403 -20.16 27.80 -26.58
C GLU B 403 -20.61 27.20 -27.91
N ILE B 404 -21.45 27.89 -28.69
CA ILE B 404 -21.84 27.37 -30.00
C ILE B 404 -20.67 27.29 -30.99
N PRO B 405 -19.78 28.29 -31.14
CA PRO B 405 -18.60 28.06 -31.99
C PRO B 405 -17.54 27.19 -31.33
N ASP B 406 -17.63 26.95 -30.03
CA ASP B 406 -16.67 26.09 -29.34
C ASP B 406 -16.97 24.60 -29.51
N ILE B 407 -17.94 24.24 -30.35
CA ILE B 407 -18.26 22.84 -30.59
C ILE B 407 -17.64 22.30 -31.88
N PHE B 408 -17.14 23.18 -32.75
CA PHE B 408 -16.63 22.77 -34.05
C PHE B 408 -15.16 23.11 -34.25
N ARG B 409 -14.45 23.44 -33.18
CA ARG B 409 -13.03 23.77 -33.33
C ARG B 409 -12.20 22.52 -33.56
N VAL B 410 -12.20 21.61 -32.59
CA VAL B 410 -11.61 20.28 -32.75
C VAL B 410 -12.82 19.37 -32.58
N GLY B 411 -12.64 18.05 -32.66
CA GLY B 411 -13.75 17.13 -32.85
C GLY B 411 -14.70 17.05 -31.67
N ALA B 412 -15.83 16.38 -31.94
CA ALA B 412 -16.89 16.25 -30.97
C ALA B 412 -16.44 15.41 -29.78
N SER B 413 -15.80 14.28 -30.03
CA SER B 413 -15.24 13.51 -28.93
C SER B 413 -13.96 14.11 -28.40
N ARG B 414 -13.32 15.00 -29.16
CA ARG B 414 -12.20 15.76 -28.62
C ARG B 414 -12.66 16.84 -27.65
N TYR B 415 -13.92 17.26 -27.74
CA TYR B 415 -14.47 18.27 -26.86
C TYR B 415 -15.40 17.71 -25.79
N PHE B 416 -15.88 16.47 -25.95
CA PHE B 416 -16.83 15.90 -25.00
C PHE B 416 -16.24 14.92 -23.99
N GLY B 417 -15.10 14.31 -24.29
CA GLY B 417 -14.65 13.24 -23.43
C GLY B 417 -13.22 13.40 -22.97
N GLN B 418 -12.53 14.38 -23.52
CA GLN B 418 -11.15 14.65 -23.13
C GLN B 418 -11.18 15.34 -21.78
N THR B 419 -10.74 14.63 -20.75
CA THR B 419 -10.67 15.18 -19.39
C THR B 419 -9.69 16.33 -19.28
N ILE B 420 -8.75 16.45 -20.23
CA ILE B 420 -7.86 17.59 -20.25
C ILE B 420 -8.63 18.86 -20.58
N LEU B 421 -9.45 18.82 -21.63
CA LEU B 421 -10.18 20.01 -22.02
C LEU B 421 -11.44 20.23 -21.19
N GLY B 422 -11.99 19.19 -20.59
CA GLY B 422 -13.14 19.38 -19.71
C GLY B 422 -14.49 19.13 -20.36
N GLY B 423 -14.62 17.99 -21.01
CA GLY B 423 -15.85 17.57 -21.65
C GLY B 423 -17.08 17.44 -20.77
N PRO B 424 -17.00 16.64 -19.70
CA PRO B 424 -18.12 16.54 -18.77
C PRO B 424 -18.37 17.77 -17.90
N PHE B 425 -17.68 18.88 -18.13
CA PHE B 425 -18.18 20.17 -17.69
C PHE B 425 -18.87 20.94 -18.80
N HIS B 426 -18.40 20.79 -20.03
CA HIS B 426 -19.02 21.47 -21.17
C HIS B 426 -20.44 20.96 -21.42
N VAL B 427 -20.64 19.65 -21.29
CA VAL B 427 -21.97 19.11 -21.59
C VAL B 427 -22.98 19.51 -20.53
N ILE B 428 -22.55 19.57 -19.26
CA ILE B 428 -23.52 19.98 -18.24
C ILE B 428 -23.75 21.48 -18.30
N ILE B 429 -22.77 22.27 -18.76
CA ILE B 429 -23.01 23.70 -18.93
C ILE B 429 -24.01 23.95 -20.05
N ILE B 430 -23.86 23.26 -21.18
CA ILE B 430 -24.79 23.50 -22.28
C ILE B 430 -26.17 22.90 -21.97
N THR B 431 -26.24 21.83 -21.17
CA THR B 431 -27.53 21.29 -20.77
C THR B 431 -28.24 22.23 -19.80
N TYR B 432 -27.49 22.84 -18.89
CA TYR B 432 -28.06 23.83 -17.98
C TYR B 432 -28.59 25.04 -18.73
N ALA B 433 -27.85 25.49 -19.76
CA ALA B 433 -28.28 26.63 -20.54
C ALA B 433 -29.56 26.32 -21.32
N SER B 434 -29.61 25.15 -21.96
CA SER B 434 -30.79 24.78 -22.74
C SER B 434 -32.01 24.56 -21.86
N LEU B 435 -31.82 24.01 -20.66
CA LEU B 435 -32.96 23.77 -19.79
C LEU B 435 -33.46 25.05 -19.14
N VAL B 436 -32.57 26.00 -18.85
CA VAL B 436 -33.03 27.31 -18.39
C VAL B 436 -33.79 28.03 -19.48
N LEU B 437 -33.35 27.89 -20.74
CA LEU B 437 -34.10 28.48 -21.86
C LEU B 437 -35.49 27.85 -21.99
N LEU B 438 -35.58 26.52 -21.85
CA LEU B 438 -36.87 25.85 -21.94
C LEU B 438 -37.80 26.26 -20.79
N THR B 439 -37.28 26.34 -19.57
CA THR B 439 -38.16 26.71 -18.48
C THR B 439 -38.52 28.20 -18.52
N MET B 440 -37.69 29.05 -19.13
CA MET B 440 -38.08 30.45 -19.26
C MET B 440 -39.16 30.63 -20.32
N VAL B 441 -39.08 29.88 -21.43
CA VAL B 441 -40.16 29.99 -22.41
C VAL B 441 -41.42 29.30 -21.90
N MET B 442 -41.30 28.32 -20.99
CA MET B 442 -42.49 27.75 -20.37
C MET B 442 -43.12 28.74 -19.39
N ARG B 443 -42.31 29.51 -18.67
CA ARG B 443 -42.83 30.55 -17.80
C ARG B 443 -43.52 31.65 -18.62
N LEU B 444 -42.94 32.02 -19.76
CA LEU B 444 -43.56 33.02 -20.62
C LEU B 444 -44.81 32.51 -21.32
N THR B 445 -44.95 31.20 -21.49
CA THR B 445 -46.16 30.62 -22.06
C THR B 445 -47.22 30.32 -21.00
N ASN B 446 -46.82 30.29 -19.72
CA ASN B 446 -47.71 30.13 -18.56
C ASN B 446 -48.48 28.81 -18.62
N MET B 447 -47.72 27.73 -18.49
CA MET B 447 -48.26 26.40 -18.30
C MET B 447 -47.98 25.91 -16.88
N ASN B 448 -48.79 24.95 -16.46
CA ASN B 448 -48.66 24.42 -15.11
C ASN B 448 -47.48 23.45 -15.01
N GLY B 449 -47.02 23.25 -13.77
CA GLY B 449 -45.96 22.31 -13.51
C GLY B 449 -44.61 22.76 -14.04
N GLU B 450 -44.09 23.86 -13.52
CA GLU B 450 -42.84 24.41 -14.00
C GLU B 450 -41.63 23.99 -13.19
N VAL B 451 -41.82 23.39 -12.01
CA VAL B 451 -40.72 23.12 -11.10
C VAL B 451 -39.86 21.95 -11.55
N VAL B 452 -40.38 21.11 -12.44
CA VAL B 452 -39.72 19.88 -12.88
C VAL B 452 -38.46 20.21 -13.67
N PRO B 453 -38.43 21.18 -14.62
CA PRO B 453 -37.12 21.63 -15.08
C PRO B 453 -36.41 22.57 -14.13
N LEU B 454 -37.12 23.26 -13.23
CA LEU B 454 -36.47 24.27 -12.38
C LEU B 454 -35.47 23.65 -11.41
N SER B 455 -35.90 22.63 -10.65
CA SER B 455 -35.00 22.02 -9.68
C SER B 455 -33.82 21.32 -10.37
N PHE B 456 -34.10 20.71 -11.53
CA PHE B 456 -33.08 19.99 -12.26
C PHE B 456 -32.04 20.94 -12.83
N ALA B 457 -32.48 22.05 -13.43
CA ALA B 457 -31.55 23.06 -13.93
C ALA B 457 -30.82 23.75 -12.80
N LEU B 458 -31.46 23.89 -11.63
CA LEU B 458 -30.80 24.54 -10.50
C LEU B 458 -29.66 23.70 -9.96
N VAL B 459 -29.89 22.40 -9.79
CA VAL B 459 -28.80 21.55 -9.29
C VAL B 459 -27.71 21.38 -10.35
N LEU B 460 -28.08 21.39 -11.65
CA LEU B 460 -27.05 21.31 -12.68
C LEU B 460 -26.19 22.57 -12.74
N GLY B 461 -26.82 23.74 -12.69
CA GLY B 461 -26.07 24.98 -12.70
C GLY B 461 -25.25 25.19 -11.45
N TRP B 462 -25.67 24.64 -10.32
CA TRP B 462 -24.82 24.79 -9.14
C TRP B 462 -23.68 23.78 -9.11
N CYS B 463 -23.86 22.58 -9.66
CA CYS B 463 -22.70 21.72 -9.81
C CYS B 463 -21.79 22.14 -10.97
N SER B 464 -22.25 23.06 -11.82
CA SER B 464 -21.37 23.66 -12.83
C SER B 464 -20.23 24.49 -12.26
N VAL B 465 -20.26 24.85 -10.97
CA VAL B 465 -19.15 25.58 -10.37
C VAL B 465 -17.90 24.72 -10.30
N MET B 466 -18.05 23.39 -10.22
CA MET B 466 -16.96 22.45 -10.03
C MET B 466 -15.96 22.44 -11.20
N TYR B 467 -16.30 23.04 -12.34
CA TYR B 467 -15.30 23.26 -13.40
C TYR B 467 -14.22 24.22 -12.94
N PHE B 468 -14.54 25.17 -12.07
CA PHE B 468 -13.62 26.22 -11.66
C PHE B 468 -12.65 25.79 -10.59
N ALA B 469 -12.43 24.49 -10.42
CA ALA B 469 -11.44 24.00 -9.46
C ALA B 469 -10.14 23.64 -10.17
N ARG B 470 -9.77 24.38 -11.20
CA ARG B 470 -8.49 24.18 -11.85
C ARG B 470 -7.47 25.21 -11.43
N GLY B 471 -7.88 26.31 -10.80
CA GLY B 471 -6.97 27.37 -10.44
C GLY B 471 -6.61 27.35 -8.97
N PHE B 472 -6.65 26.17 -8.36
CA PHE B 472 -6.29 25.99 -6.96
C PHE B 472 -5.41 24.76 -6.85
N GLN B 473 -4.25 24.90 -6.21
CA GLN B 473 -3.35 23.76 -6.05
C GLN B 473 -3.95 22.71 -5.12
N MET B 474 -4.79 23.13 -4.17
CA MET B 474 -5.48 22.16 -3.32
C MET B 474 -6.63 21.51 -4.07
N LEU B 475 -7.40 22.29 -4.82
CA LEU B 475 -8.62 21.78 -5.44
C LEU B 475 -8.39 21.16 -6.81
N GLY B 476 -7.14 21.11 -7.27
CA GLY B 476 -6.82 20.48 -8.53
C GLY B 476 -7.05 18.99 -8.61
N PRO B 477 -6.23 18.19 -7.91
CA PRO B 477 -6.26 16.74 -8.14
C PRO B 477 -7.50 16.06 -7.60
N PHE B 478 -8.21 16.69 -6.67
CA PHE B 478 -9.35 16.03 -6.03
C PHE B 478 -10.54 15.90 -6.99
N THR B 479 -10.82 16.95 -7.76
CA THR B 479 -11.88 16.87 -8.75
C THR B 479 -11.52 15.95 -9.90
N ILE B 480 -10.24 15.89 -10.26
CA ILE B 480 -9.84 15.00 -11.34
C ILE B 480 -9.89 13.56 -10.86
N MET B 481 -9.65 13.34 -9.57
CA MET B 481 -9.84 12.02 -8.98
C MET B 481 -11.30 11.62 -9.01
N ILE B 482 -12.22 12.54 -8.69
CA ILE B 482 -13.63 12.15 -8.70
C ILE B 482 -14.13 11.94 -10.13
N GLN B 483 -13.57 12.67 -11.10
CA GLN B 483 -13.94 12.49 -12.50
C GLN B 483 -13.42 11.17 -13.04
N LYS B 484 -12.23 10.77 -12.63
CA LYS B 484 -11.75 9.44 -12.96
C LYS B 484 -12.57 8.37 -12.25
N MET B 485 -12.95 8.62 -10.99
CA MET B 485 -13.48 7.58 -10.13
C MET B 485 -14.89 7.18 -10.48
N ILE B 486 -15.72 8.14 -10.94
CA ILE B 486 -17.09 7.82 -11.35
C ILE B 486 -17.09 6.77 -12.44
N PHE B 487 -16.53 7.10 -13.60
CA PHE B 487 -16.49 6.19 -14.74
C PHE B 487 -15.42 5.11 -14.59
N GLY B 488 -14.63 5.10 -13.53
CA GLY B 488 -13.82 3.93 -13.26
C GLY B 488 -14.55 2.85 -12.50
N ASP B 489 -15.20 3.19 -11.38
CA ASP B 489 -15.71 2.16 -10.50
C ASP B 489 -17.15 2.35 -10.03
N LEU B 490 -17.69 3.58 -10.04
CA LEU B 490 -19.04 3.74 -9.54
C LEU B 490 -20.04 3.15 -10.52
N MET B 491 -19.68 3.14 -11.80
CA MET B 491 -20.46 2.44 -12.82
C MET B 491 -20.57 0.96 -12.51
N ARG B 492 -19.44 0.33 -12.17
CA ARG B 492 -19.43 -1.10 -11.83
C ARG B 492 -20.23 -1.36 -10.56
N PHE B 493 -20.07 -0.51 -9.56
CA PHE B 493 -20.78 -0.73 -8.31
C PHE B 493 -22.28 -0.53 -8.47
N CYS B 494 -22.71 0.43 -9.28
CA CYS B 494 -24.15 0.59 -9.53
C CYS B 494 -24.70 -0.55 -10.36
N TRP B 495 -23.93 -1.03 -11.36
CA TRP B 495 -24.38 -2.14 -12.19
C TRP B 495 -24.49 -3.43 -11.41
N LEU B 496 -23.68 -3.60 -10.37
CA LEU B 496 -23.85 -4.80 -9.57
C LEU B 496 -24.83 -4.60 -8.41
N MET B 497 -25.06 -3.36 -7.99
CA MET B 497 -26.03 -3.11 -6.93
C MET B 497 -27.46 -3.21 -7.45
N ALA B 498 -27.67 -2.91 -8.72
CA ALA B 498 -29.03 -2.82 -9.27
C ALA B 498 -29.73 -4.16 -9.25
N VAL B 499 -29.02 -5.24 -9.59
CA VAL B 499 -29.67 -6.55 -9.68
C VAL B 499 -30.02 -7.08 -8.29
N VAL B 500 -29.15 -6.85 -7.31
CA VAL B 500 -29.41 -7.28 -5.93
C VAL B 500 -30.58 -6.49 -5.35
N ILE B 501 -30.65 -5.19 -5.65
CA ILE B 501 -31.72 -4.39 -5.07
C ILE B 501 -33.05 -4.72 -5.77
N LEU B 502 -33.01 -5.06 -7.05
CA LEU B 502 -34.23 -5.40 -7.76
C LEU B 502 -34.75 -6.76 -7.32
N GLY B 503 -33.86 -7.66 -6.91
CA GLY B 503 -34.32 -8.91 -6.33
C GLY B 503 -34.92 -8.71 -4.95
N PHE B 504 -34.21 -7.98 -4.09
CA PHE B 504 -34.62 -7.93 -2.70
C PHE B 504 -35.87 -7.09 -2.49
N ALA B 505 -36.10 -6.08 -3.33
CA ALA B 505 -37.33 -5.30 -3.22
C ALA B 505 -38.55 -6.14 -3.58
N SER B 506 -38.45 -6.93 -4.64
CA SER B 506 -39.54 -7.81 -5.01
C SER B 506 -39.79 -8.87 -3.95
N ALA B 507 -38.71 -9.36 -3.33
CA ALA B 507 -38.86 -10.33 -2.24
C ALA B 507 -39.60 -9.74 -1.05
N PHE B 508 -39.21 -8.52 -0.64
CA PHE B 508 -39.87 -7.88 0.49
C PHE B 508 -41.33 -7.53 0.17
N HIS B 509 -41.61 -7.14 -1.08
CA HIS B 509 -42.98 -6.78 -1.42
C HIS B 509 -43.88 -8.01 -1.48
N ILE B 510 -43.35 -9.14 -1.93
CA ILE B 510 -44.12 -10.38 -1.92
C ILE B 510 -44.39 -10.82 -0.48
N THR B 511 -43.40 -10.67 0.40
CA THR B 511 -43.61 -11.06 1.78
C THR B 511 -44.50 -10.10 2.55
N PHE B 512 -44.65 -8.85 2.08
CA PHE B 512 -45.47 -7.89 2.82
C PHE B 512 -46.77 -7.51 2.12
N GLN B 513 -47.10 -8.10 0.98
CA GLN B 513 -48.42 -7.85 0.42
C GLN B 513 -49.54 -8.52 1.20
N THR B 514 -49.23 -9.46 2.09
CA THR B 514 -50.21 -10.02 3.00
C THR B 514 -50.29 -9.25 4.30
N GLU B 515 -49.77 -8.03 4.35
CA GLU B 515 -49.66 -7.27 5.59
C GLU B 515 -50.36 -5.92 5.42
N ASP B 516 -51.04 -5.48 6.46
CA ASP B 516 -51.76 -4.23 6.38
C ASP B 516 -50.79 -3.05 6.51
N PRO B 517 -50.89 -2.05 5.64
CA PRO B 517 -49.90 -0.95 5.63
C PRO B 517 -50.19 0.19 6.59
N ASN B 518 -51.30 0.17 7.33
CA ASN B 518 -51.60 1.28 8.21
C ASN B 518 -50.78 1.27 9.49
N ASN B 519 -50.11 0.17 9.81
CA ASN B 519 -49.20 0.09 10.93
C ASN B 519 -47.75 -0.04 10.49
N LEU B 520 -47.45 -1.06 9.67
CA LEU B 520 -46.15 -1.16 9.02
C LEU B 520 -46.24 -0.35 7.73
N GLY B 521 -45.77 0.90 7.80
CA GLY B 521 -45.96 1.83 6.70
C GLY B 521 -45.14 1.51 5.46
N GLU B 522 -43.92 1.03 5.67
CA GLU B 522 -43.02 0.75 4.57
C GLU B 522 -43.52 -0.42 3.73
N PHE B 523 -43.04 -0.46 2.47
CA PHE B 523 -43.39 -1.47 1.47
C PHE B 523 -44.89 -1.54 1.24
N SER B 524 -45.52 -0.37 1.09
CA SER B 524 -46.95 -0.33 0.78
C SER B 524 -47.19 -0.79 -0.65
N ASP B 525 -46.63 -0.09 -1.62
CA ASP B 525 -46.67 -0.48 -3.01
C ASP B 525 -45.26 -0.75 -3.50
N TYR B 526 -45.17 -1.29 -4.72
CA TYR B 526 -43.88 -1.74 -5.25
C TYR B 526 -42.83 -0.66 -5.47
N PRO B 527 -43.12 0.54 -6.02
CA PRO B 527 -42.03 1.51 -6.17
C PRO B 527 -41.49 2.06 -4.86
N THR B 528 -42.34 2.31 -3.87
CA THR B 528 -41.80 2.77 -2.60
C THR B 528 -41.11 1.64 -1.86
N ALA B 529 -41.46 0.39 -2.16
CA ALA B 529 -40.70 -0.74 -1.62
C ALA B 529 -39.30 -0.80 -2.24
N LEU B 530 -39.23 -0.53 -3.54
CA LEU B 530 -37.93 -0.43 -4.23
C LEU B 530 -37.08 0.68 -3.61
N PHE B 531 -37.69 1.83 -3.37
CA PHE B 531 -36.96 2.95 -2.80
C PHE B 531 -36.53 2.68 -1.37
N SER B 532 -37.38 2.02 -0.58
CA SER B 532 -37.02 1.70 0.79
C SER B 532 -35.91 0.67 0.86
N THR B 533 -35.89 -0.27 -0.09
CA THR B 533 -34.77 -1.22 -0.12
C THR B 533 -33.49 -0.53 -0.54
N PHE B 534 -33.58 0.43 -1.47
CA PHE B 534 -32.40 1.22 -1.85
C PHE B 534 -31.86 2.01 -0.66
N GLU B 535 -32.75 2.58 0.14
CA GLU B 535 -32.33 3.33 1.31
C GLU B 535 -31.74 2.41 2.38
N LEU B 536 -32.31 1.22 2.56
CA LEU B 536 -31.76 0.28 3.53
C LEU B 536 -30.44 -0.29 3.07
N PHE B 537 -30.23 -0.36 1.76
CA PHE B 537 -28.90 -0.67 1.22
C PHE B 537 -27.90 0.39 1.61
N LEU B 538 -28.21 1.65 1.34
CA LEU B 538 -27.25 2.71 1.62
C LEU B 538 -27.27 3.19 3.07
N THR B 539 -28.03 2.50 3.93
CA THR B 539 -28.18 2.73 5.39
C THR B 539 -28.33 4.21 5.76
N ILE B 540 -29.43 4.80 5.30
CA ILE B 540 -29.87 6.09 5.82
C ILE B 540 -31.06 5.84 6.73
N ILE B 541 -32.13 5.24 6.17
CA ILE B 541 -33.32 4.95 6.96
C ILE B 541 -33.01 3.80 7.92
N ASP B 542 -33.71 3.79 9.05
CA ASP B 542 -33.62 2.66 9.96
C ASP B 542 -34.46 1.50 9.43
N GLY B 543 -34.28 0.33 10.04
CA GLY B 543 -34.99 -0.85 9.65
C GLY B 543 -36.45 -0.77 10.05
N PRO B 544 -37.34 -1.18 9.15
CA PRO B 544 -38.77 -1.03 9.42
C PRO B 544 -39.26 -1.99 10.49
N ALA B 545 -39.47 -1.47 11.69
CA ALA B 545 -39.83 -2.29 12.83
C ALA B 545 -40.87 -1.56 13.66
N ASN B 546 -41.96 -2.26 13.95
CA ASN B 546 -42.96 -1.78 14.91
C ASN B 546 -43.01 -2.79 16.04
N TYR B 547 -42.98 -2.30 17.27
CA TYR B 547 -42.87 -3.17 18.43
C TYR B 547 -44.17 -3.20 19.23
N SER B 548 -45.29 -3.22 18.51
CA SER B 548 -46.59 -3.49 19.11
C SER B 548 -47.24 -4.74 18.57
N VAL B 549 -46.88 -5.20 17.37
CA VAL B 549 -47.46 -6.37 16.74
C VAL B 549 -46.34 -7.32 16.34
N ASP B 550 -46.72 -8.41 15.69
CA ASP B 550 -45.77 -9.41 15.21
C ASP B 550 -45.59 -9.29 13.70
N LEU B 551 -44.42 -9.72 13.23
CA LEU B 551 -44.04 -9.71 11.83
C LEU B 551 -43.75 -11.12 11.35
N PRO B 552 -43.98 -11.42 10.07
CA PRO B 552 -43.70 -12.77 9.56
C PRO B 552 -42.20 -13.06 9.52
N PHE B 553 -41.87 -14.31 9.84
CA PHE B 553 -40.47 -14.71 10.04
C PHE B 553 -39.68 -14.76 8.74
N MET B 554 -40.36 -14.88 7.60
CA MET B 554 -39.67 -14.84 6.31
C MET B 554 -39.03 -13.47 6.09
N TYR B 555 -39.72 -12.41 6.51
CA TYR B 555 -39.13 -11.08 6.48
C TYR B 555 -37.89 -11.01 7.35
N CYS B 556 -37.93 -11.61 8.53
CA CYS B 556 -36.81 -11.52 9.46
C CYS B 556 -35.59 -12.24 8.91
N ILE B 557 -35.78 -13.44 8.37
CA ILE B 557 -34.63 -14.18 7.84
C ILE B 557 -34.13 -13.55 6.54
N THR B 558 -35.01 -12.98 5.72
CA THR B 558 -34.54 -12.35 4.49
C THR B 558 -33.85 -11.03 4.76
N TYR B 559 -34.32 -10.26 5.73
CA TYR B 559 -33.62 -9.02 6.10
C TYR B 559 -32.30 -9.29 6.77
N ALA B 560 -32.20 -10.39 7.54
CA ALA B 560 -30.91 -10.77 8.11
C ALA B 560 -29.93 -11.20 7.02
N ALA B 561 -30.43 -11.83 5.96
CA ALA B 561 -29.54 -12.14 4.83
C ALA B 561 -29.16 -10.85 4.08
N PHE B 562 -30.10 -9.94 3.93
CA PHE B 562 -29.87 -8.71 3.18
C PHE B 562 -28.86 -7.80 3.86
N ALA B 563 -28.86 -7.78 5.20
CA ALA B 563 -27.90 -6.98 5.94
C ALA B 563 -26.47 -7.40 5.66
N ILE B 564 -26.16 -8.69 5.79
CA ILE B 564 -24.80 -9.13 5.55
C ILE B 564 -24.46 -9.28 4.08
N ILE B 565 -25.45 -9.22 3.17
CA ILE B 565 -25.09 -9.18 1.76
C ILE B 565 -25.00 -7.76 1.23
N ALA B 566 -25.48 -6.77 1.96
CA ALA B 566 -25.36 -5.40 1.49
C ALA B 566 -24.42 -4.57 2.36
N THR B 567 -24.77 -4.35 3.62
CA THR B 567 -24.14 -3.27 4.38
C THR B 567 -22.77 -3.69 4.90
N LEU B 568 -22.65 -4.92 5.37
CA LEU B 568 -21.35 -5.39 5.85
C LEU B 568 -20.42 -5.67 4.69
N LEU B 569 -20.92 -6.20 3.58
CA LEU B 569 -20.07 -6.70 2.52
C LEU B 569 -19.82 -5.69 1.40
N MET B 570 -20.86 -5.27 0.70
CA MET B 570 -20.61 -4.68 -0.61
C MET B 570 -20.21 -3.21 -0.52
N LEU B 571 -20.77 -2.46 0.44
CA LEU B 571 -20.36 -1.08 0.64
C LEU B 571 -18.90 -0.99 1.09
N ASN B 572 -18.52 -1.88 2.01
CA ASN B 572 -17.15 -1.89 2.48
C ASN B 572 -16.19 -2.39 1.41
N LEU B 573 -16.63 -3.33 0.57
CA LEU B 573 -15.79 -3.78 -0.52
C LEU B 573 -15.63 -2.69 -1.57
N PHE B 574 -16.65 -1.87 -1.76
CA PHE B 574 -16.52 -0.73 -2.66
C PHE B 574 -15.52 0.30 -2.11
N ILE B 575 -15.55 0.51 -0.79
CA ILE B 575 -14.58 1.41 -0.16
C ILE B 575 -13.16 0.90 -0.36
N ALA B 576 -12.96 -0.40 -0.14
CA ALA B 576 -11.64 -0.99 -0.32
C ALA B 576 -11.18 -0.96 -1.77
N MET B 577 -12.12 -1.14 -2.71
CA MET B 577 -11.74 -1.13 -4.13
C MET B 577 -11.36 0.27 -4.58
N MET B 578 -12.07 1.29 -4.10
CA MET B 578 -11.67 2.63 -4.46
C MET B 578 -10.38 3.04 -3.77
N GLY B 579 -10.08 2.49 -2.58
CA GLY B 579 -8.77 2.72 -1.98
C GLY B 579 -7.63 2.07 -2.74
N ASP B 580 -7.87 0.85 -3.23
CA ASP B 580 -6.90 0.16 -4.09
C ASP B 580 -6.63 0.94 -5.37
N THR B 581 -7.70 1.40 -6.03
CA THR B 581 -7.47 2.11 -7.28
C THR B 581 -6.92 3.52 -7.06
N HIS B 582 -7.15 4.13 -5.89
CA HIS B 582 -6.49 5.38 -5.59
C HIS B 582 -5.00 5.19 -5.36
N TRP B 583 -4.63 4.09 -4.67
CA TRP B 583 -3.23 3.69 -4.52
C TRP B 583 -2.56 3.47 -5.87
N ARG B 584 -3.29 2.96 -6.85
CA ARG B 584 -2.66 2.71 -8.14
C ARG B 584 -2.61 3.93 -9.05
N VAL B 585 -3.62 4.80 -9.06
CA VAL B 585 -3.56 5.94 -9.99
C VAL B 585 -3.37 7.27 -9.26
N ALA B 586 -2.75 7.23 -8.08
CA ALA B 586 -2.25 8.48 -7.49
C ALA B 586 -1.10 9.10 -8.28
N GLN B 587 -0.47 8.33 -9.16
CA GLN B 587 0.63 8.82 -9.97
C GLN B 587 0.18 9.76 -11.08
N GLU B 588 -1.01 9.55 -11.64
CA GLU B 588 -1.36 10.19 -12.90
C GLU B 588 -2.05 11.54 -12.72
N ARG B 589 -2.48 11.86 -11.50
CA ARG B 589 -3.35 13.01 -11.28
C ARG B 589 -2.60 14.32 -11.48
N ASP B 590 -1.36 14.43 -10.99
CA ASP B 590 -0.63 15.68 -11.12
C ASP B 590 -0.21 15.93 -12.56
N GLU B 591 0.11 14.88 -13.31
CA GLU B 591 0.41 15.04 -14.73
C GLU B 591 -0.83 15.48 -15.49
N LEU B 592 -1.99 14.91 -15.16
CA LEU B 592 -3.22 15.37 -15.80
C LEU B 592 -3.55 16.80 -15.41
N TRP B 593 -3.23 17.20 -14.18
CA TRP B 593 -3.51 18.56 -13.74
C TRP B 593 -2.62 19.57 -14.45
N ARG B 594 -1.35 19.24 -14.65
CA ARG B 594 -0.46 20.10 -15.42
C ARG B 594 -0.92 20.22 -16.86
N ALA B 595 -1.38 19.10 -17.44
CA ALA B 595 -1.89 19.11 -18.80
C ALA B 595 -3.12 20.01 -18.92
N GLN B 596 -4.04 19.94 -17.96
CA GLN B 596 -5.22 20.78 -18.11
C GLN B 596 -4.99 22.23 -17.70
N VAL B 597 -3.96 22.52 -16.89
CA VAL B 597 -3.72 23.95 -16.65
C VAL B 597 -3.06 24.59 -17.88
N VAL B 598 -2.24 23.82 -18.62
CA VAL B 598 -1.73 24.36 -19.88
C VAL B 598 -2.86 24.46 -20.91
N ALA B 599 -3.82 23.54 -20.84
CA ALA B 599 -4.99 23.61 -21.71
C ALA B 599 -5.85 24.83 -21.42
N THR B 600 -6.09 25.14 -20.15
CA THR B 600 -6.92 26.29 -19.84
C THR B 600 -6.18 27.59 -20.12
N THR B 601 -4.84 27.59 -20.03
CA THR B 601 -4.09 28.77 -20.43
C THR B 601 -4.20 29.03 -21.93
N VAL B 602 -4.05 27.98 -22.75
CA VAL B 602 -4.12 28.21 -24.19
C VAL B 602 -5.55 28.52 -24.63
N MET B 603 -6.55 27.94 -23.96
CA MET B 603 -7.94 28.24 -24.33
C MET B 603 -8.33 29.67 -23.95
N LEU B 604 -7.98 30.12 -22.74
CA LEU B 604 -8.32 31.47 -22.35
C LEU B 604 -7.31 32.49 -22.86
N GLU B 605 -6.28 32.05 -23.56
CA GLU B 605 -5.50 32.95 -24.41
C GLU B 605 -6.16 33.13 -25.76
N ARG B 606 -6.68 32.04 -26.35
CA ARG B 606 -7.32 32.14 -27.65
C ARG B 606 -8.67 32.86 -27.56
N LYS B 607 -9.36 32.75 -26.42
CA LYS B 607 -10.75 33.22 -26.38
C LYS B 607 -10.85 34.73 -26.29
N MET B 608 -10.10 35.35 -25.40
CA MET B 608 -10.21 36.80 -25.20
C MET B 608 -9.54 37.54 -26.35
N PRO B 609 -10.08 38.70 -26.74
CA PRO B 609 -9.47 39.48 -27.82
C PRO B 609 -8.13 40.05 -27.40
N ARG B 610 -7.33 40.41 -28.41
CA ARG B 610 -5.92 40.73 -28.22
C ARG B 610 -5.70 42.17 -27.78
N PHE B 611 -6.75 42.91 -27.42
CA PHE B 611 -6.58 44.22 -26.82
C PHE B 611 -6.16 44.14 -25.36
N LEU B 612 -6.26 42.97 -24.74
CA LEU B 612 -6.02 42.85 -23.31
C LEU B 612 -4.87 41.92 -23.00
N TRP B 613 -4.82 40.75 -23.63
CA TRP B 613 -3.70 39.85 -23.44
C TRP B 613 -2.44 40.41 -24.10
N PRO B 614 -1.31 40.40 -23.41
CA PRO B 614 -0.09 40.94 -24.01
C PRO B 614 0.48 40.01 -25.06
N ARG B 615 1.26 40.60 -25.95
CA ARG B 615 2.06 39.79 -26.87
C ARG B 615 3.12 39.04 -26.08
N SER B 616 3.24 37.74 -26.36
CA SER B 616 4.10 36.91 -25.53
C SER B 616 5.57 37.16 -25.84
N GLY B 617 6.41 37.04 -24.82
CA GLY B 617 7.84 37.22 -24.96
C GLY B 617 8.25 38.67 -25.18
N ILE B 618 9.48 38.84 -25.63
CA ILE B 618 10.05 40.14 -25.95
C ILE B 618 10.28 40.23 -27.45
N CYS B 619 10.07 41.42 -28.01
CA CYS B 619 10.30 41.60 -29.43
C CYS B 619 11.80 41.75 -29.70
N GLY B 620 12.17 41.62 -30.97
CA GLY B 620 13.57 41.66 -31.35
C GLY B 620 13.94 42.76 -32.30
N TYR B 621 12.97 43.59 -32.69
CA TYR B 621 13.26 44.66 -33.62
C TYR B 621 14.04 45.80 -32.96
N GLU B 622 13.89 45.98 -31.65
CA GLU B 622 14.65 46.98 -30.90
C GLU B 622 16.05 46.50 -30.54
N TYR B 623 16.40 45.27 -30.91
CA TYR B 623 17.74 44.73 -30.69
C TYR B 623 18.37 44.27 -32.00
N GLY B 624 17.64 44.30 -33.10
CA GLY B 624 18.23 44.13 -34.41
C GLY B 624 18.27 42.72 -34.93
N LEU B 625 17.74 41.75 -34.19
CA LEU B 625 17.64 40.39 -34.71
C LEU B 625 16.60 40.31 -35.82
N GLY B 626 15.42 40.86 -35.57
CA GLY B 626 14.45 41.10 -36.62
C GLY B 626 13.22 40.23 -36.62
N ASP B 627 12.13 40.77 -36.05
CA ASP B 627 10.76 40.24 -36.16
C ASP B 627 10.63 38.81 -35.63
N ARG B 628 11.46 38.44 -34.66
CA ARG B 628 11.43 37.12 -34.06
C ARG B 628 11.41 37.31 -32.55
N TRP B 629 10.29 36.94 -31.92
CA TRP B 629 10.22 37.02 -30.47
C TRP B 629 11.08 35.91 -29.85
N PHE B 630 11.67 36.21 -28.70
CA PHE B 630 12.65 35.32 -28.11
C PHE B 630 12.42 35.22 -26.61
N LEU B 631 13.00 34.18 -26.02
CA LEU B 631 12.90 33.95 -24.58
C LEU B 631 14.22 33.34 -24.11
N ARG B 632 14.61 33.69 -22.89
CA ARG B 632 15.82 33.17 -22.29
C ARG B 632 15.49 32.45 -21.00
N VAL B 633 16.31 31.46 -20.66
CA VAL B 633 16.19 30.74 -19.40
C VAL B 633 17.55 30.71 -18.73
N GLU B 634 17.54 30.74 -17.41
CA GLU B 634 18.75 30.80 -16.59
C GLU B 634 18.87 29.47 -15.87
N ASN B 635 19.49 28.50 -16.52
CA ASN B 635 19.61 27.19 -15.91
C ASN B 635 20.95 27.07 -15.17
N HIS B 636 21.12 25.96 -14.45
CA HIS B 636 22.28 25.79 -13.60
C HIS B 636 22.66 24.31 -13.62
N HIS B 637 23.67 23.97 -14.41
CA HIS B 637 24.12 22.59 -14.52
C HIS B 637 25.34 22.35 -13.63
N TRP C 29 23.62 4.33 39.46
CA TRP C 29 23.01 4.72 38.19
C TRP C 29 24.10 5.27 37.26
N GLU C 30 23.68 6.00 36.22
CA GLU C 30 24.57 6.33 35.12
C GLU C 30 25.22 7.70 35.25
N GLN C 31 25.32 8.23 36.47
CA GLN C 31 26.15 9.39 36.75
C GLN C 31 27.30 8.97 37.67
N TYR C 32 27.81 7.77 37.45
CA TYR C 32 28.87 7.16 38.24
C TYR C 32 30.10 6.87 37.39
N ARG C 33 29.89 6.26 36.22
CA ARG C 33 30.99 5.92 35.33
C ARG C 33 31.69 7.17 34.81
N ASP C 34 30.92 8.22 34.54
CA ASP C 34 31.51 9.47 34.07
C ASP C 34 32.39 10.11 35.14
N ARG C 35 31.92 10.09 36.39
CA ARG C 35 32.70 10.68 37.48
C ARG C 35 33.98 9.90 37.74
N VAL C 36 33.91 8.57 37.73
CA VAL C 36 35.14 7.82 37.96
C VAL C 36 36.06 7.85 36.75
N ASN C 37 35.53 8.04 35.54
CA ASN C 37 36.40 8.21 34.38
C ASN C 37 37.12 9.54 34.41
N MET C 38 36.42 10.61 34.82
CA MET C 38 37.09 11.90 34.95
C MET C 38 38.11 11.89 36.08
N LEU C 39 37.82 11.18 37.17
CA LEU C 39 38.80 11.06 38.24
C LEU C 39 40.00 10.23 37.81
N GLN C 40 39.79 9.21 36.97
CA GLN C 40 40.90 8.42 36.47
C GLN C 40 41.76 9.23 35.50
N GLN C 41 41.13 10.09 34.70
CA GLN C 41 41.91 10.97 33.83
C GLN C 41 42.65 12.03 34.63
N GLU C 42 42.08 12.46 35.75
CA GLU C 42 42.80 13.35 36.67
C GLU C 42 44.02 12.64 37.25
N ARG C 43 43.86 11.39 37.67
CA ARG C 43 44.96 10.67 38.31
C ARG C 43 46.05 10.27 37.30
N ILE C 44 45.69 10.06 36.03
CA ILE C 44 46.74 9.83 35.05
C ILE C 44 47.35 11.17 34.62
N ARG C 45 46.65 12.28 34.82
CA ARG C 45 47.21 13.58 34.47
C ARG C 45 48.22 14.06 35.50
N ASP C 46 47.94 13.85 36.79
CA ASP C 46 48.77 14.49 37.82
C ASP C 46 50.11 13.78 38.00
N SER C 47 50.09 12.46 38.08
CA SER C 47 51.33 11.70 38.30
C SER C 47 52.12 11.60 37.00
N PRO C 48 53.40 11.96 36.99
CA PRO C 48 54.18 11.87 35.75
C PRO C 48 54.49 10.45 35.31
N LEU C 49 54.35 9.48 36.20
CA LEU C 49 54.64 8.08 35.85
C LEU C 49 53.63 7.55 34.84
N LEU C 50 52.35 7.60 35.19
CA LEU C 50 51.31 7.11 34.29
C LEU C 50 51.13 8.05 33.10
N GLN C 51 51.45 9.34 33.26
CA GLN C 51 51.38 10.27 32.14
C GLN C 51 52.46 9.97 31.11
N ALA C 52 53.66 9.61 31.57
CA ALA C 52 54.70 9.17 30.64
C ALA C 52 54.40 7.79 30.08
N ALA C 53 53.68 6.96 30.83
CA ALA C 53 53.23 5.67 30.31
C ALA C 53 52.27 5.85 29.16
N LYS C 54 51.30 6.76 29.31
CA LYS C 54 50.41 7.11 28.21
C LYS C 54 51.16 7.83 27.10
N GLU C 55 52.22 8.57 27.44
CA GLU C 55 53.01 9.27 26.43
C GLU C 55 53.85 8.31 25.59
N ASN C 56 54.38 7.25 26.24
CA ASN C 56 55.26 6.26 25.64
C ASN C 56 56.50 6.89 24.99
N ASP C 57 57.27 7.58 25.82
CA ASP C 57 58.51 8.21 25.40
C ASP C 57 59.68 7.27 25.67
N LEU C 58 60.89 7.79 25.47
CA LEU C 58 62.11 7.02 25.69
C LEU C 58 62.83 7.43 26.97
N ARG C 59 63.18 8.71 27.09
CA ARG C 59 63.93 9.18 28.26
C ARG C 59 63.00 9.68 29.36
N LEU C 60 62.02 8.87 29.73
CA LEU C 60 61.14 9.19 30.84
C LEU C 60 61.25 8.20 31.99
N LEU C 61 61.01 6.91 31.73
CA LEU C 61 61.03 5.91 32.79
C LEU C 61 62.45 5.57 33.21
N LYS C 62 63.39 5.51 32.26
CA LYS C 62 64.79 5.30 32.62
C LYS C 62 65.38 6.50 33.35
N ILE C 63 64.90 7.71 33.03
CA ILE C 63 65.35 8.89 33.75
C ILE C 63 64.74 8.93 35.14
N LEU C 64 63.52 8.42 35.30
CA LEU C 64 62.93 8.32 36.64
C LEU C 64 63.61 7.25 37.47
N LEU C 65 64.04 6.17 36.84
CA LEU C 65 64.76 5.11 37.53
C LEU C 65 66.24 5.41 37.59
N PHE C 72 54.77 3.13 42.22
CA PHE C 72 54.88 1.85 41.52
C PHE C 72 53.66 0.99 41.79
N GLN C 73 53.44 0.63 43.05
CA GLN C 73 52.27 -0.11 43.44
C GLN C 73 51.13 0.80 43.89
N GLN C 74 51.23 2.09 43.62
CA GLN C 74 50.18 3.02 43.96
C GLN C 74 48.97 2.83 43.05
N ARG C 75 47.79 2.92 43.63
CA ARG C 75 46.57 2.81 42.85
C ARG C 75 46.30 4.09 42.08
N GLY C 76 45.40 4.02 41.13
CA GLY C 76 44.96 5.20 40.40
C GLY C 76 43.85 5.90 41.14
N ALA C 77 42.82 6.34 40.41
CA ALA C 77 41.62 6.85 41.08
C ALA C 77 40.87 5.71 41.75
N VAL C 78 40.51 4.69 40.97
CA VAL C 78 39.94 3.48 41.56
C VAL C 78 40.52 2.26 40.85
N GLY C 79 41.55 1.67 41.44
CA GLY C 79 42.10 0.42 40.93
C GLY C 79 42.85 0.50 39.63
N GLU C 80 44.02 1.14 39.62
CA GLU C 80 44.84 1.22 38.42
C GLU C 80 46.30 1.41 38.82
N THR C 81 47.16 0.50 38.41
CA THR C 81 48.60 0.66 38.57
C THR C 81 49.21 1.07 37.24
N ALA C 82 50.54 1.07 37.18
CA ALA C 82 51.24 1.64 36.03
C ALA C 82 51.12 0.76 34.78
N LEU C 83 51.03 -0.55 34.94
CA LEU C 83 50.91 -1.42 33.78
C LEU C 83 49.54 -1.35 33.14
N HIS C 84 48.51 -0.93 33.89
CA HIS C 84 47.15 -0.94 33.37
C HIS C 84 46.97 0.08 32.25
N VAL C 85 47.43 1.31 32.47
CA VAL C 85 47.28 2.33 31.43
C VAL C 85 48.21 2.05 30.26
N ALA C 86 49.33 1.37 30.51
CA ALA C 86 50.23 1.01 29.42
C ALA C 86 49.61 -0.07 28.53
N ALA C 87 48.99 -1.08 29.13
CA ALA C 87 48.29 -2.10 28.36
C ALA C 87 47.04 -1.53 27.71
N LEU C 88 46.43 -0.52 28.33
CA LEU C 88 45.21 0.06 27.77
C LEU C 88 45.49 0.97 26.59
N TYR C 89 46.64 1.64 26.59
CA TYR C 89 47.00 2.52 25.49
C TYR C 89 48.05 1.91 24.56
N ASP C 90 48.38 0.63 24.75
CA ASP C 90 49.16 -0.19 23.81
C ASP C 90 50.57 0.38 23.58
N ASN C 91 51.34 0.39 24.66
CA ASN C 91 52.71 0.92 24.66
C ASN C 91 53.65 -0.21 25.05
N LEU C 92 54.21 -0.87 24.02
CA LEU C 92 54.97 -2.09 24.22
C LEU C 92 56.30 -1.84 24.89
N GLU C 93 56.98 -0.73 24.53
CA GLU C 93 58.27 -0.44 25.16
C GLU C 93 58.10 -0.06 26.62
N ALA C 94 57.01 0.65 26.94
CA ALA C 94 56.73 0.99 28.34
C ALA C 94 56.39 -0.27 29.12
N ALA C 95 55.66 -1.20 28.49
CA ALA C 95 55.35 -2.47 29.13
C ALA C 95 56.60 -3.27 29.43
N THR C 96 57.51 -3.37 28.45
CA THR C 96 58.75 -4.12 28.66
C THR C 96 59.64 -3.47 29.70
N LEU C 97 59.73 -2.13 29.68
CA LEU C 97 60.58 -1.43 30.65
C LEU C 97 60.04 -1.57 32.07
N LEU C 98 58.71 -1.46 32.24
CA LEU C 98 58.15 -1.60 33.58
C LEU C 98 58.23 -3.03 34.08
N MET C 99 58.05 -4.01 33.18
CA MET C 99 58.09 -5.40 33.63
C MET C 99 59.51 -5.88 33.91
N GLU C 100 60.52 -5.31 33.24
CA GLU C 100 61.89 -5.62 33.60
C GLU C 100 62.40 -4.74 34.73
N ALA C 101 61.71 -3.65 35.06
CA ALA C 101 62.04 -2.90 36.26
C ALA C 101 61.49 -3.59 37.51
N ALA C 102 60.19 -3.81 37.55
CA ALA C 102 59.56 -4.46 38.71
C ALA C 102 58.94 -5.78 38.29
N PRO C 103 59.44 -6.91 38.77
CA PRO C 103 58.89 -8.21 38.32
C PRO C 103 57.56 -8.55 38.98
N GLU C 104 57.37 -8.13 40.23
CA GLU C 104 56.16 -8.47 40.97
C GLU C 104 54.96 -7.62 40.57
N LEU C 105 55.16 -6.59 39.75
CA LEU C 105 54.10 -5.60 39.53
C LEU C 105 53.04 -6.13 38.56
N ALA C 106 53.42 -7.02 37.65
CA ALA C 106 52.43 -7.64 36.77
C ALA C 106 51.52 -8.58 37.55
N LYS C 107 52.05 -9.23 38.60
CA LYS C 107 51.26 -10.08 39.47
C LYS C 107 50.63 -9.22 40.57
N GLU C 108 49.71 -8.36 40.15
CA GLU C 108 49.06 -7.46 41.09
C GLU C 108 47.67 -7.08 40.60
N PRO C 109 46.63 -7.47 41.32
CA PRO C 109 45.27 -7.04 40.97
C PRO C 109 45.03 -5.61 41.41
N ALA C 110 43.83 -5.12 41.12
CA ALA C 110 43.48 -3.72 41.36
C ALA C 110 42.48 -3.61 42.51
N LEU C 111 42.24 -2.37 42.93
CA LEU C 111 41.19 -2.09 43.90
C LEU C 111 39.84 -2.36 43.26
N CYS C 112 38.92 -2.91 44.06
CA CYS C 112 37.77 -3.64 43.52
C CYS C 112 36.44 -2.91 43.71
N GLU C 113 36.46 -1.58 43.82
CA GLU C 113 35.17 -0.95 44.07
C GLU C 113 34.35 -0.78 42.79
N PRO C 114 34.87 -0.21 41.65
CA PRO C 114 34.12 -0.38 40.40
C PRO C 114 34.58 -1.52 39.49
N PHE C 115 35.80 -2.01 39.69
CA PHE C 115 36.38 -3.04 38.83
C PHE C 115 37.06 -4.06 39.73
N VAL C 116 36.42 -5.21 39.91
CA VAL C 116 36.97 -6.25 40.78
C VAL C 116 38.05 -7.01 40.03
N GLY C 117 39.18 -7.24 40.70
CA GLY C 117 40.27 -8.01 40.15
C GLY C 117 41.11 -7.20 39.19
N GLN C 118 40.60 -7.03 37.97
CA GLN C 118 41.18 -6.20 36.91
C GLN C 118 42.61 -6.63 36.60
N THR C 119 42.72 -7.85 36.05
CA THR C 119 44.01 -8.37 35.63
C THR C 119 44.52 -7.62 34.42
N ALA C 120 45.84 -7.37 34.40
CA ALA C 120 46.45 -6.69 33.26
C ALA C 120 46.37 -7.54 32.00
N LEU C 121 46.46 -8.87 32.16
CA LEU C 121 46.24 -9.79 31.05
C LEU C 121 44.82 -9.66 30.50
N HIS C 122 43.84 -9.59 31.41
CA HIS C 122 42.44 -9.49 31.01
C HIS C 122 42.14 -8.15 30.35
N ILE C 123 42.88 -7.10 30.73
CA ILE C 123 42.72 -5.82 30.06
C ILE C 123 43.36 -5.87 28.68
N ALA C 124 44.57 -6.43 28.59
CA ALA C 124 45.32 -6.39 27.35
C ALA C 124 44.82 -7.35 26.28
N VAL C 125 44.08 -8.40 26.67
CA VAL C 125 43.64 -9.37 25.68
C VAL C 125 42.55 -8.78 24.79
N MET C 126 41.79 -7.79 25.28
CA MET C 126 40.80 -7.13 24.44
C MET C 126 41.45 -6.29 23.36
N ASN C 127 42.54 -5.59 23.70
CA ASN C 127 43.31 -4.88 22.70
C ASN C 127 44.08 -5.82 21.79
N GLN C 128 44.37 -7.04 22.25
CA GLN C 128 44.87 -8.17 21.45
C GLN C 128 46.23 -7.85 20.82
N ASN C 129 47.23 -7.70 21.69
CA ASN C 129 48.62 -7.53 21.27
C ASN C 129 49.39 -8.81 21.55
N LEU C 130 49.94 -9.40 20.49
CA LEU C 130 50.65 -10.68 20.59
C LEU C 130 51.90 -10.58 21.46
N ASN C 131 52.72 -9.56 21.21
CA ASN C 131 53.95 -9.40 21.98
C ASN C 131 53.65 -9.10 23.44
N LEU C 132 52.57 -8.36 23.70
CA LEU C 132 52.24 -8.00 25.07
C LEU C 132 51.69 -9.20 25.83
N VAL C 133 50.84 -10.02 25.19
CA VAL C 133 50.35 -11.20 25.88
C VAL C 133 51.46 -12.23 26.05
N ARG C 134 52.42 -12.27 25.12
CA ARG C 134 53.55 -13.20 25.26
C ARG C 134 54.48 -12.78 26.38
N ALA C 135 54.75 -11.47 26.51
CA ALA C 135 55.58 -11.00 27.60
C ALA C 135 54.87 -11.11 28.95
N LEU C 136 53.55 -10.93 28.97
CA LEU C 136 52.82 -11.09 30.21
C LEU C 136 52.79 -12.56 30.65
N LEU C 137 52.67 -13.49 29.71
CA LEU C 137 52.76 -14.89 30.11
C LEU C 137 54.21 -15.29 30.42
N ALA C 138 55.19 -14.57 29.87
CA ALA C 138 56.58 -14.81 30.26
C ALA C 138 56.82 -14.41 31.70
N ARG C 139 56.23 -13.28 32.12
CA ARG C 139 56.22 -12.96 33.55
C ARG C 139 55.33 -13.92 34.33
N GLY C 140 54.35 -14.52 33.68
CA GLY C 140 53.55 -15.58 34.27
C GLY C 140 52.43 -15.09 35.17
N ALA C 141 51.52 -14.29 34.62
CA ALA C 141 50.42 -13.76 35.42
C ALA C 141 49.40 -14.85 35.71
N SER C 142 48.50 -14.54 36.63
CA SER C 142 47.47 -15.49 37.06
C SER C 142 46.44 -15.61 35.95
N VAL C 143 46.58 -16.64 35.12
CA VAL C 143 45.71 -16.81 33.97
C VAL C 143 44.34 -17.35 34.37
N SER C 144 44.20 -17.85 35.59
CA SER C 144 42.90 -18.31 36.10
C SER C 144 42.29 -17.29 37.05
N ALA C 145 42.44 -16.01 36.73
CA ALA C 145 41.93 -14.94 37.57
C ALA C 145 40.42 -14.81 37.43
N ARG C 146 39.86 -13.83 38.12
CA ARG C 146 38.42 -13.65 38.18
C ARG C 146 38.12 -12.17 38.38
N ALA C 147 37.28 -11.61 37.51
CA ALA C 147 37.01 -10.16 37.49
C ALA C 147 35.50 -9.91 37.47
N THR C 148 34.90 -9.88 38.65
CA THR C 148 33.46 -9.65 38.78
C THR C 148 33.14 -8.18 38.98
N GLY C 149 33.66 -7.34 38.08
CA GLY C 149 33.54 -5.91 38.25
C GLY C 149 32.14 -5.38 38.01
N ALA C 150 31.92 -4.15 38.49
CA ALA C 150 30.62 -3.51 38.33
C ALA C 150 30.30 -3.21 36.87
N ALA C 151 31.33 -3.02 36.05
CA ALA C 151 31.16 -2.92 34.61
C ALA C 151 31.23 -4.28 33.92
N PHE C 152 31.30 -5.36 34.69
CA PHE C 152 31.48 -6.72 34.17
C PHE C 152 30.34 -7.60 34.70
N ARG C 153 29.21 -7.58 34.01
CA ARG C 153 28.01 -8.29 34.44
C ARG C 153 27.03 -8.34 33.27
N ARG C 154 26.24 -9.41 33.22
CA ARG C 154 25.11 -9.49 32.30
C ARG C 154 24.03 -8.55 32.83
N SER C 155 23.94 -7.37 32.23
CA SER C 155 23.03 -6.33 32.71
C SER C 155 22.72 -5.41 31.54
N PRO C 156 21.53 -4.79 31.53
CA PRO C 156 21.24 -3.78 30.49
C PRO C 156 21.99 -2.48 30.68
N HIS C 157 22.68 -2.28 31.80
CA HIS C 157 23.54 -1.11 31.98
C HIS C 157 24.73 -1.17 31.04
N ASN C 158 25.55 -2.21 31.18
CA ASN C 158 26.71 -2.37 30.32
C ASN C 158 26.28 -2.86 28.94
N LEU C 159 27.22 -2.82 28.00
CA LEU C 159 27.01 -3.32 26.65
C LEU C 159 27.63 -4.68 26.44
N ILE C 160 28.91 -4.82 26.73
CA ILE C 160 29.59 -6.10 26.59
C ILE C 160 29.24 -6.98 27.78
N TYR C 161 29.12 -8.29 27.52
CA TYR C 161 29.01 -9.30 28.57
C TYR C 161 30.04 -10.36 28.20
N TYR C 162 31.22 -10.24 28.78
CA TYR C 162 32.36 -11.05 28.38
C TYR C 162 32.79 -12.03 29.45
N GLY C 163 32.02 -12.18 30.52
CA GLY C 163 32.44 -13.06 31.59
C GLY C 163 33.54 -12.44 32.45
N GLU C 164 34.17 -13.30 33.24
CA GLU C 164 35.19 -12.87 34.19
C GLU C 164 36.45 -13.73 34.07
N HIS C 165 36.88 -14.00 32.84
CA HIS C 165 38.07 -14.81 32.64
C HIS C 165 38.81 -14.37 31.39
N PRO C 166 40.14 -14.40 31.39
CA PRO C 166 40.88 -14.06 30.17
C PRO C 166 40.66 -15.04 29.04
N LEU C 167 40.41 -16.31 29.35
CA LEU C 167 40.07 -17.29 28.32
C LEU C 167 38.73 -16.95 27.67
N SER C 168 37.74 -16.56 28.48
CA SER C 168 36.46 -16.14 27.94
C SER C 168 36.60 -14.87 27.11
N PHE C 169 37.44 -13.94 27.57
CA PHE C 169 37.68 -12.71 26.83
C PHE C 169 38.29 -13.00 25.46
N ALA C 170 39.27 -13.90 25.42
CA ALA C 170 39.92 -14.21 24.15
C ALA C 170 38.99 -14.99 23.22
N ALA C 171 38.26 -15.97 23.77
CA ALA C 171 37.38 -16.78 22.95
C ALA C 171 36.11 -16.06 22.52
N CYS C 172 35.79 -14.93 23.14
CA CYS C 172 34.70 -14.11 22.62
C CYS C 172 35.18 -13.00 21.72
N VAL C 173 36.41 -12.52 21.86
CA VAL C 173 36.93 -11.54 20.91
C VAL C 173 37.24 -12.21 19.58
N GLY C 174 37.98 -13.32 19.60
CA GLY C 174 38.24 -14.03 18.38
C GLY C 174 39.71 -14.23 18.10
N SER C 175 40.53 -14.09 19.13
CA SER C 175 41.99 -14.24 19.04
C SER C 175 42.32 -15.72 18.94
N GLU C 176 42.25 -16.24 17.71
CA GLU C 176 42.45 -17.67 17.49
C GLU C 176 43.91 -18.07 17.66
N GLU C 177 44.83 -17.14 17.40
CA GLU C 177 46.25 -17.41 17.60
C GLU C 177 46.68 -17.22 19.05
N ILE C 178 45.80 -16.69 19.90
CA ILE C 178 46.14 -16.41 21.28
C ILE C 178 45.42 -17.34 22.26
N VAL C 179 44.26 -17.90 21.86
CA VAL C 179 43.57 -18.87 22.71
C VAL C 179 44.41 -20.13 22.91
N ARG C 180 45.24 -20.49 21.92
CA ARG C 180 46.12 -21.63 22.08
C ARG C 180 47.22 -21.36 23.11
N LEU C 181 47.78 -20.14 23.10
CA LEU C 181 48.78 -19.78 24.08
C LEU C 181 48.18 -19.64 25.47
N LEU C 182 46.91 -19.24 25.55
CA LEU C 182 46.23 -19.21 26.84
C LEU C 182 45.98 -20.61 27.39
N ILE C 183 45.52 -21.54 26.53
CA ILE C 183 45.24 -22.89 27.04
C ILE C 183 46.50 -23.73 27.16
N GLU C 184 47.63 -23.23 26.64
CA GLU C 184 48.92 -23.90 26.82
C GLU C 184 49.28 -24.07 28.29
N HIS C 185 49.00 -23.06 29.10
CA HIS C 185 49.26 -23.14 30.54
C HIS C 185 48.06 -23.62 31.32
N GLY C 186 47.06 -24.21 30.65
CA GLY C 186 45.94 -24.85 31.29
C GLY C 186 45.02 -23.90 32.04
N ALA C 187 44.35 -23.01 31.32
CA ALA C 187 43.62 -21.93 31.96
C ALA C 187 42.16 -22.26 32.22
N ASP C 188 41.90 -23.42 32.85
CA ASP C 188 40.60 -23.78 33.44
C ASP C 188 39.48 -23.78 32.40
N ILE C 189 39.54 -24.79 31.52
CA ILE C 189 38.59 -24.92 30.41
C ILE C 189 37.14 -25.06 30.90
N ARG C 190 36.95 -25.57 32.12
CA ARG C 190 35.65 -25.54 32.79
C ARG C 190 35.75 -24.67 34.03
N ALA C 191 34.85 -23.68 34.13
CA ALA C 191 34.84 -22.74 35.24
C ALA C 191 33.48 -22.05 35.28
N GLN C 192 33.24 -21.34 36.38
CA GLN C 192 32.07 -20.49 36.53
C GLN C 192 32.54 -19.07 36.78
N ASP C 193 31.60 -18.17 37.06
CA ASP C 193 31.87 -16.76 37.24
C ASP C 193 30.72 -16.15 38.03
N SER C 194 30.60 -14.82 37.97
CA SER C 194 29.37 -14.14 38.41
C SER C 194 28.19 -14.67 37.61
N LEU C 195 27.14 -15.10 38.35
CA LEU C 195 25.93 -15.82 37.93
C LEU C 195 26.20 -17.24 37.47
N GLY C 196 27.47 -17.64 37.43
CA GLY C 196 27.86 -19.02 37.22
C GLY C 196 27.51 -19.65 35.89
N ASN C 197 27.77 -18.97 34.78
CA ASN C 197 27.69 -19.61 33.47
C ASN C 197 29.11 -19.97 33.04
N THR C 198 29.27 -20.44 31.81
CA THR C 198 30.58 -20.89 31.35
C THR C 198 31.02 -20.13 30.10
N VAL C 199 32.23 -20.49 29.66
CA VAL C 199 32.83 -19.87 28.49
C VAL C 199 32.05 -20.21 27.23
N LEU C 200 31.41 -21.38 27.19
CA LEU C 200 30.62 -21.75 26.03
C LEU C 200 29.35 -20.92 25.95
N HIS C 201 28.73 -20.65 27.10
CA HIS C 201 27.56 -19.77 27.11
C HIS C 201 27.93 -18.33 26.80
N ILE C 202 29.12 -17.90 27.21
CA ILE C 202 29.63 -16.58 26.84
C ILE C 202 29.81 -16.50 25.32
N LEU C 203 30.41 -17.52 24.72
CA LEU C 203 30.61 -17.53 23.27
C LEU C 203 29.28 -17.67 22.51
N ILE C 204 28.26 -18.25 23.13
CA ILE C 204 26.96 -18.33 22.48
C ILE C 204 26.25 -16.98 22.54
N LEU C 205 26.17 -16.38 23.72
CA LEU C 205 25.43 -15.12 23.91
C LEU C 205 26.25 -13.98 23.33
N GLN C 206 26.22 -13.86 22.00
CA GLN C 206 27.03 -12.89 21.27
C GLN C 206 26.46 -12.74 19.87
N PRO C 207 26.45 -11.53 19.30
CA PRO C 207 26.15 -11.38 17.87
C PRO C 207 27.19 -12.08 17.02
N ASN C 208 26.73 -13.03 16.21
CA ASN C 208 27.59 -14.04 15.62
C ASN C 208 28.45 -13.48 14.49
N LYS C 209 29.52 -14.20 14.20
CA LYS C 209 30.43 -13.93 13.08
C LYS C 209 31.22 -15.21 12.84
N THR C 210 32.26 -15.11 12.01
CA THR C 210 33.11 -16.27 11.75
C THR C 210 33.94 -16.65 12.97
N PHE C 211 34.30 -15.66 13.79
CA PHE C 211 35.08 -15.92 15.00
C PHE C 211 34.30 -16.79 15.96
N ALA C 212 32.98 -16.58 16.02
CA ALA C 212 32.13 -17.32 16.95
C ALA C 212 32.10 -18.81 16.61
N CYS C 213 31.86 -19.15 15.34
CA CYS C 213 31.75 -20.56 14.97
C CYS C 213 33.11 -21.25 15.03
N GLN C 214 34.18 -20.56 14.61
CA GLN C 214 35.50 -21.17 14.69
C GLN C 214 35.94 -21.37 16.13
N MET C 215 35.62 -20.41 17.03
CA MET C 215 35.97 -20.57 18.43
C MET C 215 35.12 -21.63 19.10
N TYR C 216 33.87 -21.80 18.65
CA TYR C 216 33.04 -22.88 19.18
C TYR C 216 33.60 -24.24 18.84
N ASN C 217 34.02 -24.42 17.57
CA ASN C 217 34.66 -25.67 17.18
C ASN C 217 35.98 -25.89 17.92
N LEU C 218 36.73 -24.80 18.15
CA LEU C 218 38.01 -24.88 18.85
C LEU C 218 37.82 -25.30 20.31
N LEU C 219 36.88 -24.67 21.01
CA LEU C 219 36.65 -25.00 22.40
C LEU C 219 35.99 -26.37 22.56
N LEU C 220 35.25 -26.83 21.55
CA LEU C 220 34.75 -28.19 21.62
C LEU C 220 35.86 -29.21 21.38
N SER C 221 36.82 -28.87 20.52
CA SER C 221 37.91 -29.81 20.25
C SER C 221 38.87 -29.89 21.43
N TYR C 222 39.14 -28.77 22.09
CA TYR C 222 40.15 -28.78 23.15
C TYR C 222 39.64 -29.34 24.47
N ASP C 223 38.40 -29.81 24.53
CA ASP C 223 37.92 -30.54 25.69
C ASP C 223 38.42 -31.98 25.59
N GLU C 224 39.25 -32.39 26.55
CA GLU C 224 39.69 -33.77 26.64
C GLU C 224 39.74 -34.25 28.09
N GLN C 230 29.06 -34.28 28.98
CA GLN C 230 29.53 -35.05 30.13
C GLN C 230 30.33 -34.17 31.08
N SER C 231 31.14 -33.28 30.50
CA SER C 231 31.98 -32.40 31.29
C SER C 231 31.84 -30.96 30.86
N LEU C 232 31.49 -30.72 29.60
CA LEU C 232 31.34 -29.35 29.12
C LEU C 232 30.00 -29.10 28.46
N GLU C 233 29.47 -30.05 27.72
CA GLU C 233 28.17 -29.89 27.08
C GLU C 233 27.01 -30.22 28.01
N LEU C 234 27.30 -30.67 29.23
CA LEU C 234 26.27 -31.11 30.16
C LEU C 234 26.16 -30.23 31.40
N VAL C 235 27.10 -29.32 31.61
CA VAL C 235 27.12 -28.57 32.87
C VAL C 235 26.02 -27.51 32.86
N PRO C 236 25.22 -27.41 33.90
CA PRO C 236 24.21 -26.36 33.99
C PRO C 236 24.82 -25.08 34.54
N ASN C 237 23.97 -24.07 34.69
CA ASN C 237 24.34 -22.81 35.32
C ASN C 237 23.47 -22.60 36.55
N HIS C 238 23.65 -21.46 37.20
CA HIS C 238 22.80 -21.12 38.34
C HIS C 238 21.45 -20.55 37.92
N GLN C 239 21.23 -20.38 36.63
CA GLN C 239 19.89 -20.28 36.08
C GLN C 239 19.31 -21.65 35.76
N GLY C 240 20.14 -22.68 35.72
CA GLY C 240 19.69 -24.05 35.51
C GLY C 240 19.40 -24.37 34.06
N LEU C 241 20.40 -24.26 33.20
CA LEU C 241 20.20 -24.51 31.78
C LEU C 241 21.39 -25.21 31.16
N THR C 242 21.08 -26.22 30.36
CA THR C 242 22.03 -26.82 29.42
C THR C 242 22.42 -25.77 28.37
N PRO C 243 23.67 -25.80 27.86
CA PRO C 243 24.04 -24.88 26.76
C PRO C 243 23.15 -24.94 25.53
N PHE C 244 22.69 -26.14 25.16
CA PHE C 244 21.67 -26.30 24.13
C PHE C 244 20.43 -25.46 24.44
N LYS C 245 19.91 -25.59 25.66
CA LYS C 245 18.69 -24.88 26.03
C LYS C 245 18.94 -23.38 26.19
N LEU C 246 20.16 -22.98 26.57
CA LEU C 246 20.44 -21.55 26.69
C LEU C 246 20.56 -20.91 25.31
N ALA C 247 21.16 -21.63 24.35
CA ALA C 247 21.16 -21.16 22.96
C ALA C 247 19.74 -21.08 22.41
N GLY C 248 18.89 -22.03 22.79
CA GLY C 248 17.50 -21.97 22.38
C GLY C 248 16.76 -20.79 22.96
N VAL C 249 16.93 -20.55 24.27
CA VAL C 249 16.22 -19.45 24.92
C VAL C 249 16.78 -18.10 24.53
N GLU C 250 18.02 -18.03 24.05
CA GLU C 250 18.52 -16.78 23.49
C GLU C 250 17.97 -16.57 22.09
N GLY C 251 18.27 -17.51 21.17
CA GLY C 251 17.73 -17.42 19.83
C GLY C 251 18.75 -17.47 18.72
N ASN C 252 19.95 -17.95 19.01
CA ASN C 252 21.02 -17.99 18.02
C ASN C 252 20.84 -19.22 17.15
N THR C 253 20.21 -19.03 15.99
CA THR C 253 19.79 -20.16 15.17
C THR C 253 20.97 -20.85 14.52
N VAL C 254 22.00 -20.09 14.11
CA VAL C 254 23.13 -20.72 13.46
C VAL C 254 23.98 -21.49 14.47
N MET C 255 24.04 -21.04 15.73
CA MET C 255 24.71 -21.81 16.75
C MET C 255 23.90 -23.06 17.10
N PHE C 256 22.58 -22.93 17.10
CA PHE C 256 21.71 -24.08 17.32
C PHE C 256 21.91 -25.14 16.24
N GLN C 257 22.01 -24.72 14.97
CA GLN C 257 22.20 -25.69 13.91
C GLN C 257 23.61 -26.27 13.91
N HIS C 258 24.62 -25.47 14.24
CA HIS C 258 25.97 -26.04 14.31
C HIS C 258 26.16 -26.92 15.53
N LEU C 259 25.32 -26.77 16.56
CA LEU C 259 25.36 -27.74 17.64
C LEU C 259 24.54 -28.98 17.31
N MET C 260 23.50 -28.82 16.49
CA MET C 260 22.72 -29.98 16.07
C MET C 260 23.49 -30.86 15.10
N GLN C 261 24.32 -30.24 14.25
CA GLN C 261 24.99 -30.96 13.17
C GLN C 261 26.08 -31.91 13.67
N LYS C 262 26.48 -31.82 14.94
CA LYS C 262 27.35 -32.82 15.53
C LYS C 262 26.58 -34.04 16.03
N ARG C 263 25.25 -34.03 15.94
CA ARG C 263 24.40 -35.11 16.43
C ARG C 263 23.40 -35.52 15.35
N LYS C 264 23.89 -35.70 14.13
CA LYS C 264 23.02 -36.00 12.99
C LYS C 264 23.66 -37.11 12.16
N HIS C 265 23.17 -38.33 12.33
CA HIS C 265 23.65 -39.48 11.56
C HIS C 265 22.82 -39.62 10.29
N VAL C 266 23.49 -40.03 9.21
CA VAL C 266 22.90 -40.04 7.87
C VAL C 266 22.71 -41.48 7.43
N GLN C 267 21.51 -41.79 6.95
CA GLN C 267 21.18 -43.07 6.35
C GLN C 267 21.42 -42.99 4.83
N TRP C 268 20.82 -43.92 4.09
CA TRP C 268 20.98 -44.01 2.63
C TRP C 268 20.59 -42.72 1.91
N THR C 269 21.44 -42.32 0.95
CA THR C 269 21.28 -41.10 0.16
C THR C 269 21.23 -41.50 -1.31
N CYS C 270 20.03 -41.81 -1.82
CA CYS C 270 19.87 -42.25 -3.20
C CYS C 270 19.57 -41.03 -4.07
N GLY C 271 20.63 -40.45 -4.63
CA GLY C 271 20.51 -39.39 -5.60
C GLY C 271 19.87 -38.11 -5.10
N PRO C 272 18.68 -37.81 -5.57
CA PRO C 272 17.99 -36.57 -5.17
C PRO C 272 17.55 -36.57 -3.72
N LEU C 273 16.81 -37.58 -3.30
CA LEU C 273 16.22 -37.56 -1.96
C LEU C 273 17.19 -38.13 -0.94
N THR C 274 17.13 -37.59 0.27
CA THR C 274 18.04 -37.94 1.34
C THR C 274 17.26 -38.16 2.62
N SER C 275 17.46 -39.31 3.24
CA SER C 275 16.77 -39.69 4.46
C SER C 275 17.74 -39.55 5.62
N THR C 276 17.59 -38.49 6.41
CA THR C 276 18.50 -38.21 7.51
C THR C 276 17.81 -38.46 8.83
N LEU C 277 18.61 -38.50 9.90
CA LEU C 277 18.12 -38.81 11.23
C LEU C 277 18.58 -37.75 12.21
N TYR C 278 17.72 -37.46 13.19
CA TYR C 278 18.03 -36.52 14.26
C TYR C 278 17.89 -37.21 15.60
N ASP C 279 18.65 -36.72 16.58
CA ASP C 279 18.49 -37.12 17.97
C ASP C 279 17.54 -36.15 18.64
N LEU C 280 16.80 -36.67 19.63
CA LEU C 280 15.79 -35.85 20.28
C LEU C 280 15.82 -35.94 21.80
N THR C 281 16.85 -36.56 22.40
CA THR C 281 16.91 -36.62 23.85
C THR C 281 17.27 -35.29 24.48
N GLU C 282 17.71 -34.31 23.68
CA GLU C 282 17.84 -32.94 24.15
C GLU C 282 16.56 -32.16 23.91
N ILE C 283 15.89 -32.41 22.78
CA ILE C 283 14.72 -31.61 22.42
C ILE C 283 13.47 -32.04 23.17
N ASP C 284 13.46 -33.27 23.72
CA ASP C 284 12.30 -33.79 24.45
C ASP C 284 12.83 -34.53 25.67
N SER C 285 12.89 -33.84 26.80
CA SER C 285 13.39 -34.48 28.01
C SER C 285 12.32 -35.35 28.67
N TRP C 286 11.07 -34.87 28.70
CA TRP C 286 9.85 -35.52 29.19
C TRP C 286 9.98 -36.07 30.63
N GLY C 287 10.96 -35.61 31.40
CA GLY C 287 11.10 -35.99 32.79
C GLY C 287 11.60 -34.86 33.66
N GLU C 288 11.82 -33.69 33.06
CA GLU C 288 12.41 -32.56 33.75
C GLU C 288 11.33 -31.58 34.21
N GLU C 289 11.77 -30.47 34.78
CA GLU C 289 10.84 -29.43 35.19
C GLU C 289 10.45 -28.55 34.01
N LEU C 290 11.42 -28.11 33.21
CA LEU C 290 11.17 -27.25 32.06
C LEU C 290 11.78 -27.90 30.83
N SER C 291 10.93 -28.34 29.90
CA SER C 291 11.42 -28.86 28.64
C SER C 291 12.01 -27.75 27.79
N PHE C 292 12.81 -28.14 26.81
CA PHE C 292 13.41 -27.16 25.90
C PHE C 292 12.34 -26.48 25.04
N LEU C 293 11.38 -27.25 24.53
CA LEU C 293 10.30 -26.71 23.74
C LEU C 293 9.37 -25.83 24.57
N GLU C 294 9.20 -26.15 25.86
CA GLU C 294 8.40 -25.31 26.72
C GLU C 294 9.14 -24.03 27.11
N LEU C 295 10.46 -24.11 27.28
CA LEU C 295 11.21 -22.94 27.69
C LEU C 295 11.42 -21.97 26.54
N VAL C 296 11.54 -22.48 25.31
CA VAL C 296 11.90 -21.61 24.19
C VAL C 296 10.74 -20.69 23.79
N VAL C 297 9.51 -21.04 24.18
CA VAL C 297 8.37 -20.20 23.83
C VAL C 297 8.10 -19.17 24.91
N SER C 298 8.72 -19.29 26.08
CA SER C 298 8.38 -18.48 27.24
C SER C 298 9.34 -17.33 27.47
N SER C 299 10.23 -17.05 26.53
CA SER C 299 11.16 -15.95 26.74
C SER C 299 10.51 -14.62 26.43
N LYS C 300 11.03 -13.57 27.07
CA LYS C 300 10.60 -12.21 26.79
C LYS C 300 11.27 -11.63 25.55
N LYS C 301 12.29 -12.30 25.03
CA LYS C 301 12.98 -11.82 23.84
C LYS C 301 12.10 -12.06 22.61
N ARG C 302 12.16 -11.11 21.67
CA ARG C 302 11.34 -11.16 20.47
C ARG C 302 12.08 -11.83 19.31
N GLU C 303 13.02 -12.72 19.59
CA GLU C 303 13.68 -13.50 18.56
C GLU C 303 13.57 -15.00 18.80
N ALA C 304 12.95 -15.42 19.90
CA ALA C 304 12.81 -16.84 20.17
C ALA C 304 11.79 -17.48 19.24
N ARG C 305 10.86 -16.69 18.71
CA ARG C 305 9.81 -17.23 17.87
C ARG C 305 10.32 -17.68 16.51
N GLN C 306 11.43 -17.11 16.04
CA GLN C 306 11.93 -17.48 14.71
C GLN C 306 12.65 -18.82 14.73
N ILE C 307 12.92 -19.39 15.90
CA ILE C 307 13.61 -20.67 15.97
C ILE C 307 12.72 -21.83 15.54
N LEU C 308 11.40 -21.64 15.48
CA LEU C 308 10.48 -22.74 15.25
C LEU C 308 10.35 -23.13 13.78
N GLU C 309 10.84 -22.30 12.86
CA GLU C 309 10.83 -22.67 11.44
C GLU C 309 12.08 -23.42 11.03
N GLN C 310 13.03 -23.62 11.93
CA GLN C 310 14.12 -24.54 11.67
C GLN C 310 13.60 -25.97 11.68
N THR C 311 14.15 -26.81 10.81
CA THR C 311 13.64 -28.16 10.56
C THR C 311 13.50 -29.09 11.78
N PRO C 312 14.51 -29.29 12.65
CA PRO C 312 14.43 -30.45 13.56
C PRO C 312 13.47 -30.28 14.71
N VAL C 313 12.83 -29.12 14.86
CA VAL C 313 11.76 -28.97 15.83
C VAL C 313 10.46 -28.78 15.07
N LYS C 314 10.54 -28.27 13.82
CA LYS C 314 9.34 -27.98 13.06
C LYS C 314 8.66 -29.25 12.60
N GLU C 315 9.44 -30.23 12.15
CA GLU C 315 8.85 -31.50 11.73
C GLU C 315 8.17 -32.21 12.89
N LEU C 316 8.77 -32.15 14.08
CA LEU C 316 8.19 -32.79 15.25
C LEU C 316 6.90 -32.11 15.69
N VAL C 317 6.90 -30.78 15.72
CA VAL C 317 5.68 -30.11 16.17
C VAL C 317 4.58 -30.20 15.11
N SER C 318 4.94 -30.29 13.83
CA SER C 318 3.90 -30.47 12.82
C SER C 318 3.34 -31.88 12.84
N PHE C 319 4.17 -32.89 13.15
CA PHE C 319 3.66 -34.25 13.34
C PHE C 319 2.70 -34.31 14.52
N LYS C 320 3.08 -33.64 15.62
CA LYS C 320 2.21 -33.64 16.81
C LYS C 320 0.89 -32.92 16.54
N TRP C 321 0.95 -31.78 15.84
CA TRP C 321 -0.28 -31.04 15.57
C TRP C 321 -1.13 -31.71 14.49
N LYS C 322 -0.53 -32.50 13.60
CA LYS C 322 -1.33 -33.19 12.60
C LYS C 322 -1.95 -34.46 13.16
N LYS C 323 -1.32 -35.10 14.13
CA LYS C 323 -1.92 -36.31 14.69
C LYS C 323 -2.77 -36.03 15.92
N TYR C 324 -2.18 -35.49 16.99
CA TYR C 324 -2.85 -35.47 18.27
C TYR C 324 -2.98 -34.07 18.85
N GLY C 325 -2.77 -33.03 18.05
CA GLY C 325 -3.04 -31.70 18.53
C GLY C 325 -4.52 -31.35 18.46
N ARG C 326 -5.04 -31.29 17.24
CA ARG C 326 -6.45 -30.95 17.04
C ARG C 326 -7.45 -31.95 17.59
N PRO C 327 -7.30 -33.32 17.48
CA PRO C 327 -8.36 -34.19 18.00
C PRO C 327 -8.48 -34.29 19.51
N TYR C 328 -7.75 -33.48 20.25
CA TYR C 328 -8.05 -33.23 21.66
C TYR C 328 -8.55 -31.81 21.91
N PHE C 329 -7.93 -30.84 21.22
CA PHE C 329 -8.30 -29.44 21.39
C PHE C 329 -9.72 -29.17 20.90
N CYS C 330 -10.09 -29.73 19.76
CA CYS C 330 -11.40 -29.46 19.19
C CYS C 330 -12.51 -30.08 20.02
N VAL C 331 -12.29 -31.28 20.57
CA VAL C 331 -13.35 -31.89 21.37
C VAL C 331 -13.44 -31.20 22.73
N LEU C 332 -12.31 -30.75 23.29
CA LEU C 332 -12.40 -29.96 24.52
C LEU C 332 -13.09 -28.61 24.27
N ALA C 333 -12.89 -28.03 23.09
CA ALA C 333 -13.57 -26.79 22.74
C ALA C 333 -15.06 -27.01 22.55
N SER C 334 -15.45 -28.14 21.96
CA SER C 334 -16.86 -28.46 21.81
C SER C 334 -17.53 -28.66 23.16
N LEU C 335 -16.84 -29.32 24.09
CA LEU C 335 -17.39 -29.48 25.44
C LEU C 335 -17.47 -28.16 26.19
N TYR C 336 -16.52 -27.25 25.98
CA TYR C 336 -16.60 -25.93 26.60
C TYR C 336 -17.75 -25.12 26.00
N ILE C 337 -17.98 -25.26 24.69
CA ILE C 337 -19.13 -24.63 24.04
C ILE C 337 -20.42 -25.14 24.65
N LEU C 338 -20.52 -26.45 24.88
CA LEU C 338 -21.72 -27.02 25.47
C LEU C 338 -21.90 -26.55 26.92
N TYR C 339 -20.82 -26.44 27.67
CA TYR C 339 -20.89 -25.95 29.04
C TYR C 339 -21.34 -24.49 29.09
N MET C 340 -20.81 -23.66 28.19
CA MET C 340 -21.18 -22.25 28.19
C MET C 340 -22.61 -22.04 27.72
N ILE C 341 -23.08 -22.85 26.76
CA ILE C 341 -24.46 -22.69 26.34
C ILE C 341 -25.40 -23.26 27.40
N CYS C 342 -24.95 -24.24 28.19
CA CYS C 342 -25.76 -24.71 29.30
C CYS C 342 -25.84 -23.65 30.39
N PHE C 343 -24.73 -22.93 30.63
CA PHE C 343 -24.75 -21.84 31.59
C PHE C 343 -25.68 -20.72 31.15
N THR C 344 -25.67 -20.36 29.86
CA THR C 344 -26.52 -19.26 29.44
C THR C 344 -27.99 -19.67 29.39
N THR C 345 -28.30 -20.93 29.06
CA THR C 345 -29.70 -21.34 29.09
C THR C 345 -30.17 -21.66 30.49
N CYS C 346 -29.25 -21.79 31.45
CA CYS C 346 -29.66 -21.85 32.84
C CYS C 346 -29.87 -20.47 33.43
N CYS C 347 -29.01 -19.51 33.05
CA CYS C 347 -29.15 -18.17 33.57
C CYS C 347 -30.30 -17.40 32.95
N ILE C 348 -30.75 -17.79 31.75
CA ILE C 348 -31.88 -17.10 31.12
C ILE C 348 -33.20 -17.37 31.85
N TYR C 349 -33.27 -18.43 32.66
CA TYR C 349 -34.47 -18.71 33.45
C TYR C 349 -34.32 -18.18 34.87
N ARG C 350 -34.09 -16.88 34.97
CA ARG C 350 -34.00 -16.25 36.28
C ARG C 350 -35.39 -16.17 36.91
N PRO C 351 -35.54 -16.55 38.18
CA PRO C 351 -36.88 -16.55 38.80
C PRO C 351 -37.41 -15.14 39.00
N LEU C 352 -38.70 -15.07 39.34
CA LEU C 352 -39.42 -13.80 39.30
C LEU C 352 -40.29 -13.63 40.54
N LYS C 353 -40.61 -12.38 40.82
CA LYS C 353 -41.67 -11.99 41.74
C LYS C 353 -42.20 -10.65 41.26
N LEU C 354 -43.51 -10.46 41.37
CA LEU C 354 -44.15 -9.25 40.88
C LEU C 354 -43.85 -8.08 41.83
N ARG C 355 -44.29 -6.88 41.42
CA ARG C 355 -44.00 -5.69 42.19
C ARG C 355 -44.84 -5.63 43.46
N ASP C 356 -44.28 -5.02 44.50
CA ASP C 356 -44.93 -4.90 45.80
C ASP C 356 -45.26 -3.46 46.17
N ASP C 357 -44.32 -2.53 45.99
CA ASP C 357 -44.56 -1.12 46.19
C ASP C 357 -45.02 -0.48 44.89
N ASN C 358 -45.88 0.54 45.00
CA ASN C 358 -46.44 1.18 43.82
C ASN C 358 -45.41 2.09 43.16
N ARG C 359 -45.77 2.62 41.99
CA ARG C 359 -44.85 3.41 41.18
C ARG C 359 -45.40 4.82 40.96
N THR C 360 -45.82 5.49 42.03
CA THR C 360 -46.44 6.82 41.94
C THR C 360 -45.40 7.93 41.73
N ASP C 361 -44.62 7.76 40.67
CA ASP C 361 -43.64 8.68 40.11
C ASP C 361 -43.41 8.18 38.70
N PRO C 362 -43.55 9.03 37.68
CA PRO C 362 -43.79 8.52 36.31
C PRO C 362 -42.59 7.85 35.66
N ARG C 363 -41.42 7.87 36.28
CA ARG C 363 -40.24 7.21 35.75
C ARG C 363 -39.81 6.05 36.63
N ASP C 364 -40.76 5.27 37.10
CA ASP C 364 -40.49 4.08 37.92
C ASP C 364 -40.97 2.88 37.13
N ILE C 365 -40.09 2.33 36.30
CA ILE C 365 -40.40 1.08 35.61
C ILE C 365 -39.52 -0.01 36.17
N THR C 366 -40.01 -0.73 37.19
CA THR C 366 -39.36 -1.91 37.76
C THR C 366 -40.47 -2.94 37.95
N ILE C 367 -40.76 -3.71 36.90
CA ILE C 367 -41.94 -4.55 36.90
C ILE C 367 -41.68 -5.94 37.48
N LEU C 368 -40.43 -6.30 37.73
CA LEU C 368 -40.09 -7.56 38.38
C LEU C 368 -39.20 -7.32 39.59
N GLN C 369 -38.95 -8.39 40.33
CA GLN C 369 -38.05 -8.39 41.48
C GLN C 369 -37.60 -9.83 41.69
N GLN C 370 -36.49 -10.00 42.40
CA GLN C 370 -35.97 -11.33 42.68
C GLN C 370 -36.54 -11.83 43.99
N LYS C 371 -37.18 -13.00 43.96
CA LYS C 371 -37.89 -13.53 45.11
C LYS C 371 -36.92 -14.19 46.08
N LEU C 372 -37.48 -14.76 47.16
CA LEU C 372 -36.69 -15.31 48.23
C LEU C 372 -36.10 -16.67 47.84
N LEU C 373 -35.21 -17.17 48.70
CA LEU C 373 -34.52 -18.43 48.43
C LEU C 373 -35.42 -19.65 48.63
N GLN C 374 -36.56 -19.49 49.29
CA GLN C 374 -37.39 -20.64 49.63
C GLN C 374 -38.18 -21.18 48.45
N GLU C 375 -38.33 -20.41 47.38
CA GLU C 375 -39.19 -20.78 46.28
C GLU C 375 -38.42 -21.27 45.05
N ALA C 376 -37.10 -21.36 45.13
CA ALA C 376 -36.34 -21.90 44.01
C ALA C 376 -36.51 -23.40 43.89
N TYR C 377 -36.78 -24.07 45.00
CA TYR C 377 -37.07 -25.51 45.02
C TYR C 377 -38.54 -25.80 45.24
N VAL C 378 -39.42 -24.81 45.09
CA VAL C 378 -40.84 -25.04 45.23
C VAL C 378 -41.42 -25.64 43.96
N THR C 379 -41.04 -25.10 42.81
CA THR C 379 -41.54 -25.59 41.53
C THR C 379 -40.72 -26.78 41.06
N HIS C 380 -41.40 -27.76 40.48
CA HIS C 380 -40.76 -28.96 39.95
C HIS C 380 -40.24 -28.77 38.54
N GLN C 381 -40.46 -27.60 37.94
CA GLN C 381 -39.88 -27.26 36.64
C GLN C 381 -38.61 -26.43 36.77
N ASP C 382 -37.92 -26.55 37.90
CA ASP C 382 -36.67 -25.83 38.13
C ASP C 382 -35.60 -26.69 38.79
N ASN C 383 -35.86 -27.98 39.02
CA ASN C 383 -34.82 -28.84 39.57
C ASN C 383 -33.67 -29.02 38.58
N ILE C 384 -33.99 -29.14 37.30
CA ILE C 384 -32.93 -29.20 36.29
C ILE C 384 -32.26 -27.84 36.13
N ARG C 385 -32.95 -26.75 36.46
CA ARG C 385 -32.32 -25.43 36.45
C ARG C 385 -31.31 -25.30 37.59
N LEU C 386 -31.65 -25.82 38.76
CA LEU C 386 -30.69 -25.87 39.86
C LEU C 386 -29.54 -26.82 39.54
N VAL C 387 -29.80 -27.89 38.79
CA VAL C 387 -28.74 -28.77 38.30
C VAL C 387 -27.80 -28.00 37.37
N GLY C 388 -28.37 -27.15 36.52
CA GLY C 388 -27.54 -26.32 35.65
C GLY C 388 -26.72 -25.30 36.41
N GLU C 389 -27.30 -24.72 37.46
CA GLU C 389 -26.54 -23.81 38.33
C GLU C 389 -25.40 -24.56 39.04
N LEU C 390 -25.68 -25.81 39.44
CA LEU C 390 -24.65 -26.64 40.06
C LEU C 390 -23.52 -26.96 39.09
N VAL C 391 -23.85 -27.24 37.83
CA VAL C 391 -22.79 -27.58 36.89
C VAL C 391 -22.02 -26.32 36.49
N THR C 392 -22.66 -25.16 36.52
CA THR C 392 -21.95 -23.89 36.32
C THR C 392 -20.93 -23.64 37.44
N VAL C 393 -21.36 -23.80 38.68
CA VAL C 393 -20.44 -23.52 39.78
C VAL C 393 -19.37 -24.61 39.89
N THR C 394 -19.67 -25.84 39.45
CA THR C 394 -18.66 -26.88 39.45
C THR C 394 -17.63 -26.63 38.35
N GLY C 395 -18.06 -26.14 37.20
CA GLY C 395 -17.11 -25.76 36.16
C GLY C 395 -16.23 -24.60 36.56
N ALA C 396 -16.81 -23.63 37.29
CA ALA C 396 -16.00 -22.52 37.79
C ALA C 396 -14.98 -22.98 38.82
N VAL C 397 -15.38 -23.88 39.72
CA VAL C 397 -14.46 -24.40 40.72
C VAL C 397 -13.35 -25.22 40.07
N ILE C 398 -13.70 -26.03 39.06
CA ILE C 398 -12.68 -26.86 38.43
C ILE C 398 -11.76 -26.04 37.54
N ILE C 399 -12.24 -24.94 36.96
CA ILE C 399 -11.33 -24.14 36.15
C ILE C 399 -10.43 -23.29 37.05
N LEU C 400 -10.91 -22.90 38.23
CA LEU C 400 -10.03 -22.24 39.20
C LEU C 400 -8.98 -23.20 39.73
N LEU C 401 -9.38 -24.45 40.01
CA LEU C 401 -8.43 -25.43 40.53
C LEU C 401 -7.44 -25.89 39.47
N LEU C 402 -7.81 -25.79 38.19
CA LEU C 402 -6.83 -26.05 37.15
C LEU C 402 -5.86 -24.89 36.99
N GLU C 403 -6.35 -23.65 36.99
CA GLU C 403 -5.48 -22.52 36.67
C GLU C 403 -4.72 -21.98 37.87
N ILE C 404 -5.00 -22.44 39.09
CA ILE C 404 -4.21 -22.00 40.24
C ILE C 404 -2.76 -22.47 40.21
N PRO C 405 -2.41 -23.72 39.86
CA PRO C 405 -0.98 -24.01 39.69
C PRO C 405 -0.40 -23.49 38.39
N ASP C 406 -1.23 -23.04 37.45
CA ASP C 406 -0.75 -22.49 36.19
C ASP C 406 -0.32 -21.03 36.31
N ILE C 407 -0.30 -20.46 37.53
CA ILE C 407 0.11 -19.09 37.73
C ILE C 407 1.55 -18.97 38.20
N PHE C 408 2.16 -20.07 38.63
CA PHE C 408 3.50 -20.04 39.21
C PHE C 408 4.50 -20.90 38.44
N ARG C 409 4.18 -21.30 37.22
CA ARG C 409 5.11 -22.11 36.44
C ARG C 409 6.25 -21.26 35.90
N VAL C 410 5.92 -20.28 35.06
CA VAL C 410 6.87 -19.27 34.61
C VAL C 410 6.26 -17.99 35.16
N GLY C 411 6.88 -16.84 34.93
CA GLY C 411 6.58 -15.62 35.67
C GLY C 411 5.19 -15.06 35.41
N ALA C 412 4.85 -14.10 36.27
CA ALA C 412 3.53 -13.48 36.22
C ALA C 412 3.33 -12.69 34.93
N SER C 413 4.33 -11.89 34.54
CA SER C 413 4.24 -11.22 33.25
C SER C 413 4.54 -12.15 32.09
N ARG C 414 5.16 -13.29 32.36
CA ARG C 414 5.30 -14.32 31.33
C ARG C 414 3.99 -15.03 31.05
N TYR C 415 3.07 -15.00 32.01
CA TYR C 415 1.77 -15.63 31.84
C TYR C 415 0.63 -14.64 31.60
N PHE C 416 0.83 -13.35 31.87
CA PHE C 416 -0.23 -12.37 31.71
C PHE C 416 -0.16 -11.53 30.45
N GLY C 417 1.00 -11.39 29.83
CA GLY C 417 1.11 -10.44 28.74
C GLY C 417 1.72 -11.01 27.50
N GLN C 418 2.21 -12.23 27.59
CA GLN C 418 2.78 -12.89 26.42
C GLN C 418 1.63 -13.36 25.53
N THR C 419 1.50 -12.71 24.38
CA THR C 419 0.47 -13.06 23.41
C THR C 419 0.65 -14.45 22.83
N ILE C 420 1.87 -15.00 22.93
CA ILE C 420 2.09 -16.38 22.51
C ILE C 420 1.36 -17.34 23.43
N LEU C 421 1.52 -17.16 24.74
CA LEU C 421 0.87 -18.07 25.67
C LEU C 421 -0.60 -17.74 25.92
N GLY C 422 -1.01 -16.50 25.69
CA GLY C 422 -2.42 -16.17 25.84
C GLY C 422 -2.81 -15.56 27.16
N GLY C 423 -2.08 -14.54 27.58
CA GLY C 423 -2.35 -13.81 28.81
C GLY C 423 -3.71 -13.15 28.94
N PRO C 424 -4.09 -12.29 27.99
CA PRO C 424 -5.42 -11.69 28.02
C PRO C 424 -6.57 -12.64 27.70
N PHE C 425 -6.33 -13.94 27.58
CA PHE C 425 -7.40 -14.90 27.75
C PHE C 425 -7.40 -15.53 29.13
N HIS C 426 -6.22 -15.72 29.72
CA HIS C 426 -6.11 -16.29 31.05
C HIS C 426 -6.73 -15.37 32.10
N VAL C 427 -6.52 -14.06 31.96
CA VAL C 427 -7.02 -13.14 32.99
C VAL C 427 -8.53 -13.02 32.92
N ILE C 428 -9.10 -13.07 31.71
CA ILE C 428 -10.55 -12.98 31.65
C ILE C 428 -11.19 -14.30 32.04
N ILE C 429 -10.51 -15.43 31.84
CA ILE C 429 -11.04 -16.70 32.32
C ILE C 429 -11.06 -16.75 33.84
N ILE C 430 -9.98 -16.29 34.49
CA ILE C 430 -9.97 -16.36 35.95
C ILE C 430 -10.89 -15.29 36.56
N THR C 431 -11.09 -14.16 35.85
CA THR C 431 -12.04 -13.16 36.33
C THR C 431 -13.47 -13.67 36.21
N TYR C 432 -13.78 -14.37 35.11
CA TYR C 432 -15.10 -14.98 34.95
C TYR C 432 -15.37 -16.02 36.02
N ALA C 433 -14.36 -16.83 36.35
CA ALA C 433 -14.52 -17.85 37.38
C ALA C 433 -14.76 -17.22 38.75
N SER C 434 -13.97 -16.20 39.11
CA SER C 434 -14.12 -15.55 40.41
C SER C 434 -15.46 -14.82 40.52
N LEU C 435 -15.92 -14.22 39.42
CA LEU C 435 -17.17 -13.49 39.51
C LEU C 435 -18.38 -14.42 39.53
N VAL C 436 -18.30 -15.57 38.86
CA VAL C 436 -19.35 -16.56 38.98
C VAL C 436 -19.40 -17.13 40.40
N LEU C 437 -18.23 -17.31 41.03
CA LEU C 437 -18.19 -17.75 42.43
C LEU C 437 -18.82 -16.71 43.36
N LEU C 438 -18.52 -15.42 43.13
CA LEU C 438 -19.10 -14.37 43.95
C LEU C 438 -20.61 -14.28 43.77
N THR C 439 -21.10 -14.37 42.54
CA THR C 439 -22.54 -14.27 42.35
C THR C 439 -23.26 -15.53 42.82
N MET C 440 -22.59 -16.68 42.84
CA MET C 440 -23.25 -17.88 43.39
C MET C 440 -23.33 -17.82 44.91
N VAL C 441 -22.29 -17.30 45.57
CA VAL C 441 -22.41 -17.16 47.02
C VAL C 441 -23.36 -16.02 47.38
N MET C 442 -23.54 -15.03 46.50
CA MET C 442 -24.55 -14.01 46.74
C MET C 442 -25.96 -14.58 46.57
N ARG C 443 -26.15 -15.47 45.59
CA ARG C 443 -27.43 -16.15 45.44
C ARG C 443 -27.73 -17.04 46.65
N LEU C 444 -26.72 -17.75 47.16
CA LEU C 444 -26.91 -18.58 48.34
C LEU C 444 -27.12 -17.77 49.61
N THR C 445 -26.64 -16.53 49.65
CA THR C 445 -26.89 -15.65 50.79
C THR C 445 -28.19 -14.87 50.66
N ASN C 446 -28.76 -14.80 49.45
CA ASN C 446 -30.06 -14.20 49.15
C ASN C 446 -30.09 -12.71 49.52
N MET C 447 -29.29 -11.95 48.78
CA MET C 447 -29.33 -10.50 48.82
C MET C 447 -29.91 -9.95 47.52
N ASN C 448 -30.39 -8.72 47.60
CA ASN C 448 -31.02 -8.09 46.45
C ASN C 448 -29.97 -7.58 45.47
N GLY C 449 -30.40 -7.39 44.22
CA GLY C 449 -29.54 -6.85 43.19
C GLY C 449 -28.43 -7.79 42.76
N GLU C 450 -28.80 -8.93 42.19
CA GLU C 450 -27.84 -9.94 41.80
C GLU C 450 -27.40 -9.84 40.34
N VAL C 451 -28.12 -9.07 39.52
CA VAL C 451 -27.88 -9.06 38.09
C VAL C 451 -26.61 -8.33 37.69
N VAL C 452 -26.09 -7.48 38.58
CA VAL C 452 -24.93 -6.63 38.31
C VAL C 452 -23.67 -7.47 38.12
N PRO C 453 -23.36 -8.50 38.92
CA PRO C 453 -22.33 -9.45 38.46
C PRO C 453 -22.80 -10.43 37.41
N LEU C 454 -24.12 -10.70 37.30
CA LEU C 454 -24.57 -11.76 36.39
C LEU C 454 -24.34 -11.40 34.93
N SER C 455 -24.76 -10.20 34.51
CA SER C 455 -24.59 -9.81 33.11
C SER C 455 -23.11 -9.64 32.77
N PHE C 456 -22.33 -9.14 33.72
CA PHE C 456 -20.91 -8.91 33.50
C PHE C 456 -20.16 -10.23 33.37
N ALA C 457 -20.44 -11.19 34.25
CA ALA C 457 -19.85 -12.52 34.14
C ALA C 457 -20.33 -13.26 32.92
N LEU C 458 -21.57 -13.02 32.49
CA LEU C 458 -22.10 -13.69 31.31
C LEU C 458 -21.40 -13.23 30.04
N VAL C 459 -21.21 -11.91 29.88
CA VAL C 459 -20.53 -11.44 28.69
C VAL C 459 -19.05 -11.79 28.73
N LEU C 460 -18.44 -11.85 29.94
CA LEU C 460 -17.04 -12.26 30.02
C LEU C 460 -16.85 -13.74 29.67
N GLY C 461 -17.72 -14.60 30.20
CA GLY C 461 -17.63 -16.02 29.88
C GLY C 461 -17.96 -16.32 28.44
N TRP C 462 -18.80 -15.51 27.81
CA TRP C 462 -19.06 -15.78 26.41
C TRP C 462 -17.97 -15.24 25.50
N CYS C 463 -17.32 -14.12 25.86
CA CYS C 463 -16.14 -13.75 25.09
C CYS C 463 -14.92 -14.60 25.42
N SER C 464 -14.98 -15.42 26.47
CA SER C 464 -13.94 -16.41 26.71
C SER C 464 -13.83 -17.50 25.65
N VAL C 465 -14.81 -17.65 24.76
CA VAL C 465 -14.72 -18.62 23.69
C VAL C 465 -13.63 -18.25 22.70
N MET C 466 -13.33 -16.94 22.56
CA MET C 466 -12.39 -16.42 21.57
C MET C 466 -10.96 -16.91 21.78
N TYR C 467 -10.63 -17.50 22.94
CA TYR C 467 -9.36 -18.19 23.09
C TYR C 467 -9.25 -19.39 22.17
N PHE C 468 -10.37 -20.05 21.87
CA PHE C 468 -10.37 -21.28 21.10
C PHE C 468 -10.28 -21.07 19.60
N ALA C 469 -9.80 -19.91 19.15
CA ALA C 469 -9.59 -19.67 17.73
C ALA C 469 -8.13 -19.87 17.35
N ARG C 470 -7.46 -20.82 17.98
CA ARG C 470 -6.10 -21.17 17.59
C ARG C 470 -6.05 -22.43 16.74
N GLY C 471 -7.11 -23.21 16.70
CA GLY C 471 -7.10 -24.46 15.97
C GLY C 471 -7.82 -24.36 14.64
N PHE C 472 -7.84 -23.17 14.06
CA PHE C 472 -8.46 -22.94 12.77
C PHE C 472 -7.52 -22.08 11.94
N GLN C 473 -7.21 -22.53 10.72
CA GLN C 473 -6.33 -21.75 9.86
C GLN C 473 -6.98 -20.44 9.42
N MET C 474 -8.30 -20.42 9.32
CA MET C 474 -9.00 -19.17 9.01
C MET C 474 -9.06 -18.27 10.24
N LEU C 475 -9.35 -18.83 11.41
CA LEU C 475 -9.59 -18.02 12.60
C LEU C 475 -8.31 -17.72 13.38
N GLY C 476 -7.17 -18.16 12.90
CA GLY C 476 -5.91 -17.85 13.53
C GLY C 476 -5.49 -16.39 13.54
N PRO C 477 -5.14 -15.84 12.38
CA PRO C 477 -4.51 -14.51 12.37
C PRO C 477 -5.46 -13.38 12.69
N PHE C 478 -6.77 -13.60 12.55
CA PHE C 478 -7.73 -12.51 12.74
C PHE C 478 -7.85 -12.11 14.21
N THR C 479 -7.89 -13.09 15.12
CA THR C 479 -7.92 -12.79 16.54
C THR C 479 -6.61 -12.21 17.03
N ILE C 480 -5.49 -12.65 16.45
CA ILE C 480 -4.21 -12.10 16.86
C ILE C 480 -4.07 -10.67 16.35
N MET C 481 -4.68 -10.38 15.20
CA MET C 481 -4.74 -9.01 14.71
C MET C 481 -5.57 -8.14 15.63
N ILE C 482 -6.71 -8.63 16.13
CA ILE C 482 -7.53 -7.79 17.01
C ILE C 482 -6.84 -7.61 18.37
N GLN C 483 -6.07 -8.62 18.82
CA GLN C 483 -5.35 -8.52 20.08
C GLN C 483 -4.19 -7.54 19.97
N LYS C 484 -3.52 -7.52 18.81
CA LYS C 484 -2.54 -6.49 18.56
C LYS C 484 -3.18 -5.12 18.43
N MET C 485 -4.35 -5.06 17.79
CA MET C 485 -4.92 -3.79 17.36
C MET C 485 -5.50 -2.98 18.50
N ILE C 486 -6.08 -3.65 19.50
CA ILE C 486 -6.63 -2.93 20.66
C ILE C 486 -5.55 -2.10 21.33
N PHE C 487 -4.52 -2.77 21.87
CA PHE C 487 -3.43 -2.08 22.56
C PHE C 487 -2.45 -1.42 21.61
N GLY C 488 -2.61 -1.54 20.30
CA GLY C 488 -1.84 -0.71 19.41
C GLY C 488 -2.46 0.66 19.18
N ASP C 489 -3.74 0.71 18.82
CA ASP C 489 -4.32 1.96 18.37
C ASP C 489 -5.66 2.34 18.99
N LEU C 490 -6.43 1.39 19.52
CA LEU C 490 -7.73 1.76 20.07
C LEU C 490 -7.56 2.52 21.37
N MET C 491 -6.47 2.24 22.08
CA MET C 491 -6.08 3.01 23.25
C MET C 491 -5.86 4.48 22.89
N ARG C 492 -5.11 4.72 21.81
CA ARG C 492 -4.84 6.09 21.36
C ARG C 492 -6.12 6.78 20.92
N PHE C 493 -6.96 6.06 20.18
CA PHE C 493 -8.19 6.68 19.69
C PHE C 493 -9.15 7.00 20.82
N CYS C 494 -9.23 6.14 21.84
CA CYS C 494 -10.09 6.44 22.99
C CYS C 494 -9.52 7.59 23.81
N TRP C 495 -8.19 7.63 23.97
CA TRP C 495 -7.57 8.70 24.75
C TRP C 495 -7.71 10.05 24.07
N LEU C 496 -7.79 10.07 22.75
CA LEU C 496 -8.03 11.35 22.09
C LEU C 496 -9.50 11.65 21.91
N MET C 497 -10.37 10.63 21.91
CA MET C 497 -11.80 10.88 21.80
C MET C 497 -12.39 11.39 23.10
N ALA C 498 -11.79 11.01 24.24
CA ALA C 498 -12.37 11.31 25.54
C ALA C 498 -12.40 12.81 25.81
N VAL C 499 -11.33 13.52 25.46
CA VAL C 499 -11.25 14.94 25.76
C VAL C 499 -12.23 15.75 24.89
N VAL C 500 -12.37 15.37 23.62
CA VAL C 500 -13.31 16.03 22.73
C VAL C 500 -14.74 15.78 23.17
N ILE C 501 -15.04 14.56 23.60
CA ILE C 501 -16.41 14.27 23.99
C ILE C 501 -16.73 14.92 25.33
N LEU C 502 -15.74 15.06 26.22
CA LEU C 502 -15.98 15.70 27.50
C LEU C 502 -16.16 17.20 27.34
N GLY C 503 -15.51 17.78 26.33
CA GLY C 503 -15.78 19.17 26.03
C GLY C 503 -17.16 19.39 25.43
N PHE C 504 -17.50 18.59 24.41
CA PHE C 504 -18.71 18.86 23.65
C PHE C 504 -19.98 18.54 24.44
N ALA C 505 -19.91 17.56 25.35
CA ALA C 505 -21.07 17.27 26.19
C ALA C 505 -21.38 18.41 27.13
N SER C 506 -20.34 18.97 27.75
CA SER C 506 -20.53 20.12 28.63
C SER C 506 -21.03 21.34 27.86
N ALA C 507 -20.55 21.50 26.63
CA ALA C 507 -21.03 22.60 25.79
C ALA C 507 -22.52 22.47 25.47
N PHE C 508 -22.94 21.26 25.08
CA PHE C 508 -24.35 21.03 24.76
C PHE C 508 -25.22 21.17 25.99
N HIS C 509 -24.74 20.73 27.16
CA HIS C 509 -25.55 20.82 28.37
C HIS C 509 -25.70 22.26 28.83
N ILE C 510 -24.65 23.07 28.66
CA ILE C 510 -24.75 24.49 28.99
C ILE C 510 -25.74 25.18 28.04
N THR C 511 -25.71 24.82 26.76
CA THR C 511 -26.62 25.45 25.83
C THR C 511 -28.05 24.96 25.98
N PHE C 512 -28.27 23.79 26.59
CA PHE C 512 -29.62 23.27 26.71
C PHE C 512 -30.18 23.27 28.12
N GLN C 513 -29.45 23.78 29.12
CA GLN C 513 -30.05 23.92 30.44
C GLN C 513 -31.08 25.04 30.50
N THR C 514 -31.14 25.91 29.51
CA THR C 514 -32.21 26.90 29.40
C THR C 514 -33.38 26.39 28.59
N GLU C 515 -33.48 25.07 28.38
CA GLU C 515 -34.49 24.50 27.50
C GLU C 515 -35.29 23.46 28.25
N ASP C 516 -36.59 23.42 27.99
CA ASP C 516 -37.46 22.49 28.69
C ASP C 516 -37.29 21.08 28.13
N PRO C 517 -37.12 20.07 28.97
CA PRO C 517 -36.83 18.71 28.47
C PRO C 517 -38.04 17.87 28.10
N ASN C 518 -39.27 18.38 28.28
CA ASN C 518 -40.43 17.56 27.98
C ASN C 518 -40.72 17.46 26.49
N ASN C 519 -40.09 18.30 25.66
CA ASN C 519 -40.20 18.22 24.22
C ASN C 519 -38.89 17.78 23.58
N LEU C 520 -37.80 18.50 23.84
CA LEU C 520 -36.46 18.07 23.47
C LEU C 520 -35.96 17.18 24.59
N GLY C 521 -36.11 15.86 24.40
CA GLY C 521 -35.83 14.92 25.46
C GLY C 521 -34.37 14.77 25.79
N GLU C 522 -33.51 14.83 24.78
CA GLU C 522 -32.08 14.63 24.97
C GLU C 522 -31.47 15.78 25.76
N PHE C 523 -30.31 15.48 26.36
CA PHE C 523 -29.54 16.41 27.19
C PHE C 523 -30.37 16.95 28.36
N SER C 524 -31.10 16.06 29.03
CA SER C 524 -31.87 16.47 30.21
C SER C 524 -30.93 16.80 31.36
N ASP C 525 -30.16 15.81 31.81
CA ASP C 525 -29.14 16.01 32.82
C ASP C 525 -27.77 15.71 32.22
N TYR C 526 -26.73 16.01 33.00
CA TYR C 526 -25.36 15.94 32.47
C TYR C 526 -24.87 14.53 32.09
N PRO C 527 -25.12 13.44 32.85
CA PRO C 527 -24.61 12.14 32.37
C PRO C 527 -25.31 11.63 31.12
N THR C 528 -26.62 11.81 30.99
CA THR C 528 -27.25 11.38 29.75
C THR C 528 -26.88 12.30 28.59
N ALA C 529 -26.49 13.54 28.87
CA ALA C 529 -25.94 14.40 27.82
C ALA C 529 -24.59 13.89 27.36
N LEU C 530 -23.76 13.43 28.31
CA LEU C 530 -22.49 12.81 27.98
C LEU C 530 -22.69 11.57 27.12
N PHE C 531 -23.66 10.74 27.50
CA PHE C 531 -23.93 9.52 26.74
C PHE C 531 -24.49 9.82 25.35
N SER C 532 -25.34 10.84 25.24
CA SER C 532 -25.90 11.19 23.95
C SER C 532 -24.85 11.78 23.03
N THR C 533 -23.89 12.52 23.58
CA THR C 533 -22.80 13.01 22.75
C THR C 533 -21.88 11.88 22.32
N PHE C 534 -21.67 10.88 23.19
CA PHE C 534 -20.90 9.70 22.80
C PHE C 534 -21.59 8.95 21.66
N GLU C 535 -22.91 8.83 21.75
CA GLU C 535 -23.65 8.14 20.70
C GLU C 535 -23.63 8.94 19.40
N LEU C 536 -23.74 10.26 19.48
CA LEU C 536 -23.69 11.08 18.27
C LEU C 536 -22.30 11.11 17.66
N PHE C 537 -21.27 10.91 18.49
CA PHE C 537 -19.92 10.67 17.98
C PHE C 537 -19.88 9.40 17.17
N LEU C 538 -20.32 8.29 17.74
CA LEU C 538 -20.22 7.03 17.04
C LEU C 538 -21.35 6.78 16.05
N THR C 539 -22.20 7.79 15.81
CA THR C 539 -23.34 7.83 14.87
C THR C 539 -24.20 6.56 14.89
N ILE C 540 -24.82 6.32 16.04
CA ILE C 540 -25.90 5.34 16.11
C ILE C 540 -27.22 6.11 16.19
N ILE C 541 -27.36 6.95 17.22
CA ILE C 541 -28.58 7.73 17.37
C ILE C 541 -28.62 8.82 16.31
N ASP C 542 -29.82 9.22 15.93
CA ASP C 542 -29.97 10.36 15.04
C ASP C 542 -29.81 11.66 15.83
N GLY C 543 -29.67 12.76 15.10
CA GLY C 543 -29.49 14.06 15.70
C GLY C 543 -30.76 14.53 16.37
N PRO C 544 -30.63 15.10 17.57
CA PRO C 544 -31.82 15.48 18.33
C PRO C 544 -32.51 16.69 17.73
N ALA C 545 -33.63 16.44 17.04
CA ALA C 545 -34.34 17.48 16.33
C ALA C 545 -35.84 17.27 16.50
N ASN C 546 -36.52 18.33 16.90
CA ASN C 546 -37.98 18.35 16.92
C ASN C 546 -38.42 19.46 15.98
N TYR C 547 -39.37 19.16 15.11
CA TYR C 547 -39.77 20.08 14.05
C TYR C 547 -41.15 20.66 14.31
N SER C 548 -41.43 20.96 15.58
CA SER C 548 -42.59 21.74 15.96
C SER C 548 -42.25 23.06 16.62
N VAL C 549 -41.06 23.20 17.20
CA VAL C 549 -40.64 24.40 17.90
C VAL C 549 -39.30 24.85 17.33
N ASP C 550 -38.75 25.91 17.92
CA ASP C 550 -37.46 26.45 17.52
C ASP C 550 -36.39 26.08 18.53
N LEU C 551 -35.14 26.01 18.06
CA LEU C 551 -33.97 25.67 18.84
C LEU C 551 -32.98 26.83 18.82
N PRO C 552 -32.20 27.02 19.87
CA PRO C 552 -31.21 28.11 19.88
C PRO C 552 -30.08 27.87 18.89
N PHE C 553 -29.64 28.96 18.26
CA PHE C 553 -28.69 28.87 17.15
C PHE C 553 -27.29 28.47 17.59
N MET C 554 -26.95 28.67 18.86
CA MET C 554 -25.66 28.23 19.37
C MET C 554 -25.55 26.71 19.30
N TYR C 555 -26.66 26.01 19.58
CA TYR C 555 -26.70 24.57 19.39
C TYR C 555 -26.46 24.18 17.95
N CYS C 556 -27.06 24.92 17.01
CA CYS C 556 -26.94 24.58 15.60
C CYS C 556 -25.51 24.75 15.11
N ILE C 557 -24.88 25.87 15.47
CA ILE C 557 -23.51 26.09 15.01
C ILE C 557 -22.53 25.16 15.73
N THR C 558 -22.78 24.81 17.00
CA THR C 558 -21.87 23.91 17.68
C THR C 558 -22.03 22.48 17.21
N TYR C 559 -23.25 22.04 16.89
CA TYR C 559 -23.45 20.71 16.34
C TYR C 559 -22.91 20.61 14.92
N ALA C 560 -22.97 21.69 14.14
CA ALA C 560 -22.35 21.69 12.84
C ALA C 560 -20.83 21.61 12.93
N ALA C 561 -20.25 22.22 13.96
CA ALA C 561 -18.81 22.04 14.18
C ALA C 561 -18.50 20.63 14.65
N PHE C 562 -19.35 20.07 15.51
CA PHE C 562 -19.12 18.75 16.08
C PHE C 562 -19.20 17.65 15.03
N ALA C 563 -20.08 17.83 14.04
CA ALA C 563 -20.20 16.84 12.96
C ALA C 563 -18.90 16.70 12.18
N ILE C 564 -18.35 17.82 11.69
CA ILE C 564 -17.12 17.73 10.92
C ILE C 564 -15.88 17.55 11.78
N ILE C 565 -15.97 17.71 13.11
CA ILE C 565 -14.81 17.36 13.93
C ILE C 565 -14.89 15.94 14.45
N ALA C 566 -16.04 15.28 14.36
CA ALA C 566 -16.10 13.90 14.80
C ALA C 566 -16.33 12.92 13.66
N THR C 567 -17.46 13.01 12.98
CA THR C 567 -17.91 11.89 12.15
C THR C 567 -17.20 11.89 10.81
N LEU C 568 -17.00 13.06 10.21
CA LEU C 568 -16.28 13.11 8.94
C LEU C 568 -14.79 12.90 9.14
N LEU C 569 -14.23 13.41 10.23
CA LEU C 569 -12.78 13.45 10.38
C LEU C 569 -12.22 12.28 11.18
N MET C 570 -12.61 12.13 12.45
CA MET C 570 -11.79 11.33 13.34
C MET C 570 -12.07 9.84 13.20
N LEU C 571 -13.34 9.46 12.97
CA LEU C 571 -13.66 8.06 12.73
C LEU C 571 -13.01 7.55 11.44
N ASN C 572 -13.06 8.36 10.40
CA ASN C 572 -12.44 7.97 9.14
C ASN C 572 -10.92 7.95 9.24
N LEU C 573 -10.34 8.87 10.03
CA LEU C 573 -8.90 8.85 10.23
C LEU C 573 -8.48 7.65 11.04
N PHE C 574 -9.33 7.20 11.96
CA PHE C 574 -9.03 5.98 12.70
C PHE C 574 -9.08 4.76 11.78
N ILE C 575 -10.03 4.75 10.85
CA ILE C 575 -10.11 3.66 9.86
C ILE C 575 -8.85 3.63 9.01
N ALA C 576 -8.42 4.79 8.53
CA ALA C 576 -7.20 4.86 7.72
C ALA C 576 -5.96 4.50 8.51
N MET C 577 -5.90 4.85 9.79
CA MET C 577 -4.73 4.52 10.59
C MET C 577 -4.65 3.04 10.86
N MET C 578 -5.80 2.40 11.11
CA MET C 578 -5.74 0.95 11.30
C MET C 578 -5.47 0.23 9.98
N GLY C 579 -5.85 0.81 8.84
CA GLY C 579 -5.46 0.21 7.56
C GLY C 579 -3.96 0.33 7.30
N ASP C 580 -3.38 1.48 7.65
CA ASP C 580 -1.94 1.67 7.55
C ASP C 580 -1.18 0.68 8.44
N THR C 581 -1.62 0.54 9.68
CA THR C 581 -0.89 -0.37 10.56
C THR C 581 -1.15 -1.84 10.23
N HIS C 582 -2.27 -2.17 9.59
CA HIS C 582 -2.46 -3.53 9.09
C HIS C 582 -1.54 -3.81 7.92
N TRP C 583 -1.37 -2.83 7.03
CA TRP C 583 -0.40 -2.92 5.95
C TRP C 583 1.02 -3.13 6.47
N ARG C 584 1.35 -2.53 7.61
CA ARG C 584 2.71 -2.68 8.11
C ARG C 584 2.92 -3.97 8.92
N VAL C 585 1.94 -4.43 9.71
CA VAL C 585 2.22 -5.63 10.51
C VAL C 585 1.40 -6.84 10.03
N ALA C 586 1.06 -6.86 8.73
CA ALA C 586 0.58 -8.10 8.13
C ALA C 586 1.66 -9.17 8.05
N GLN C 587 2.92 -8.80 8.20
CA GLN C 587 4.02 -9.74 8.12
C GLN C 587 4.13 -10.62 9.38
N GLU C 588 3.78 -10.08 10.54
CA GLU C 588 4.15 -10.72 11.79
C GLU C 588 3.11 -11.72 12.30
N ARG C 589 1.91 -11.71 11.72
CA ARG C 589 0.79 -12.45 12.28
C ARG C 589 0.97 -13.96 12.12
N ASP C 590 1.45 -14.41 10.96
CA ASP C 590 1.60 -15.84 10.74
C ASP C 590 2.74 -16.42 11.56
N GLU C 591 3.81 -15.65 11.76
CA GLU C 591 4.89 -16.09 12.64
C GLU C 591 4.41 -16.18 14.08
N LEU C 592 3.61 -15.21 14.53
CA LEU C 592 3.05 -15.30 15.86
C LEU C 592 2.08 -16.47 15.99
N TRP C 593 1.34 -16.78 14.92
CA TRP C 593 0.40 -17.89 14.97
C TRP C 593 1.12 -19.23 15.04
N ARG C 594 2.22 -19.38 14.31
CA ARG C 594 3.02 -20.59 14.40
C ARG C 594 3.62 -20.74 15.79
N ALA C 595 4.08 -19.61 16.37
CA ALA C 595 4.63 -19.64 17.72
C ALA C 595 3.57 -20.07 18.74
N GLN C 596 2.35 -19.56 18.62
CA GLN C 596 1.37 -19.96 19.62
C GLN C 596 0.76 -21.33 19.36
N VAL C 597 0.80 -21.85 18.13
CA VAL C 597 0.34 -23.22 17.99
C VAL C 597 1.37 -24.20 18.54
N VAL C 598 2.67 -23.88 18.45
CA VAL C 598 3.65 -24.72 19.12
C VAL C 598 3.53 -24.57 20.64
N ALA C 599 3.16 -23.37 21.10
CA ALA C 599 2.92 -23.15 22.52
C ALA C 599 1.73 -23.96 23.03
N THR C 600 0.63 -23.99 22.28
CA THR C 600 -0.52 -24.74 22.76
C THR C 600 -0.29 -26.24 22.67
N THR C 601 0.56 -26.68 21.72
CA THR C 601 0.92 -28.09 21.67
C THR C 601 1.75 -28.48 22.89
N VAL C 602 2.74 -27.67 23.27
CA VAL C 602 3.57 -28.06 24.41
C VAL C 602 2.79 -27.92 25.72
N MET C 603 1.87 -26.95 25.80
CA MET C 603 1.08 -26.80 27.03
C MET C 603 0.08 -27.94 27.19
N LEU C 604 -0.63 -28.32 26.13
CA LEU C 604 -1.58 -29.41 26.24
C LEU C 604 -0.92 -30.77 26.10
N GLU C 605 0.39 -30.81 25.88
CA GLU C 605 1.16 -32.03 26.11
C GLU C 605 1.55 -32.15 27.58
N ARG C 606 1.96 -31.04 28.21
CA ARG C 606 2.35 -31.09 29.61
C ARG C 606 1.15 -31.28 30.53
N LYS C 607 -0.04 -30.79 30.13
CA LYS C 607 -1.15 -30.74 31.06
C LYS C 607 -1.79 -32.11 31.27
N MET C 608 -2.09 -32.82 30.19
CA MET C 608 -2.78 -34.10 30.32
C MET C 608 -1.83 -35.17 30.84
N PRO C 609 -2.34 -36.12 31.62
CA PRO C 609 -1.48 -37.20 32.13
C PRO C 609 -1.05 -38.14 31.02
N ARG C 610 0.02 -38.87 31.29
CA ARG C 610 0.73 -39.63 30.27
C ARG C 610 0.10 -40.99 29.99
N PHE C 611 -1.09 -41.27 30.51
CA PHE C 611 -1.82 -42.46 30.13
C PHE C 611 -2.47 -42.34 28.76
N LEU C 612 -2.56 -41.14 28.22
CA LEU C 612 -3.29 -40.90 26.98
C LEU C 612 -2.39 -40.40 25.86
N TRP C 613 -1.55 -39.41 26.14
CA TRP C 613 -0.61 -38.92 25.14
C TRP C 613 0.46 -39.97 24.89
N PRO C 614 0.78 -40.26 23.62
CA PRO C 614 1.81 -41.25 23.34
C PRO C 614 3.20 -40.72 23.62
N ARG C 615 4.11 -41.66 23.84
CA ARG C 615 5.53 -41.31 23.89
C ARG C 615 5.98 -40.86 22.51
N SER C 616 6.67 -39.74 22.45
CA SER C 616 7.00 -39.14 21.17
C SER C 616 8.11 -39.92 20.47
N GLY C 617 8.04 -39.96 19.14
CA GLY C 617 9.03 -40.63 18.33
C GLY C 617 8.95 -42.14 18.42
N ILE C 618 10.03 -42.79 17.96
CA ILE C 618 10.17 -44.24 18.00
C ILE C 618 11.28 -44.60 18.98
N CYS C 619 11.10 -45.70 19.69
CA CYS C 619 12.13 -46.15 20.62
C CYS C 619 13.27 -46.83 19.85
N GLY C 620 14.38 -47.01 20.54
CA GLY C 620 15.56 -47.57 19.90
C GLY C 620 16.06 -48.86 20.51
N TYR C 621 15.39 -49.35 21.55
CA TYR C 621 15.82 -50.57 22.19
C TYR C 621 15.53 -51.80 21.34
N GLU C 622 14.50 -51.74 20.49
CA GLU C 622 14.18 -52.83 19.57
C GLU C 622 15.05 -52.81 18.32
N TYR C 623 15.95 -51.84 18.20
CA TYR C 623 16.88 -51.77 17.09
C TYR C 623 18.32 -51.74 17.57
N GLY C 624 18.54 -51.65 18.88
CA GLY C 624 19.86 -51.87 19.44
C GLY C 624 20.72 -50.64 19.61
N LEU C 625 20.20 -49.46 19.28
CA LEU C 625 20.94 -48.24 19.54
C LEU C 625 21.00 -47.95 21.04
N GLY C 626 19.85 -48.02 21.70
CA GLY C 626 19.82 -48.06 23.16
C GLY C 626 19.27 -46.84 23.84
N ASP C 627 17.99 -46.89 24.21
CA ASP C 627 17.32 -45.94 25.12
C ASP C 627 17.38 -44.50 24.62
N ARG C 628 17.43 -44.31 23.31
CA ARG C 628 17.46 -42.98 22.70
C ARG C 628 16.39 -42.95 21.63
N TRP C 629 15.34 -42.15 21.84
CA TRP C 629 14.32 -42.00 20.82
C TRP C 629 14.87 -41.18 19.66
N PHE C 630 14.41 -41.50 18.45
CA PHE C 630 14.98 -40.93 17.25
C PHE C 630 13.87 -40.55 16.28
N LEU C 631 14.23 -39.71 15.31
CA LEU C 631 13.30 -39.26 14.28
C LEU C 631 14.08 -39.10 12.98
N ARG C 632 13.42 -39.38 11.87
CA ARG C 632 14.02 -39.24 10.55
C ARG C 632 13.18 -38.28 9.72
N VAL C 633 13.86 -37.59 8.80
CA VAL C 633 13.19 -36.71 7.84
C VAL C 633 13.68 -37.06 6.45
N GLU C 634 12.79 -36.91 5.48
CA GLU C 634 13.05 -37.27 4.08
C GLU C 634 13.11 -35.97 3.29
N ASN C 635 14.28 -35.37 3.24
CA ASN C 635 14.41 -34.11 2.53
C ASN C 635 14.87 -34.36 1.09
N HIS C 636 14.87 -33.29 0.29
CA HIS C 636 15.16 -33.41 -1.13
C HIS C 636 15.93 -32.16 -1.55
N HIS C 637 17.25 -32.30 -1.68
CA HIS C 637 18.08 -31.19 -2.09
C HIS C 637 18.41 -31.26 -3.57
N TRP D 29 0.16 -45.93 6.00
CA TRP D 29 0.40 -44.53 6.31
C TRP D 29 1.88 -44.29 6.60
N GLU D 30 2.21 -43.16 7.22
CA GLU D 30 3.58 -42.69 7.29
C GLU D 30 4.32 -43.10 8.56
N GLN D 31 3.87 -44.16 9.22
CA GLN D 31 4.64 -44.82 10.27
C GLN D 31 5.04 -46.21 9.82
N TYR D 32 5.35 -46.34 8.54
CA TYR D 32 5.72 -47.59 7.90
C TYR D 32 7.13 -47.54 7.33
N ARG D 33 7.45 -46.46 6.61
CA ARG D 33 8.76 -46.30 6.00
C ARG D 33 9.85 -46.18 7.06
N ASP D 34 9.54 -45.52 8.17
CA ASP D 34 10.51 -45.39 9.25
C ASP D 34 10.81 -46.73 9.88
N ARG D 35 9.78 -47.55 10.10
CA ARG D 35 9.97 -48.86 10.71
C ARG D 35 10.76 -49.78 9.80
N VAL D 36 10.45 -49.78 8.50
CA VAL D 36 11.22 -50.67 7.62
C VAL D 36 12.63 -50.12 7.36
N ASN D 37 12.85 -48.82 7.47
CA ASN D 37 14.20 -48.30 7.35
C ASN D 37 15.04 -48.65 8.56
N MET D 38 14.45 -48.59 9.77
CA MET D 38 15.17 -49.00 10.97
C MET D 38 15.44 -50.50 10.96
N LEU D 39 14.50 -51.30 10.43
CA LEU D 39 14.74 -52.74 10.32
C LEU D 39 15.82 -53.03 9.28
N GLN D 40 15.88 -52.25 8.20
CA GLN D 40 16.92 -52.44 7.20
C GLN D 40 18.29 -52.06 7.75
N GLN D 41 18.34 -51.01 8.58
CA GLN D 41 19.60 -50.66 9.22
C GLN D 41 20.01 -51.69 10.26
N GLU D 42 19.03 -52.32 10.91
CA GLU D 42 19.31 -53.45 11.80
C GLU D 42 19.90 -54.62 11.01
N ARG D 43 19.33 -54.93 9.85
CA ARG D 43 19.79 -56.08 9.08
C ARG D 43 21.13 -55.82 8.41
N ILE D 44 21.45 -54.57 8.07
CA ILE D 44 22.80 -54.29 7.58
C ILE D 44 23.78 -54.22 8.75
N ARG D 45 23.29 -53.96 9.97
CA ARG D 45 24.19 -53.92 11.12
C ARG D 45 24.59 -55.32 11.58
N ASP D 46 23.66 -56.27 11.57
CA ASP D 46 23.94 -57.56 12.22
C ASP D 46 24.82 -58.45 11.35
N SER D 47 24.51 -58.55 10.07
CA SER D 47 25.30 -59.42 9.20
C SER D 47 26.61 -58.74 8.81
N PRO D 48 27.75 -59.41 8.97
CA PRO D 48 29.03 -58.77 8.62
C PRO D 48 29.26 -58.61 7.14
N LEU D 49 28.49 -59.33 6.30
CA LEU D 49 28.64 -59.23 4.85
C LEU D 49 28.23 -57.86 4.35
N LEU D 50 26.98 -57.48 4.61
CA LEU D 50 26.50 -56.17 4.17
C LEU D 50 27.13 -55.04 4.96
N GLN D 51 27.56 -55.31 6.19
CA GLN D 51 28.25 -54.28 6.98
C GLN D 51 29.64 -54.01 6.40
N ALA D 52 30.33 -55.04 5.93
CA ALA D 52 31.60 -54.81 5.24
C ALA D 52 31.38 -54.23 3.85
N ALA D 53 30.22 -54.52 3.24
CA ALA D 53 29.88 -53.88 1.97
C ALA D 53 29.70 -52.38 2.14
N LYS D 54 28.99 -51.97 3.19
CA LYS D 54 28.89 -50.55 3.51
C LYS D 54 30.22 -49.98 3.97
N GLU D 55 31.07 -50.82 4.58
CA GLU D 55 32.38 -50.35 5.03
C GLU D 55 33.33 -50.13 3.86
N ASN D 56 33.24 -50.99 2.84
CA ASN D 56 34.10 -50.99 1.65
C ASN D 56 35.59 -51.07 2.02
N ASP D 57 35.93 -52.16 2.68
CA ASP D 57 37.30 -52.44 3.08
C ASP D 57 37.97 -53.33 2.03
N LEU D 58 39.17 -53.79 2.34
CA LEU D 58 39.93 -54.65 1.44
C LEU D 58 39.96 -56.09 1.91
N ARG D 59 40.43 -56.34 3.13
CA ARG D 59 40.53 -57.71 3.64
C ARG D 59 39.29 -58.13 4.40
N LEU D 60 38.13 -57.95 3.79
CA LEU D 60 36.86 -58.41 4.38
C LEU D 60 36.19 -59.47 3.53
N LEU D 61 35.88 -59.17 2.26
CA LEU D 61 35.16 -60.12 1.43
C LEU D 61 36.06 -61.25 0.94
N LYS D 62 37.33 -60.93 0.63
CA LYS D 62 38.27 -61.99 0.27
C LYS D 62 38.61 -62.87 1.46
N ILE D 63 38.60 -62.31 2.67
CA ILE D 63 38.83 -63.12 3.87
C ILE D 63 37.61 -63.98 4.16
N LEU D 64 36.41 -63.48 3.85
CA LEU D 64 35.20 -64.29 4.02
C LEU D 64 35.15 -65.41 2.97
N LEU D 65 35.62 -65.14 1.77
CA LEU D 65 35.66 -66.14 0.72
C LEU D 65 36.94 -66.97 0.81
N PHE D 72 24.53 -64.86 0.80
CA PHE D 72 24.75 -64.37 -0.56
C PHE D 72 23.42 -63.98 -1.21
N GLN D 73 22.53 -64.94 -1.37
CA GLN D 73 21.20 -64.69 -1.88
C GLN D 73 20.19 -64.43 -0.77
N GLN D 74 20.66 -64.21 0.45
CA GLN D 74 19.77 -63.90 1.57
C GLN D 74 19.21 -62.50 1.43
N ARG D 75 17.93 -62.35 1.75
CA ARG D 75 17.31 -61.05 1.71
C ARG D 75 17.72 -60.21 2.91
N GLY D 76 17.43 -58.92 2.85
CA GLY D 76 17.67 -58.05 3.98
C GLY D 76 16.49 -58.05 4.92
N ALA D 77 16.08 -56.87 5.39
CA ALA D 77 14.85 -56.78 6.14
C ALA D 77 13.66 -56.99 5.23
N VAL D 78 13.56 -56.18 4.18
CA VAL D 78 12.56 -56.41 3.14
C VAL D 78 13.18 -56.16 1.78
N GLY D 79 13.61 -57.23 1.12
CA GLY D 79 14.11 -57.14 -0.24
C GLY D 79 15.44 -56.42 -0.44
N GLU D 80 16.53 -57.02 0.03
CA GLU D 80 17.84 -56.44 -0.18
C GLU D 80 18.89 -57.54 -0.13
N THR D 81 19.66 -57.69 -1.21
CA THR D 81 20.80 -58.58 -1.24
C THR D 81 22.07 -57.76 -1.09
N ALA D 82 23.22 -58.42 -1.28
CA ALA D 82 24.51 -57.79 -0.97
C ALA D 82 24.89 -56.72 -1.97
N LEU D 83 24.49 -56.85 -3.24
CA LEU D 83 24.82 -55.82 -4.22
C LEU D 83 24.01 -54.55 -4.04
N HIS D 84 22.85 -54.63 -3.37
CA HIS D 84 21.99 -53.46 -3.27
C HIS D 84 22.60 -52.39 -2.39
N VAL D 85 23.11 -52.77 -1.22
CA VAL D 85 23.70 -51.78 -0.33
C VAL D 85 25.04 -51.30 -0.88
N ALA D 86 25.72 -52.13 -1.67
CA ALA D 86 26.96 -51.70 -2.30
C ALA D 86 26.70 -50.64 -3.37
N ALA D 87 25.68 -50.87 -4.21
CA ALA D 87 25.31 -49.87 -5.20
C ALA D 87 24.71 -48.63 -4.56
N LEU D 88 24.07 -48.80 -3.40
CA LEU D 88 23.43 -47.66 -2.74
C LEU D 88 24.45 -46.79 -2.03
N TYR D 89 25.54 -47.37 -1.53
CA TYR D 89 26.59 -46.59 -0.87
C TYR D 89 27.82 -46.38 -1.73
N ASP D 90 27.76 -46.78 -3.01
CA ASP D 90 28.74 -46.41 -4.04
C ASP D 90 30.14 -46.95 -3.72
N ASN D 91 30.22 -48.28 -3.67
CA ASN D 91 31.47 -48.98 -3.35
C ASN D 91 31.85 -49.85 -4.55
N LEU D 92 32.72 -49.29 -5.40
CA LEU D 92 33.03 -49.91 -6.68
C LEU D 92 33.83 -51.19 -6.53
N GLU D 93 34.79 -51.21 -5.60
CA GLU D 93 35.60 -52.40 -5.41
C GLU D 93 34.78 -53.54 -4.82
N ALA D 94 33.84 -53.21 -3.92
CA ALA D 94 32.95 -54.24 -3.38
C ALA D 94 32.01 -54.76 -4.47
N ALA D 95 31.56 -53.86 -5.36
CA ALA D 95 30.73 -54.28 -6.48
C ALA D 95 31.47 -55.24 -7.41
N THR D 96 32.71 -54.90 -7.75
CA THR D 96 33.51 -55.75 -8.63
C THR D 96 33.82 -57.09 -7.99
N LEU D 97 34.17 -57.08 -6.69
CA LEU D 97 34.51 -58.32 -6.00
C LEU D 97 33.30 -59.24 -5.87
N LEU D 98 32.13 -58.68 -5.55
CA LEU D 98 30.93 -59.51 -5.43
C LEU D 98 30.47 -60.02 -6.79
N MET D 99 30.59 -59.21 -7.85
CA MET D 99 30.14 -59.66 -9.15
C MET D 99 31.09 -60.66 -9.79
N GLU D 100 32.39 -60.60 -9.46
CA GLU D 100 33.28 -61.66 -9.91
C GLU D 100 33.30 -62.86 -8.98
N ALA D 101 32.75 -62.73 -7.76
CA ALA D 101 32.55 -63.89 -6.92
C ALA D 101 31.33 -64.69 -7.36
N ALA D 102 30.17 -64.04 -7.38
CA ALA D 102 28.93 -64.70 -7.78
C ALA D 102 28.38 -64.06 -9.05
N PRO D 103 28.32 -64.77 -10.17
CA PRO D 103 27.86 -64.15 -11.42
C PRO D 103 26.34 -64.01 -11.49
N GLU D 104 25.62 -64.96 -10.89
CA GLU D 104 24.17 -64.95 -10.94
C GLU D 104 23.53 -63.94 -10.00
N LEU D 105 24.30 -63.32 -9.11
CA LEU D 105 23.72 -62.54 -8.04
C LEU D 105 23.25 -61.17 -8.52
N ALA D 106 23.86 -60.63 -9.58
CA ALA D 106 23.37 -59.38 -10.16
C ALA D 106 22.03 -59.59 -10.85
N LYS D 107 21.81 -60.78 -11.42
CA LYS D 107 20.54 -61.13 -12.03
C LYS D 107 19.61 -61.69 -10.97
N GLU D 108 19.22 -60.82 -10.04
CA GLU D 108 18.36 -61.24 -8.94
C GLU D 108 17.52 -60.07 -8.44
N PRO D 109 16.21 -60.13 -8.57
CA PRO D 109 15.33 -59.10 -8.02
C PRO D 109 15.18 -59.30 -6.51
N ALA D 110 14.42 -58.40 -5.89
CA ALA D 110 14.26 -58.37 -4.45
C ALA D 110 12.85 -58.80 -4.05
N LEU D 111 12.67 -59.00 -2.75
CA LEU D 111 11.34 -59.25 -2.20
C LEU D 111 10.49 -58.00 -2.36
N CYS D 112 9.21 -58.19 -2.66
CA CYS D 112 8.39 -57.17 -3.28
C CYS D 112 7.32 -56.60 -2.35
N GLU D 113 7.53 -56.65 -1.04
CA GLU D 113 6.44 -56.17 -0.21
C GLU D 113 6.45 -54.63 -0.08
N PRO D 114 7.59 -53.92 0.25
CA PRO D 114 7.56 -52.47 0.03
C PRO D 114 8.20 -51.98 -1.27
N PHE D 115 9.03 -52.82 -1.91
CA PHE D 115 9.77 -52.42 -3.11
C PHE D 115 9.68 -53.59 -4.09
N VAL D 116 8.83 -53.45 -5.11
CA VAL D 116 8.64 -54.51 -6.09
C VAL D 116 9.80 -54.48 -7.08
N GLY D 117 10.34 -55.65 -7.38
CA GLY D 117 11.40 -55.79 -8.37
C GLY D 117 12.75 -55.40 -7.80
N GLN D 118 12.99 -54.08 -7.72
CA GLN D 118 14.18 -53.47 -7.13
C GLN D 118 15.45 -53.98 -7.80
N THR D 119 15.59 -53.62 -9.08
CA THR D 119 16.79 -53.96 -9.83
C THR D 119 17.99 -53.19 -9.31
N ALA D 120 19.14 -53.86 -9.27
CA ALA D 120 20.36 -53.20 -8.83
C ALA D 120 20.79 -52.12 -9.82
N LEU D 121 20.53 -52.35 -11.10
CA LEU D 121 20.75 -51.32 -12.12
C LEU D 121 19.87 -50.10 -11.87
N HIS D 122 18.60 -50.34 -11.54
CA HIS D 122 17.65 -49.26 -11.29
C HIS D 122 18.00 -48.50 -10.02
N ILE D 123 18.61 -49.17 -9.05
CA ILE D 123 19.07 -48.48 -7.86
C ILE D 123 20.31 -47.65 -8.18
N ALA D 124 21.26 -48.23 -8.91
CA ALA D 124 22.54 -47.58 -9.13
C ALA D 124 22.49 -46.45 -10.14
N VAL D 125 21.48 -46.43 -11.02
CA VAL D 125 21.43 -45.38 -12.04
C VAL D 125 21.10 -44.02 -11.42
N MET D 126 20.40 -44.01 -10.28
CA MET D 126 20.13 -42.75 -9.60
C MET D 126 21.39 -42.15 -9.00
N ASN D 127 22.26 -43.00 -8.43
CA ASN D 127 23.55 -42.52 -7.97
C ASN D 127 24.49 -42.19 -9.13
N GLN D 128 24.26 -42.78 -10.30
CA GLN D 128 24.88 -42.42 -11.58
C GLN D 128 26.40 -42.60 -11.54
N ASN D 129 26.81 -43.85 -11.42
CA ASN D 129 28.21 -44.23 -11.50
C ASN D 129 28.47 -44.92 -12.83
N LEU D 130 29.37 -44.34 -13.64
CA LEU D 130 29.68 -44.84 -14.97
C LEU D 130 30.28 -46.24 -14.93
N ASN D 131 31.30 -46.44 -14.08
CA ASN D 131 31.95 -47.73 -13.99
C ASN D 131 31.00 -48.80 -13.47
N LEU D 132 30.11 -48.41 -12.56
CA LEU D 132 29.19 -49.39 -11.99
C LEU D 132 28.11 -49.78 -12.99
N VAL D 133 27.58 -48.82 -13.75
CA VAL D 133 26.59 -49.18 -14.76
C VAL D 133 27.24 -49.95 -15.90
N ARG D 134 28.52 -49.67 -16.19
CA ARG D 134 29.20 -50.42 -17.25
C ARG D 134 29.48 -51.86 -16.82
N ALA D 135 29.88 -52.06 -15.56
CA ALA D 135 30.11 -53.42 -15.08
C ALA D 135 28.81 -54.19 -14.91
N LEU D 136 27.72 -53.50 -14.55
CA LEU D 136 26.43 -54.16 -14.44
C LEU D 136 25.90 -54.57 -15.82
N LEU D 137 26.11 -53.74 -16.84
CA LEU D 137 25.73 -54.17 -18.18
C LEU D 137 26.71 -55.21 -18.73
N ALA D 138 27.94 -55.25 -18.24
CA ALA D 138 28.85 -56.33 -18.61
C ALA D 138 28.38 -57.66 -18.06
N ARG D 139 27.89 -57.67 -16.82
CA ARG D 139 27.20 -58.85 -16.33
C ARG D 139 25.88 -59.08 -17.04
N GLY D 140 25.27 -58.03 -17.57
CA GLY D 140 24.11 -58.14 -18.42
C GLY D 140 22.81 -58.28 -17.67
N ALA D 141 22.47 -57.31 -16.83
CA ALA D 141 21.24 -57.38 -16.05
C ALA D 141 20.03 -57.12 -16.94
N SER D 142 18.85 -57.41 -16.39
CA SER D 142 17.60 -57.27 -17.12
C SER D 142 17.28 -55.78 -17.24
N VAL D 143 17.65 -55.19 -18.38
CA VAL D 143 17.47 -53.75 -18.57
C VAL D 143 16.03 -53.38 -18.85
N SER D 144 15.18 -54.36 -19.16
CA SER D 144 13.76 -54.12 -19.37
C SER D 144 12.94 -54.56 -18.16
N ALA D 145 13.48 -54.33 -16.96
CA ALA D 145 12.82 -54.73 -15.73
C ALA D 145 11.65 -53.80 -15.41
N ARG D 146 11.01 -54.07 -14.28
CA ARG D 146 9.82 -53.32 -13.89
C ARG D 146 9.73 -53.29 -12.37
N ALA D 147 9.60 -52.09 -11.81
CA ALA D 147 9.65 -51.88 -10.36
C ALA D 147 8.45 -51.06 -9.90
N THR D 148 7.33 -51.73 -9.64
CA THR D 148 6.11 -51.06 -9.19
C THR D 148 6.01 -51.02 -7.67
N GLY D 149 7.06 -50.51 -7.03
CA GLY D 149 7.16 -50.54 -5.59
C GLY D 149 6.21 -49.57 -4.91
N ALA D 150 6.02 -49.80 -3.61
CA ALA D 150 5.12 -48.97 -2.82
C ALA D 150 5.68 -47.55 -2.66
N ALA D 151 6.99 -47.40 -2.73
CA ALA D 151 7.61 -46.08 -2.79
C ALA D 151 7.77 -45.59 -4.22
N PHE D 152 7.23 -46.32 -5.20
CA PHE D 152 7.39 -46.00 -6.62
C PHE D 152 6.01 -45.89 -7.26
N ARG D 153 5.41 -44.70 -7.18
CA ARG D 153 4.06 -44.45 -7.64
C ARG D 153 3.83 -42.95 -7.69
N ARG D 154 3.01 -42.52 -8.65
CA ARG D 154 2.52 -41.15 -8.68
C ARG D 154 1.52 -40.98 -7.54
N SER D 155 1.97 -40.39 -6.44
CA SER D 155 1.16 -40.27 -5.24
C SER D 155 1.68 -39.09 -4.44
N PRO D 156 0.82 -38.42 -3.66
CA PRO D 156 1.30 -37.35 -2.77
C PRO D 156 2.07 -37.87 -1.56
N HIS D 157 2.09 -39.18 -1.33
CA HIS D 157 2.94 -39.74 -0.28
C HIS D 157 4.41 -39.58 -0.63
N ASN D 158 4.83 -40.17 -1.75
CA ASN D 158 6.21 -40.07 -2.18
C ASN D 158 6.48 -38.69 -2.78
N LEU D 159 7.76 -38.39 -2.99
CA LEU D 159 8.18 -37.15 -3.63
C LEU D 159 8.55 -37.35 -5.08
N ILE D 160 9.44 -38.28 -5.36
CA ILE D 160 9.84 -38.58 -6.72
C ILE D 160 8.77 -39.43 -7.39
N TYR D 161 8.57 -39.19 -8.69
CA TYR D 161 7.74 -40.05 -9.53
C TYR D 161 8.58 -40.32 -10.77
N TYR D 162 9.30 -41.44 -10.74
CA TYR D 162 10.30 -41.73 -11.74
C TYR D 162 9.93 -42.90 -12.64
N GLY D 163 8.69 -43.40 -12.54
CA GLY D 163 8.33 -44.56 -13.31
C GLY D 163 8.92 -45.84 -12.75
N GLU D 164 8.89 -46.88 -13.58
CA GLU D 164 9.33 -48.21 -13.18
C GLU D 164 10.27 -48.81 -14.22
N HIS D 165 11.22 -48.01 -14.71
CA HIS D 165 12.17 -48.49 -15.69
C HIS D 165 13.51 -47.81 -15.52
N PRO D 166 14.62 -48.53 -15.74
CA PRO D 166 15.93 -47.87 -15.67
C PRO D 166 16.14 -46.84 -16.75
N LEU D 167 15.53 -47.01 -17.92
CA LEU D 167 15.60 -46.00 -18.96
C LEU D 167 14.88 -44.73 -18.53
N SER D 168 13.71 -44.86 -17.90
CA SER D 168 13.00 -43.71 -17.37
C SER D 168 13.78 -43.04 -16.26
N PHE D 169 14.42 -43.84 -15.40
CA PHE D 169 15.24 -43.30 -14.32
C PHE D 169 16.39 -42.47 -14.88
N ALA D 170 17.07 -42.99 -15.90
CA ALA D 170 18.20 -42.28 -16.47
C ALA D 170 17.77 -41.03 -17.22
N ALA D 171 16.70 -41.13 -18.00
CA ALA D 171 16.23 -39.99 -18.79
C ALA D 171 15.53 -38.94 -17.95
N CYS D 172 15.15 -39.25 -16.71
CA CYS D 172 14.66 -38.21 -15.83
C CYS D 172 15.74 -37.66 -14.91
N VAL D 173 16.78 -38.42 -14.61
CA VAL D 173 17.88 -37.85 -13.83
C VAL D 173 18.70 -36.91 -14.71
N GLY D 174 19.11 -37.36 -15.89
CA GLY D 174 19.83 -36.50 -16.79
C GLY D 174 21.16 -37.05 -17.24
N SER D 175 21.33 -38.36 -17.07
CA SER D 175 22.56 -39.05 -17.44
C SER D 175 22.61 -39.20 -18.95
N GLU D 176 23.09 -38.14 -19.62
CA GLU D 176 23.11 -38.11 -21.07
C GLU D 176 24.17 -39.03 -21.64
N GLU D 177 25.24 -39.28 -20.90
CA GLU D 177 26.28 -40.21 -21.35
C GLU D 177 25.93 -41.65 -21.02
N ILE D 178 24.86 -41.89 -20.27
CA ILE D 178 24.47 -43.23 -19.86
C ILE D 178 23.19 -43.69 -20.55
N VAL D 179 22.33 -42.77 -21.00
CA VAL D 179 21.13 -43.17 -21.74
C VAL D 179 21.50 -43.82 -23.06
N ARG D 180 22.62 -43.43 -23.67
CA ARG D 180 23.07 -44.08 -24.90
C ARG D 180 23.49 -45.52 -24.64
N LEU D 181 24.20 -45.76 -23.53
CA LEU D 181 24.60 -47.13 -23.19
C LEU D 181 23.40 -47.97 -22.79
N LEU D 182 22.38 -47.35 -22.21
CA LEU D 182 21.15 -48.08 -21.92
C LEU D 182 20.39 -48.46 -23.19
N ILE D 183 20.28 -47.52 -24.14
CA ILE D 183 19.53 -47.85 -25.36
C ILE D 183 20.36 -48.65 -26.34
N GLU D 184 21.67 -48.80 -26.08
CA GLU D 184 22.52 -49.66 -26.90
C GLU D 184 22.03 -51.10 -26.92
N HIS D 185 21.56 -51.61 -25.78
CA HIS D 185 21.04 -52.96 -25.72
C HIS D 185 19.53 -53.00 -25.92
N GLY D 186 18.94 -51.92 -26.44
CA GLY D 186 17.54 -51.88 -26.83
C GLY D 186 16.57 -52.00 -25.68
N ALA D 187 16.55 -51.01 -24.79
CA ALA D 187 15.81 -51.13 -23.54
C ALA D 187 14.39 -50.56 -23.64
N ASP D 188 13.64 -51.01 -24.66
CA ASP D 188 12.18 -50.84 -24.75
C ASP D 188 11.77 -49.35 -24.73
N ILE D 189 12.10 -48.67 -25.84
CA ILE D 189 11.84 -47.25 -25.98
C ILE D 189 10.37 -46.90 -25.85
N ARG D 190 9.47 -47.84 -26.16
CA ARG D 190 8.05 -47.71 -25.87
C ARG D 190 7.66 -48.78 -24.86
N ALA D 191 7.04 -48.36 -23.76
CA ALA D 191 6.62 -49.26 -22.69
C ALA D 191 5.60 -48.54 -21.81
N GLN D 192 4.97 -49.32 -20.95
CA GLN D 192 4.07 -48.80 -19.92
C GLN D 192 4.61 -49.22 -18.55
N ASP D 193 3.84 -48.91 -17.51
CA ASP D 193 4.24 -49.16 -16.14
C ASP D 193 2.99 -49.19 -15.28
N SER D 194 3.16 -49.04 -13.96
CA SER D 194 2.05 -48.73 -13.07
C SER D 194 1.37 -47.45 -13.52
N LEU D 195 0.04 -47.54 -13.70
CA LEU D 195 -0.90 -46.57 -14.28
C LEU D 195 -0.71 -46.36 -15.79
N GLY D 196 0.29 -47.01 -16.36
CA GLY D 196 0.47 -47.09 -17.80
C GLY D 196 0.76 -45.80 -18.54
N ASN D 197 1.67 -44.97 -18.04
CA ASN D 197 2.17 -43.86 -18.82
C ASN D 197 3.51 -44.25 -19.44
N THR D 198 4.19 -43.31 -20.08
CA THR D 198 5.43 -43.64 -20.77
C THR D 198 6.58 -42.79 -20.25
N VAL D 199 7.75 -43.07 -20.83
CA VAL D 199 8.98 -42.37 -20.46
C VAL D 199 8.92 -40.91 -20.85
N LEU D 200 8.19 -40.58 -21.91
CA LEU D 200 8.06 -39.18 -22.30
C LEU D 200 7.19 -38.41 -21.32
N HIS D 201 6.12 -39.05 -20.81
CA HIS D 201 5.31 -38.41 -19.80
C HIS D 201 6.06 -38.29 -18.47
N ILE D 202 6.92 -39.26 -18.17
CA ILE D 202 7.78 -39.17 -16.99
C ILE D 202 8.73 -37.98 -17.12
N LEU D 203 9.35 -37.82 -18.29
CA LEU D 203 10.26 -36.70 -18.51
C LEU D 203 9.53 -35.37 -18.56
N ILE D 204 8.25 -35.36 -18.91
CA ILE D 204 7.48 -34.12 -18.88
C ILE D 204 7.10 -33.74 -17.46
N LEU D 205 6.54 -34.68 -16.70
CA LEU D 205 6.07 -34.40 -15.34
C LEU D 205 7.26 -34.31 -14.39
N GLN D 206 7.95 -33.16 -14.46
CA GLN D 206 9.17 -32.94 -13.71
C GLN D 206 9.47 -31.45 -13.66
N PRO D 207 9.97 -30.92 -12.55
CA PRO D 207 10.49 -29.55 -12.55
C PRO D 207 11.67 -29.41 -13.50
N ASN D 208 11.51 -28.51 -14.46
CA ASN D 208 12.36 -28.51 -15.65
C ASN D 208 13.76 -27.98 -15.36
N LYS D 209 14.67 -28.33 -16.26
CA LYS D 209 16.05 -27.86 -16.27
C LYS D 209 16.60 -28.11 -17.67
N THR D 210 17.92 -27.96 -17.82
CA THR D 210 18.54 -28.24 -19.12
C THR D 210 18.53 -29.72 -19.46
N PHE D 211 18.60 -30.57 -18.43
CA PHE D 211 18.58 -32.01 -18.62
C PHE D 211 17.26 -32.44 -19.25
N ALA D 212 16.17 -31.79 -18.86
CA ALA D 212 14.84 -32.15 -19.35
C ALA D 212 14.71 -31.90 -20.85
N CYS D 213 15.10 -30.71 -21.31
CA CYS D 213 14.94 -30.38 -22.72
C CYS D 213 15.91 -31.18 -23.59
N GLN D 214 17.15 -31.37 -23.11
CA GLN D 214 18.10 -32.16 -23.89
C GLN D 214 17.69 -33.62 -23.95
N MET D 215 17.14 -34.18 -22.86
CA MET D 215 16.68 -35.55 -22.88
C MET D 215 15.41 -35.71 -23.71
N TYR D 216 14.57 -34.67 -23.77
CA TYR D 216 13.40 -34.71 -24.63
C TYR D 216 13.80 -34.77 -26.09
N ASN D 217 14.77 -33.93 -26.49
CA ASN D 217 15.27 -33.98 -27.86
C ASN D 217 15.94 -35.31 -28.16
N LEU D 218 16.66 -35.87 -27.18
CA LEU D 218 17.35 -37.14 -27.36
C LEU D 218 16.36 -38.29 -27.54
N LEU D 219 15.33 -38.36 -26.69
CA LEU D 219 14.34 -39.43 -26.82
C LEU D 219 13.47 -39.26 -28.04
N LEU D 220 13.28 -38.03 -28.52
CA LEU D 220 12.57 -37.88 -29.79
C LEU D 220 13.43 -38.29 -30.96
N SER D 221 14.74 -38.07 -30.87
CA SER D 221 15.62 -38.46 -31.99
C SER D 221 15.79 -39.96 -32.05
N TYR D 222 15.88 -40.62 -30.91
CA TYR D 222 16.19 -42.05 -30.92
C TYR D 222 14.97 -42.92 -31.23
N ASP D 223 13.82 -42.33 -31.52
CA ASP D 223 12.67 -43.09 -32.01
C ASP D 223 12.87 -43.32 -33.50
N GLU D 224 12.99 -44.58 -33.90
CA GLU D 224 13.05 -44.94 -35.31
C GLU D 224 12.25 -46.21 -35.59
N GLN D 230 2.87 -41.29 -34.00
CA GLN D 230 2.51 -42.54 -34.68
C GLN D 230 2.87 -43.73 -33.80
N SER D 231 4.01 -43.64 -33.12
CA SER D 231 4.47 -44.74 -32.27
C SER D 231 4.84 -44.24 -30.88
N LEU D 232 5.25 -42.99 -30.78
CA LEU D 232 5.63 -42.45 -29.47
C LEU D 232 4.90 -41.17 -29.11
N GLU D 233 4.66 -40.28 -30.08
CA GLU D 233 3.94 -39.05 -29.81
C GLU D 233 2.43 -39.24 -29.86
N LEU D 234 1.95 -40.44 -30.17
CA LEU D 234 0.52 -40.70 -30.35
C LEU D 234 -0.04 -41.65 -29.31
N VAL D 235 0.81 -42.30 -28.52
CA VAL D 235 0.32 -43.35 -27.62
C VAL D 235 -0.40 -42.71 -26.43
N PRO D 236 -1.59 -43.18 -26.08
CA PRO D 236 -2.28 -42.67 -24.90
C PRO D 236 -1.82 -43.42 -23.66
N ASN D 237 -2.41 -43.06 -22.53
CA ASN D 237 -2.19 -43.74 -21.26
C ASN D 237 -3.51 -44.31 -20.77
N HIS D 238 -3.49 -44.93 -19.60
CA HIS D 238 -4.72 -45.42 -19.01
C HIS D 238 -5.53 -44.34 -18.31
N GLN D 239 -5.01 -43.12 -18.27
CA GLN D 239 -5.83 -41.94 -18.05
C GLN D 239 -6.41 -41.41 -19.35
N GLY D 240 -5.88 -41.85 -20.49
CA GLY D 240 -6.41 -41.48 -21.79
C GLY D 240 -5.96 -40.11 -22.26
N LEU D 241 -4.65 -39.91 -22.40
CA LEU D 241 -4.14 -38.60 -22.79
C LEU D 241 -2.96 -38.74 -23.74
N THR D 242 -2.98 -37.93 -24.79
CA THR D 242 -1.82 -37.67 -25.63
C THR D 242 -0.77 -36.94 -24.79
N PRO D 243 0.54 -37.18 -25.06
CA PRO D 243 1.59 -36.43 -24.35
C PRO D 243 1.48 -34.90 -24.45
N PHE D 244 1.05 -34.39 -25.60
CA PHE D 244 0.70 -32.98 -25.75
C PHE D 244 -0.33 -32.55 -24.72
N LYS D 245 -1.42 -33.31 -24.61
CA LYS D 245 -2.49 -32.96 -23.68
C LYS D 245 -2.09 -33.17 -22.24
N LEU D 246 -1.19 -34.12 -21.97
CA LEU D 246 -0.74 -34.31 -20.59
C LEU D 246 0.19 -33.20 -20.16
N ALA D 247 1.04 -32.73 -21.07
CA ALA D 247 1.85 -31.55 -20.78
C ALA D 247 0.96 -30.32 -20.58
N GLY D 248 -0.13 -30.22 -21.34
CA GLY D 248 -1.06 -29.13 -21.14
C GLY D 248 -1.76 -29.19 -19.80
N VAL D 249 -2.24 -30.37 -19.42
CA VAL D 249 -2.97 -30.52 -18.15
C VAL D 249 -2.04 -30.43 -16.95
N GLU D 250 -0.75 -30.69 -17.13
CA GLU D 250 0.19 -30.44 -16.05
C GLU D 250 0.50 -28.95 -15.95
N GLY D 251 1.04 -28.36 -17.02
CA GLY D 251 1.30 -26.93 -17.03
C GLY D 251 2.72 -26.54 -17.37
N ASN D 252 3.48 -27.45 -17.97
CA ASN D 252 4.89 -27.17 -18.28
C ASN D 252 4.96 -26.39 -19.59
N THR D 253 5.06 -25.07 -19.46
CA THR D 253 4.92 -24.18 -20.60
C THR D 253 6.12 -24.28 -21.54
N VAL D 254 7.32 -24.46 -21.00
CA VAL D 254 8.49 -24.53 -21.86
C VAL D 254 8.54 -25.86 -22.61
N MET D 255 8.01 -26.94 -22.01
CA MET D 255 7.90 -28.19 -22.73
C MET D 255 6.81 -28.10 -23.79
N PHE D 256 5.72 -27.39 -23.48
CA PHE D 256 4.68 -27.16 -24.46
C PHE D 256 5.20 -26.39 -25.66
N GLN D 257 6.02 -25.36 -25.42
CA GLN D 257 6.54 -24.58 -26.54
C GLN D 257 7.61 -25.35 -27.31
N HIS D 258 8.44 -26.14 -26.63
CA HIS D 258 9.42 -26.94 -27.37
C HIS D 258 8.78 -28.11 -28.10
N LEU D 259 7.58 -28.53 -27.71
CA LEU D 259 6.87 -29.50 -28.52
C LEU D 259 6.13 -28.82 -29.67
N MET D 260 5.70 -27.58 -29.47
CA MET D 260 5.05 -26.84 -30.54
C MET D 260 6.04 -26.46 -31.64
N GLN D 261 7.28 -26.16 -31.26
CA GLN D 261 8.27 -25.63 -32.20
C GLN D 261 8.73 -26.66 -33.23
N LYS D 262 8.44 -27.94 -33.03
CA LYS D 262 8.66 -28.95 -34.06
C LYS D 262 7.54 -29.00 -35.08
N ARG D 263 6.47 -28.22 -34.89
CA ARG D 263 5.31 -28.22 -35.78
C ARG D 263 4.96 -26.79 -36.17
N LYS D 264 5.96 -26.02 -36.58
CA LYS D 264 5.77 -24.60 -36.89
C LYS D 264 6.53 -24.28 -38.18
N HIS D 265 5.79 -24.20 -39.29
CA HIS D 265 6.38 -23.85 -40.58
C HIS D 265 6.32 -22.34 -40.77
N VAL D 266 7.35 -21.79 -41.41
CA VAL D 266 7.55 -20.35 -41.50
C VAL D 266 7.35 -19.91 -42.95
N GLN D 267 6.54 -18.88 -43.15
CA GLN D 267 6.34 -18.25 -44.44
C GLN D 267 7.33 -17.10 -44.59
N TRP D 268 7.05 -16.17 -45.51
CA TRP D 268 7.92 -15.03 -45.80
C TRP D 268 8.21 -14.16 -44.58
N THR D 269 9.48 -13.79 -44.43
CA THR D 269 9.98 -12.99 -43.31
C THR D 269 10.63 -11.73 -43.88
N CYS D 270 9.84 -10.69 -44.09
CA CYS D 270 10.33 -9.44 -44.67
C CYS D 270 10.76 -8.50 -43.55
N GLY D 271 12.05 -8.57 -43.19
CA GLY D 271 12.64 -7.64 -42.27
C GLY D 271 12.09 -7.70 -40.86
N PRO D 272 11.39 -6.64 -40.45
CA PRO D 272 10.85 -6.59 -39.08
C PRO D 272 9.72 -7.57 -38.83
N LEU D 273 8.70 -7.57 -39.67
CA LEU D 273 7.53 -8.39 -39.40
C LEU D 273 7.71 -9.79 -39.96
N THR D 274 7.11 -10.76 -39.27
CA THR D 274 7.27 -12.17 -39.59
C THR D 274 5.91 -12.84 -39.53
N SER D 275 5.54 -13.52 -40.61
CA SER D 275 4.26 -14.19 -40.74
C SER D 275 4.49 -15.69 -40.59
N THR D 276 4.16 -16.23 -39.42
CA THR D 276 4.41 -17.64 -39.14
C THR D 276 3.10 -18.41 -39.11
N LEU D 277 3.21 -19.73 -39.12
CA LEU D 277 2.06 -20.61 -39.19
C LEU D 277 2.13 -21.65 -38.09
N TYR D 278 0.97 -22.01 -37.55
CA TYR D 278 0.84 -23.04 -36.54
C TYR D 278 -0.10 -24.14 -37.02
N ASP D 279 0.13 -25.35 -36.52
CA ASP D 279 -0.80 -26.45 -36.72
C ASP D 279 -1.76 -26.48 -35.54
N LEU D 280 -2.98 -26.94 -35.82
CA LEU D 280 -4.02 -26.92 -34.79
C LEU D 280 -4.79 -28.22 -34.69
N THR D 281 -4.36 -29.30 -35.37
CA THR D 281 -5.07 -30.57 -35.25
C THR D 281 -4.84 -31.24 -33.91
N GLU D 282 -3.88 -30.78 -33.12
CA GLU D 282 -3.76 -31.19 -31.74
C GLU D 282 -4.55 -30.28 -30.82
N ILE D 283 -4.57 -28.98 -31.10
CA ILE D 283 -5.21 -28.03 -30.19
C ILE D 283 -6.73 -28.01 -30.35
N ASP D 284 -7.25 -28.51 -31.48
CA ASP D 284 -8.69 -28.53 -31.73
C ASP D 284 -9.02 -29.87 -32.38
N SER D 285 -9.43 -30.83 -31.57
CA SER D 285 -9.76 -32.14 -32.11
C SER D 285 -11.15 -32.16 -32.73
N TRP D 286 -12.11 -31.51 -32.07
CA TRP D 286 -13.51 -31.31 -32.49
C TRP D 286 -14.25 -32.60 -32.86
N GLY D 287 -13.74 -33.76 -32.43
CA GLY D 287 -14.42 -35.02 -32.66
C GLY D 287 -14.24 -35.99 -31.51
N GLU D 288 -13.53 -35.55 -30.46
CA GLU D 288 -13.18 -36.41 -29.34
C GLU D 288 -14.13 -36.19 -28.17
N GLU D 289 -13.85 -36.88 -27.07
CA GLU D 289 -14.65 -36.69 -25.87
C GLU D 289 -14.20 -35.44 -25.10
N LEU D 290 -12.89 -35.28 -24.91
CA LEU D 290 -12.34 -34.15 -24.18
C LEU D 290 -11.32 -33.46 -25.06
N SER D 291 -11.63 -32.23 -25.49
CA SER D 291 -10.67 -31.43 -26.24
C SER D 291 -9.53 -31.00 -25.33
N PHE D 292 -8.43 -30.60 -25.95
CA PHE D 292 -7.27 -30.10 -25.21
C PHE D 292 -7.59 -28.80 -24.49
N LEU D 293 -8.27 -27.89 -25.18
CA LEU D 293 -8.66 -26.61 -24.60
C LEU D 293 -9.70 -26.80 -23.49
N GLU D 294 -10.57 -27.80 -23.62
CA GLU D 294 -11.54 -28.08 -22.57
C GLU D 294 -10.87 -28.76 -21.37
N LEU D 295 -9.88 -29.60 -21.62
CA LEU D 295 -9.24 -30.31 -20.51
C LEU D 295 -8.29 -29.42 -19.73
N VAL D 296 -7.64 -28.46 -20.41
CA VAL D 296 -6.61 -27.67 -19.76
C VAL D 296 -7.20 -26.69 -18.75
N VAL D 297 -8.49 -26.37 -18.87
CA VAL D 297 -9.10 -25.45 -17.93
C VAL D 297 -9.69 -26.17 -16.73
N SER D 298 -9.80 -27.50 -16.79
CA SER D 298 -10.53 -28.27 -15.80
C SER D 298 -9.63 -28.95 -14.77
N SER D 299 -8.35 -28.62 -14.74
CA SER D 299 -7.48 -29.24 -13.78
C SER D 299 -7.61 -28.59 -12.41
N LYS D 300 -7.30 -29.37 -11.38
CA LYS D 300 -7.26 -28.85 -10.02
C LYS D 300 -5.96 -28.14 -9.71
N LYS D 301 -4.96 -28.28 -10.57
CA LYS D 301 -3.68 -27.61 -10.35
C LYS D 301 -3.82 -26.11 -10.61
N ARG D 302 -3.11 -25.32 -9.81
CA ARG D 302 -3.17 -23.86 -9.91
C ARG D 302 -2.10 -23.29 -10.82
N GLU D 303 -1.62 -24.07 -11.78
CA GLU D 303 -0.69 -23.58 -12.78
C GLU D 303 -1.17 -23.77 -14.20
N ALA D 304 -2.34 -24.39 -14.38
CA ALA D 304 -2.87 -24.58 -15.72
C ALA D 304 -3.35 -23.28 -16.32
N ARG D 305 -3.71 -22.32 -15.49
CA ARG D 305 -4.26 -21.06 -15.98
C ARG D 305 -3.22 -20.20 -16.66
N GLN D 306 -1.94 -20.36 -16.33
CA GLN D 306 -0.91 -19.52 -16.93
C GLN D 306 -0.55 -19.97 -18.35
N ILE D 307 -1.05 -21.13 -18.79
CA ILE D 307 -0.75 -21.59 -20.14
C ILE D 307 -1.49 -20.79 -21.21
N LEU D 308 -2.52 -20.03 -20.83
CA LEU D 308 -3.37 -19.39 -21.82
C LEU D 308 -2.80 -18.10 -22.37
N GLU D 309 -1.77 -17.55 -21.75
CA GLU D 309 -1.11 -16.36 -22.28
C GLU D 309 0.01 -16.69 -23.26
N GLN D 310 0.30 -17.97 -23.48
CA GLN D 310 1.17 -18.36 -24.57
C GLN D 310 0.45 -18.14 -25.89
N THR D 311 1.21 -17.72 -26.90
CA THR D 311 0.65 -17.29 -28.19
C THR D 311 -0.25 -18.27 -28.93
N PRO D 312 0.09 -19.56 -29.15
CA PRO D 312 -0.65 -20.33 -30.17
C PRO D 312 -2.02 -20.79 -29.72
N VAL D 313 -2.42 -20.54 -28.47
CA VAL D 313 -3.79 -20.78 -28.04
C VAL D 313 -4.44 -19.43 -27.77
N LYS D 314 -3.64 -18.42 -27.44
CA LYS D 314 -4.18 -17.12 -27.08
C LYS D 314 -4.75 -16.41 -28.30
N GLU D 315 -4.05 -16.48 -29.43
CA GLU D 315 -4.57 -15.85 -30.65
C GLU D 315 -5.88 -16.50 -31.10
N LEU D 316 -5.97 -17.82 -30.96
CA LEU D 316 -7.19 -18.53 -31.37
C LEU D 316 -8.36 -18.18 -30.45
N VAL D 317 -8.13 -18.16 -29.14
CA VAL D 317 -9.26 -17.87 -28.25
C VAL D 317 -9.64 -16.40 -28.32
N SER D 318 -8.69 -15.51 -28.63
CA SER D 318 -9.07 -14.11 -28.80
C SER D 318 -9.82 -13.88 -30.09
N PHE D 319 -9.47 -14.60 -31.16
CA PHE D 319 -10.25 -14.54 -32.39
C PHE D 319 -11.68 -15.05 -32.17
N LYS D 320 -11.82 -16.15 -31.43
CA LYS D 320 -13.14 -16.69 -31.15
C LYS D 320 -13.97 -15.74 -30.29
N TRP D 321 -13.35 -15.14 -29.27
CA TRP D 321 -14.08 -14.22 -28.40
C TRP D 321 -14.37 -12.89 -29.08
N LYS D 322 -13.55 -12.47 -30.05
CA LYS D 322 -13.84 -11.24 -30.75
C LYS D 322 -14.89 -11.42 -31.83
N LYS D 323 -14.99 -12.61 -32.43
CA LYS D 323 -16.00 -12.79 -33.46
C LYS D 323 -17.30 -13.36 -32.90
N TYR D 324 -17.25 -14.57 -32.32
CA TYR D 324 -18.47 -15.31 -32.04
C TYR D 324 -18.62 -15.68 -30.58
N GLY D 325 -17.83 -15.07 -29.69
CA GLY D 325 -18.06 -15.28 -28.28
C GLY D 325 -19.18 -14.43 -27.74
N ARG D 326 -18.98 -13.12 -27.76
CA ARG D 326 -19.99 -12.19 -27.25
C ARG D 326 -21.31 -12.16 -28.04
N PRO D 327 -21.36 -12.20 -29.41
CA PRO D 327 -22.69 -12.09 -30.05
C PRO D 327 -23.59 -13.32 -29.94
N TYR D 328 -23.21 -14.31 -29.13
CA TYR D 328 -24.14 -15.33 -28.67
C TYR D 328 -24.42 -15.22 -27.18
N PHE D 329 -23.37 -14.94 -26.40
CA PHE D 329 -23.49 -14.84 -24.95
C PHE D 329 -24.37 -13.67 -24.54
N CYS D 330 -24.21 -12.51 -25.20
CA CYS D 330 -24.96 -11.32 -24.82
C CYS D 330 -26.43 -11.46 -25.16
N VAL D 331 -26.75 -12.08 -26.30
CA VAL D 331 -28.17 -12.22 -26.65
C VAL D 331 -28.82 -13.30 -25.78
N LEU D 332 -28.09 -14.36 -25.42
CA LEU D 332 -28.64 -15.32 -24.47
C LEU D 332 -28.83 -14.69 -23.09
N ALA D 333 -27.94 -13.79 -22.70
CA ALA D 333 -28.10 -13.09 -21.43
C ALA D 333 -29.29 -12.14 -21.45
N SER D 334 -29.52 -11.48 -22.59
CA SER D 334 -30.68 -10.60 -22.72
C SER D 334 -31.98 -11.41 -22.66
N LEU D 335 -32.00 -12.58 -23.29
CA LEU D 335 -33.20 -13.43 -23.19
C LEU D 335 -33.40 -13.98 -21.78
N TYR D 336 -32.32 -14.28 -21.06
CA TYR D 336 -32.47 -14.71 -19.67
C TYR D 336 -32.96 -13.57 -18.78
N ILE D 337 -32.50 -12.34 -19.05
CA ILE D 337 -33.00 -11.16 -18.36
C ILE D 337 -34.50 -10.99 -18.59
N LEU D 338 -34.94 -11.18 -19.84
CA LEU D 338 -36.36 -11.08 -20.15
C LEU D 338 -37.17 -12.18 -19.48
N TYR D 339 -36.63 -13.40 -19.44
CA TYR D 339 -37.31 -14.50 -18.76
C TYR D 339 -37.44 -14.25 -17.26
N MET D 340 -36.37 -13.73 -16.63
CA MET D 340 -36.41 -13.50 -15.19
C MET D 340 -37.33 -12.34 -14.85
N ILE D 341 -37.38 -11.30 -15.69
CA ILE D 341 -38.28 -10.20 -15.40
C ILE D 341 -39.73 -10.61 -15.69
N CYS D 342 -39.94 -11.55 -16.62
CA CYS D 342 -41.28 -12.09 -16.82
C CYS D 342 -41.71 -12.93 -15.64
N PHE D 343 -40.77 -13.69 -15.05
CA PHE D 343 -41.07 -14.46 -13.85
C PHE D 343 -41.42 -13.55 -12.68
N THR D 344 -40.68 -12.47 -12.50
CA THR D 344 -40.96 -11.61 -11.35
C THR D 344 -42.24 -10.80 -11.55
N THR D 345 -42.57 -10.39 -12.78
CA THR D 345 -43.82 -9.69 -12.98
C THR D 345 -45.01 -10.65 -13.05
N CYS D 346 -44.76 -11.95 -13.18
CA CYS D 346 -45.83 -12.91 -13.02
C CYS D 346 -46.04 -13.25 -11.54
N CYS D 347 -44.96 -13.35 -10.78
CA CYS D 347 -45.09 -13.67 -9.37
C CYS D 347 -45.59 -12.51 -8.54
N ILE D 348 -45.41 -11.26 -9.00
CA ILE D 348 -45.90 -10.11 -8.26
C ILE D 348 -47.43 -10.04 -8.24
N TYR D 349 -48.11 -10.72 -9.16
CA TYR D 349 -49.57 -10.76 -9.17
C TYR D 349 -50.08 -12.02 -8.49
N ARG D 350 -49.70 -12.18 -7.22
CA ARG D 350 -50.18 -13.32 -6.45
C ARG D 350 -51.65 -13.12 -6.10
N PRO D 351 -52.51 -14.12 -6.29
CA PRO D 351 -53.94 -13.93 -6.03
C PRO D 351 -54.23 -13.78 -4.54
N LEU D 352 -55.47 -13.37 -4.24
CA LEU D 352 -55.80 -12.92 -2.90
C LEU D 352 -57.14 -13.49 -2.45
N LYS D 353 -57.31 -13.51 -1.13
CA LYS D 353 -58.60 -13.72 -0.49
C LYS D 353 -58.55 -12.98 0.84
N LEU D 354 -59.66 -12.37 1.22
CA LEU D 354 -59.71 -11.58 2.45
C LEU D 354 -59.74 -12.49 3.67
N ARG D 355 -59.67 -11.88 4.85
CA ARG D 355 -59.59 -12.64 6.08
C ARG D 355 -60.95 -13.27 6.42
N ASP D 356 -60.90 -14.42 7.07
CA ASP D 356 -62.09 -15.17 7.46
C ASP D 356 -62.29 -15.26 8.96
N ASP D 357 -61.24 -15.57 9.71
CA ASP D 357 -61.28 -15.58 11.16
C ASP D 357 -60.87 -14.20 11.69
N ASN D 358 -61.45 -13.81 12.82
CA ASN D 358 -61.18 -12.49 13.37
C ASN D 358 -59.81 -12.44 14.04
N ARG D 359 -59.42 -11.25 14.46
CA ARG D 359 -58.08 -11.02 15.02
C ARG D 359 -58.16 -10.49 16.43
N THR D 360 -58.94 -11.15 17.30
CA THR D 360 -59.16 -10.69 18.67
C THR D 360 -57.97 -11.03 19.59
N ASP D 361 -56.80 -10.57 19.18
CA ASP D 361 -55.52 -10.58 19.87
C ASP D 361 -54.70 -9.52 19.16
N PRO D 362 -54.13 -8.55 19.89
CA PRO D 362 -53.70 -7.29 19.25
C PRO D 362 -52.50 -7.40 18.33
N ARG D 363 -51.85 -8.55 18.26
CA ARG D 363 -50.70 -8.74 17.39
C ARG D 363 -51.01 -9.76 16.29
N ASP D 364 -52.20 -9.68 15.72
CA ASP D 364 -52.61 -10.56 14.63
C ASP D 364 -52.84 -9.67 13.41
N ILE D 365 -51.78 -9.46 12.64
CA ILE D 365 -51.92 -8.76 11.37
C ILE D 365 -51.68 -9.74 10.24
N THR D 366 -52.74 -10.36 9.75
CA THR D 366 -52.72 -11.22 8.57
C THR D 366 -53.94 -10.84 7.74
N ILE D 367 -53.79 -9.82 6.89
CA ILE D 367 -54.93 -9.22 6.23
C ILE D 367 -55.27 -9.89 4.91
N LEU D 368 -54.43 -10.78 4.40
CA LEU D 368 -54.72 -11.56 3.19
C LEU D 368 -54.55 -13.05 3.48
N GLN D 369 -54.93 -13.85 2.48
CA GLN D 369 -54.77 -15.29 2.50
C GLN D 369 -54.77 -15.76 1.04
N GLN D 370 -54.24 -16.95 0.82
CA GLN D 370 -54.20 -17.52 -0.52
C GLN D 370 -55.46 -18.35 -0.77
N LYS D 371 -56.19 -18.01 -1.83
CA LYS D 371 -57.48 -18.63 -2.10
C LYS D 371 -57.30 -19.99 -2.77
N LEU D 372 -58.41 -20.62 -3.10
CA LEU D 372 -58.42 -21.98 -3.62
C LEU D 372 -57.99 -22.01 -5.07
N LEU D 373 -57.78 -23.22 -5.60
CA LEU D 373 -57.30 -23.40 -6.96
C LEU D 373 -58.38 -23.13 -8.00
N GLN D 374 -59.65 -23.09 -7.60
CA GLN D 374 -60.74 -22.98 -8.57
C GLN D 374 -60.88 -21.57 -9.14
N GLU D 375 -60.31 -20.57 -8.49
CA GLU D 375 -60.53 -19.18 -8.89
C GLU D 375 -59.35 -18.57 -9.63
N ALA D 376 -58.30 -19.34 -9.89
CA ALA D 376 -57.18 -18.81 -10.68
C ALA D 376 -57.56 -18.67 -12.14
N TYR D 377 -58.48 -19.49 -12.62
CA TYR D 377 -59.00 -19.41 -13.98
C TYR D 377 -60.40 -18.82 -14.04
N VAL D 378 -60.86 -18.19 -12.96
CA VAL D 378 -62.17 -17.57 -12.97
C VAL D 378 -62.11 -16.20 -13.64
N THR D 379 -61.09 -15.41 -13.31
CA THR D 379 -60.96 -14.08 -13.89
C THR D 379 -60.24 -14.15 -15.22
N HIS D 380 -60.70 -13.34 -16.17
CA HIS D 380 -60.11 -13.27 -17.50
C HIS D 380 -58.90 -12.34 -17.58
N GLN D 381 -58.55 -11.68 -16.47
CA GLN D 381 -57.35 -10.87 -16.38
C GLN D 381 -56.19 -11.64 -15.74
N ASP D 382 -56.22 -12.97 -15.81
CA ASP D 382 -55.17 -13.79 -15.25
C ASP D 382 -54.78 -14.95 -16.15
N ASN D 383 -55.34 -15.05 -17.35
CA ASN D 383 -54.93 -16.11 -18.28
C ASN D 383 -53.50 -15.89 -18.74
N ILE D 384 -53.12 -14.63 -18.99
CA ILE D 384 -51.73 -14.34 -19.32
C ILE D 384 -50.82 -14.52 -18.10
N ARG D 385 -51.37 -14.39 -16.89
CA ARG D 385 -50.59 -14.68 -15.68
C ARG D 385 -50.31 -16.17 -15.55
N LEU D 386 -51.31 -16.99 -15.87
CA LEU D 386 -51.07 -18.44 -15.91
C LEU D 386 -50.13 -18.83 -17.05
N VAL D 387 -50.16 -18.08 -18.15
CA VAL D 387 -49.18 -18.27 -19.23
C VAL D 387 -47.77 -17.94 -18.73
N GLY D 388 -47.64 -16.89 -17.92
CA GLY D 388 -46.36 -16.56 -17.33
C GLY D 388 -45.87 -17.62 -16.35
N GLU D 389 -46.79 -18.18 -15.56
CA GLU D 389 -46.43 -19.28 -14.68
C GLU D 389 -45.99 -20.52 -15.48
N LEU D 390 -46.65 -20.75 -16.60
CA LEU D 390 -46.27 -21.85 -17.48
C LEU D 390 -44.89 -21.64 -18.08
N VAL D 391 -44.57 -20.40 -18.49
CA VAL D 391 -43.26 -20.19 -19.09
C VAL D 391 -42.17 -20.22 -18.01
N THR D 392 -42.51 -19.87 -16.76
CA THR D 392 -41.57 -20.02 -15.66
C THR D 392 -41.25 -21.50 -15.41
N VAL D 393 -42.28 -22.34 -15.35
CA VAL D 393 -42.03 -23.75 -15.06
C VAL D 393 -41.40 -24.45 -16.26
N THR D 394 -41.66 -23.95 -17.48
CA THR D 394 -41.00 -24.52 -18.65
C THR D 394 -39.53 -24.14 -18.70
N GLY D 395 -39.20 -22.91 -18.30
CA GLY D 395 -37.80 -22.52 -18.20
C GLY D 395 -37.06 -23.29 -17.12
N ALA D 396 -37.73 -23.57 -16.01
CA ALA D 396 -37.11 -24.38 -14.95
C ALA D 396 -36.87 -25.82 -15.42
N VAL D 397 -37.83 -26.40 -16.13
CA VAL D 397 -37.68 -27.76 -16.65
C VAL D 397 -36.58 -27.81 -17.70
N ILE D 398 -36.50 -26.80 -18.56
CA ILE D 398 -35.49 -26.84 -19.61
C ILE D 398 -34.09 -26.54 -19.05
N ILE D 399 -33.98 -25.76 -17.96
CA ILE D 399 -32.66 -25.54 -17.42
C ILE D 399 -32.21 -26.75 -16.60
N LEU D 400 -33.16 -27.48 -15.99
CA LEU D 400 -32.80 -28.74 -15.35
C LEU D 400 -32.37 -29.79 -16.37
N LEU D 401 -33.08 -29.85 -17.50
CA LEU D 401 -32.75 -30.83 -18.53
C LEU D 401 -31.46 -30.47 -19.25
N LEU D 402 -31.09 -29.19 -19.28
CA LEU D 402 -29.78 -28.84 -19.81
C LEU D 402 -28.66 -29.18 -18.82
N GLU D 403 -28.85 -28.87 -17.53
CA GLU D 403 -27.75 -29.02 -16.59
C GLU D 403 -27.62 -30.43 -16.02
N ILE D 404 -28.58 -31.33 -16.27
CA ILE D 404 -28.44 -32.71 -15.80
C ILE D 404 -27.29 -33.47 -16.47
N PRO D 405 -27.05 -33.41 -17.79
CA PRO D 405 -25.82 -34.03 -18.30
C PRO D 405 -24.56 -33.22 -18.03
N ASP D 406 -24.70 -31.96 -17.61
CA ASP D 406 -23.54 -31.13 -17.29
C ASP D 406 -22.97 -31.41 -15.90
N ILE D 407 -23.47 -32.43 -15.20
CA ILE D 407 -22.98 -32.77 -13.88
C ILE D 407 -21.98 -33.94 -13.91
N PHE D 408 -21.91 -34.67 -15.02
CA PHE D 408 -21.09 -35.87 -15.10
C PHE D 408 -20.01 -35.78 -16.18
N ARG D 409 -19.73 -34.59 -16.69
CA ARG D 409 -18.70 -34.45 -17.71
C ARG D 409 -17.31 -34.56 -17.11
N VAL D 410 -16.97 -33.65 -16.21
CA VAL D 410 -15.74 -33.74 -15.41
C VAL D 410 -16.31 -33.83 -13.99
N GLY D 411 -15.44 -33.93 -12.99
CA GLY D 411 -15.85 -34.35 -11.65
C GLY D 411 -16.78 -33.38 -10.95
N ALA D 412 -17.32 -33.88 -9.84
CA ALA D 412 -18.28 -33.12 -9.04
C ALA D 412 -17.63 -31.89 -8.41
N SER D 413 -16.45 -32.07 -7.81
CA SER D 413 -15.73 -30.91 -7.31
C SER D 413 -15.05 -30.12 -8.41
N ARG D 414 -14.90 -30.72 -9.60
CA ARG D 414 -14.43 -29.96 -10.75
C ARG D 414 -15.52 -29.05 -11.29
N TYR D 415 -16.78 -29.37 -11.02
CA TYR D 415 -17.90 -28.55 -11.48
C TYR D 415 -18.53 -27.71 -10.37
N PHE D 416 -18.26 -28.00 -9.10
CA PHE D 416 -18.88 -27.27 -8.01
C PHE D 416 -18.02 -26.21 -7.36
N GLY D 417 -16.70 -26.30 -7.46
CA GLY D 417 -15.87 -25.40 -6.69
C GLY D 417 -14.83 -24.69 -7.49
N GLN D 418 -14.69 -25.07 -8.75
CA GLN D 418 -13.74 -24.41 -9.62
C GLN D 418 -14.31 -23.07 -10.04
N THR D 419 -13.71 -21.99 -9.53
CA THR D 419 -14.14 -20.64 -9.85
C THR D 419 -13.95 -20.30 -11.32
N ILE D 420 -13.09 -21.05 -12.02
CA ILE D 420 -12.94 -20.85 -13.46
C ILE D 420 -14.22 -21.28 -14.17
N LEU D 421 -14.73 -22.47 -13.86
CA LEU D 421 -15.93 -22.94 -14.53
C LEU D 421 -17.20 -22.36 -13.97
N GLY D 422 -17.20 -21.91 -12.72
CA GLY D 422 -18.39 -21.26 -12.18
C GLY D 422 -19.29 -22.15 -11.36
N GLY D 423 -18.70 -22.86 -10.40
CA GLY D 423 -19.42 -23.74 -9.50
C GLY D 423 -20.50 -23.11 -8.64
N PRO D 424 -20.17 -22.06 -7.87
CA PRO D 424 -21.18 -21.36 -7.09
C PRO D 424 -22.16 -20.52 -7.89
N PHE D 425 -22.13 -20.59 -9.21
CA PHE D 425 -23.30 -20.19 -9.99
C PHE D 425 -24.13 -21.38 -10.43
N HIS D 426 -23.48 -22.52 -10.70
CA HIS D 426 -24.20 -23.73 -11.11
C HIS D 426 -25.08 -24.25 -9.98
N VAL D 427 -24.58 -24.20 -8.75
CA VAL D 427 -25.35 -24.78 -7.65
C VAL D 427 -26.56 -23.89 -7.32
N ILE D 428 -26.43 -22.58 -7.44
CA ILE D 428 -27.59 -21.75 -7.15
C ILE D 428 -28.58 -21.79 -8.31
N ILE D 429 -28.10 -22.02 -9.54
CA ILE D 429 -29.03 -22.19 -10.66
C ILE D 429 -29.85 -23.46 -10.50
N ILE D 430 -29.19 -24.58 -10.13
CA ILE D 430 -29.96 -25.82 -10.00
C ILE D 430 -30.84 -25.81 -8.74
N THR D 431 -30.43 -25.07 -7.70
CA THR D 431 -31.28 -24.93 -6.52
C THR D 431 -32.51 -24.08 -6.83
N TYR D 432 -32.34 -23.01 -7.61
CA TYR D 432 -33.47 -22.19 -8.05
C TYR D 432 -34.44 -23.00 -8.90
N ALA D 433 -33.92 -23.84 -9.78
CA ALA D 433 -34.78 -24.66 -10.63
C ALA D 433 -35.57 -25.68 -9.81
N SER D 434 -34.90 -26.36 -8.87
CA SER D 434 -35.58 -27.36 -8.05
C SER D 434 -36.61 -26.72 -7.12
N LEU D 435 -36.33 -25.52 -6.61
CA LEU D 435 -37.27 -24.90 -5.70
C LEU D 435 -38.46 -24.31 -6.44
N VAL D 436 -38.27 -23.83 -7.67
CA VAL D 436 -39.40 -23.41 -8.49
C VAL D 436 -40.28 -24.60 -8.84
N LEU D 437 -39.66 -25.76 -9.11
CA LEU D 437 -40.43 -26.98 -9.37
C LEU D 437 -41.25 -27.40 -8.15
N LEU D 438 -40.64 -27.32 -6.96
CA LEU D 438 -41.35 -27.67 -5.72
C LEU D 438 -42.50 -26.71 -5.44
N THR D 439 -42.29 -25.41 -5.63
CA THR D 439 -43.37 -24.48 -5.35
C THR D 439 -44.45 -24.54 -6.42
N MET D 440 -44.13 -24.96 -7.65
CA MET D 440 -45.17 -25.11 -8.65
C MET D 440 -46.01 -26.35 -8.40
N VAL D 441 -45.40 -27.44 -7.94
CA VAL D 441 -46.22 -28.60 -7.60
C VAL D 441 -46.99 -28.36 -6.30
N MET D 442 -46.49 -27.48 -5.42
CA MET D 442 -47.27 -27.12 -4.24
C MET D 442 -48.47 -26.24 -4.63
N ARG D 443 -48.29 -25.35 -5.61
CA ARG D 443 -49.41 -24.56 -6.11
C ARG D 443 -50.45 -25.45 -6.79
N LEU D 444 -50.00 -26.45 -7.55
CA LEU D 444 -50.93 -27.37 -8.19
C LEU D 444 -51.61 -28.31 -7.20
N THR D 445 -51.00 -28.56 -6.04
CA THR D 445 -51.62 -29.36 -5.01
C THR D 445 -52.50 -28.53 -4.07
N ASN D 446 -52.33 -27.20 -4.08
CA ASN D 446 -53.16 -26.23 -3.34
C ASN D 446 -53.09 -26.47 -1.83
N MET D 447 -51.90 -26.25 -1.30
CA MET D 447 -51.67 -26.22 0.15
C MET D 447 -51.38 -24.80 0.60
N ASN D 448 -51.60 -24.55 1.88
CA ASN D 448 -51.41 -23.23 2.43
C ASN D 448 -49.93 -22.94 2.66
N GLY D 449 -49.61 -21.65 2.75
CA GLY D 449 -48.26 -21.22 3.03
C GLY D 449 -47.30 -21.48 1.89
N GLU D 450 -47.51 -20.84 0.76
CA GLU D 450 -46.69 -21.05 -0.41
C GLU D 450 -45.57 -20.04 -0.58
N VAL D 451 -45.59 -18.94 0.18
CA VAL D 451 -44.64 -17.85 -0.04
C VAL D 451 -43.25 -18.17 0.46
N VAL D 452 -43.11 -19.17 1.32
CA VAL D 452 -41.85 -19.52 1.97
C VAL D 452 -40.85 -20.06 0.94
N PRO D 453 -41.20 -20.94 -0.02
CA PRO D 453 -40.28 -21.14 -1.14
C PRO D 453 -40.32 -20.03 -2.18
N LEU D 454 -41.41 -19.25 -2.29
CA LEU D 454 -41.52 -18.27 -3.36
C LEU D 454 -40.50 -17.15 -3.23
N SER D 455 -40.42 -16.52 -2.05
CA SER D 455 -39.47 -15.42 -1.87
C SER D 455 -38.03 -15.90 -1.96
N PHE D 456 -37.77 -17.11 -1.46
CA PHE D 456 -36.43 -17.67 -1.46
C PHE D 456 -35.98 -18.00 -2.88
N ALA D 457 -36.86 -18.64 -3.66
CA ALA D 457 -36.56 -18.91 -5.06
C ALA D 457 -36.45 -17.64 -5.89
N LEU D 458 -37.23 -16.60 -5.53
CA LEU D 458 -37.19 -15.36 -6.27
C LEU D 458 -35.86 -14.63 -6.08
N VAL D 459 -35.38 -14.56 -4.83
CA VAL D 459 -34.09 -13.89 -4.61
C VAL D 459 -32.96 -14.74 -5.17
N LEU D 460 -33.08 -16.07 -5.15
CA LEU D 460 -32.02 -16.90 -5.74
C LEU D 460 -31.97 -16.75 -7.26
N GLY D 461 -33.12 -16.78 -7.92
CA GLY D 461 -33.16 -16.60 -9.36
C GLY D 461 -32.75 -15.22 -9.81
N TRP D 462 -32.96 -14.21 -8.97
CA TRP D 462 -32.51 -12.89 -9.39
C TRP D 462 -31.02 -12.68 -9.12
N CYS D 463 -30.47 -13.30 -8.07
CA CYS D 463 -29.00 -13.25 -7.97
C CYS D 463 -28.32 -14.20 -8.93
N SER D 464 -29.07 -15.10 -9.59
CA SER D 464 -28.51 -15.90 -10.68
C SER D 464 -28.07 -15.10 -11.90
N VAL D 465 -28.47 -13.83 -12.02
CA VAL D 465 -28.01 -13.00 -13.13
C VAL D 465 -26.52 -12.72 -13.04
N MET D 466 -25.95 -12.72 -11.83
CA MET D 466 -24.57 -12.37 -11.57
C MET D 466 -23.56 -13.33 -12.22
N TYR D 467 -24.00 -14.49 -12.71
CA TYR D 467 -23.14 -15.33 -13.54
C TYR D 467 -22.80 -14.64 -14.86
N PHE D 468 -23.71 -13.82 -15.37
CA PHE D 468 -23.53 -13.20 -16.69
C PHE D 468 -22.66 -11.98 -16.68
N ALA D 469 -21.80 -11.82 -15.68
CA ALA D 469 -20.85 -10.72 -15.66
C ALA D 469 -19.47 -11.18 -16.10
N ARG D 470 -19.41 -12.10 -17.05
CA ARG D 470 -18.15 -12.50 -17.63
C ARG D 470 -17.89 -11.86 -18.98
N GLY D 471 -18.92 -11.28 -19.61
CA GLY D 471 -18.75 -10.71 -20.93
C GLY D 471 -18.66 -9.21 -20.91
N PHE D 472 -18.14 -8.66 -19.81
CA PHE D 472 -17.95 -7.23 -19.67
C PHE D 472 -16.58 -7.00 -19.06
N GLN D 473 -15.77 -6.14 -19.70
CA GLN D 473 -14.44 -5.86 -19.16
C GLN D 473 -14.51 -5.10 -17.86
N MET D 474 -15.57 -4.31 -17.65
CA MET D 474 -15.77 -3.64 -16.37
C MET D 474 -16.27 -4.61 -15.31
N LEU D 475 -17.22 -5.47 -15.68
CA LEU D 475 -17.88 -6.32 -14.70
C LEU D 475 -17.16 -7.64 -14.48
N GLY D 476 -16.03 -7.86 -15.14
CA GLY D 476 -15.27 -9.06 -14.93
C GLY D 476 -14.64 -9.23 -13.56
N PRO D 477 -13.64 -8.42 -13.21
CA PRO D 477 -12.87 -8.70 -11.99
C PRO D 477 -13.61 -8.43 -10.72
N PHE D 478 -14.67 -7.62 -10.75
CA PHE D 478 -15.38 -7.24 -9.53
C PHE D 478 -16.16 -8.41 -8.93
N THR D 479 -16.83 -9.18 -9.78
CA THR D 479 -17.54 -10.35 -9.28
C THR D 479 -16.59 -11.45 -8.85
N ILE D 480 -15.44 -11.57 -9.50
CA ILE D 480 -14.47 -12.57 -9.08
C ILE D 480 -13.83 -12.17 -7.78
N MET D 481 -13.69 -10.86 -7.55
CA MET D 481 -13.23 -10.37 -6.26
C MET D 481 -14.23 -10.68 -5.17
N ILE D 482 -15.54 -10.51 -5.44
CA ILE D 482 -16.51 -10.79 -4.38
C ILE D 482 -16.62 -12.31 -4.13
N GLN D 483 -16.40 -13.12 -5.16
CA GLN D 483 -16.43 -14.57 -5.00
C GLN D 483 -15.22 -15.07 -4.22
N LYS D 484 -14.06 -14.44 -4.45
CA LYS D 484 -12.91 -14.72 -3.60
C LYS D 484 -13.13 -14.22 -2.18
N MET D 485 -13.76 -13.04 -2.04
CA MET D 485 -13.77 -12.34 -0.77
C MET D 485 -14.69 -12.96 0.25
N ILE D 486 -15.82 -13.53 -0.19
CA ILE D 486 -16.74 -14.19 0.73
C ILE D 486 -16.03 -15.31 1.49
N PHE D 487 -15.57 -16.34 0.76
CA PHE D 487 -14.90 -17.46 1.36
C PHE D 487 -13.45 -17.17 1.75
N GLY D 488 -12.94 -15.97 1.49
CA GLY D 488 -11.69 -15.61 2.09
C GLY D 488 -11.82 -15.03 3.48
N ASP D 489 -12.70 -14.04 3.67
CA ASP D 489 -12.70 -13.31 4.93
C ASP D 489 -14.08 -13.11 5.55
N LEU D 490 -15.18 -13.18 4.80
CA LEU D 490 -16.47 -12.93 5.42
C LEU D 490 -16.86 -14.10 6.31
N MET D 491 -16.36 -15.30 5.97
CA MET D 491 -16.51 -16.47 6.83
C MET D 491 -15.85 -16.23 8.18
N ARG D 492 -14.62 -15.71 8.18
CA ARG D 492 -13.91 -15.42 9.43
C ARG D 492 -14.61 -14.34 10.23
N PHE D 493 -15.08 -13.29 9.55
CA PHE D 493 -15.73 -12.21 10.27
C PHE D 493 -17.06 -12.65 10.85
N CYS D 494 -17.83 -13.49 10.16
CA CYS D 494 -19.06 -14.00 10.72
C CYS D 494 -18.81 -14.95 11.88
N TRP D 495 -17.77 -15.80 11.75
CA TRP D 495 -17.45 -16.75 12.81
C TRP D 495 -16.97 -16.05 14.06
N LEU D 496 -16.34 -14.88 13.93
CA LEU D 496 -15.95 -14.17 15.13
C LEU D 496 -17.05 -13.21 15.62
N MET D 497 -17.96 -12.79 14.74
CA MET D 497 -19.05 -11.93 15.16
C MET D 497 -20.12 -12.71 15.93
N ALA D 498 -20.28 -13.99 15.61
CA ALA D 498 -21.38 -14.78 16.16
C ALA D 498 -21.27 -14.94 17.67
N VAL D 499 -20.06 -15.18 18.16
CA VAL D 499 -19.88 -15.43 19.60
C VAL D 499 -20.10 -14.15 20.41
N VAL D 500 -19.62 -13.02 19.89
CA VAL D 500 -19.82 -11.73 20.57
C VAL D 500 -21.29 -11.35 20.58
N ILE D 501 -21.99 -11.60 19.47
CA ILE D 501 -23.40 -11.22 19.43
C ILE D 501 -24.23 -12.15 20.29
N LEU D 502 -23.84 -13.43 20.40
CA LEU D 502 -24.58 -14.37 21.23
C LEU D 502 -24.36 -14.08 22.70
N GLY D 503 -23.19 -13.55 23.05
CA GLY D 503 -23.00 -13.10 24.42
C GLY D 503 -23.80 -11.86 24.74
N PHE D 504 -23.72 -10.84 23.87
CA PHE D 504 -24.28 -9.55 24.22
C PHE D 504 -25.81 -9.56 24.18
N ALA D 505 -26.41 -10.39 23.33
CA ALA D 505 -27.86 -10.49 23.31
C ALA D 505 -28.39 -11.09 24.60
N SER D 506 -27.74 -12.15 25.09
CA SER D 506 -28.14 -12.75 26.36
C SER D 506 -27.93 -11.80 27.52
N ALA D 507 -26.85 -10.99 27.46
CA ALA D 507 -26.61 -9.99 28.49
C ALA D 507 -27.72 -8.94 28.52
N PHE D 508 -28.10 -8.42 27.35
CA PHE D 508 -29.15 -7.42 27.29
C PHE D 508 -30.50 -7.99 27.71
N HIS D 509 -30.77 -9.25 27.36
CA HIS D 509 -32.06 -9.83 27.72
C HIS D 509 -32.15 -10.10 29.21
N ILE D 510 -31.05 -10.49 29.83
CA ILE D 510 -31.03 -10.65 31.29
C ILE D 510 -31.23 -9.32 31.98
N THR D 511 -30.61 -8.26 31.45
CA THR D 511 -30.77 -6.95 32.09
C THR D 511 -32.14 -6.33 31.82
N PHE D 512 -32.86 -6.78 30.79
CA PHE D 512 -34.15 -6.18 30.47
C PHE D 512 -35.34 -7.08 30.74
N GLN D 513 -35.14 -8.29 31.27
CA GLN D 513 -36.30 -9.09 31.66
C GLN D 513 -36.99 -8.55 32.90
N THR D 514 -36.36 -7.66 33.65
CA THR D 514 -37.01 -6.96 34.76
C THR D 514 -37.67 -5.66 34.31
N GLU D 515 -37.88 -5.48 33.02
CA GLU D 515 -38.38 -4.22 32.48
C GLU D 515 -39.64 -4.47 31.66
N ASP D 516 -40.59 -3.56 31.77
CA ASP D 516 -41.86 -3.72 31.08
C ASP D 516 -41.68 -3.38 29.60
N PRO D 517 -42.17 -4.22 28.69
CA PRO D 517 -41.93 -4.00 27.26
C PRO D 517 -42.91 -3.07 26.55
N ASN D 518 -43.93 -2.56 27.25
CA ASN D 518 -44.90 -1.71 26.56
C ASN D 518 -44.39 -0.30 26.32
N ASN D 519 -43.29 0.10 26.95
CA ASN D 519 -42.63 1.38 26.70
C ASN D 519 -41.30 1.20 26.00
N LEU D 520 -40.39 0.43 26.59
CA LEU D 520 -39.16 0.02 25.93
C LEU D 520 -39.48 -1.22 25.12
N GLY D 521 -39.76 -1.03 23.84
CA GLY D 521 -40.26 -2.11 23.00
C GLY D 521 -39.23 -3.18 22.69
N GLU D 522 -37.97 -2.77 22.50
CA GLU D 522 -36.92 -3.69 22.13
C GLU D 522 -36.60 -4.65 23.27
N PHE D 523 -36.00 -5.79 22.89
CA PHE D 523 -35.62 -6.88 23.80
C PHE D 523 -36.82 -7.40 24.60
N SER D 524 -37.94 -7.61 23.92
CA SER D 524 -39.09 -8.19 24.58
C SER D 524 -38.86 -9.65 24.91
N ASP D 525 -38.63 -10.47 23.90
CA ASP D 525 -38.26 -11.86 24.07
C ASP D 525 -36.87 -12.09 23.51
N TYR D 526 -36.33 -13.28 23.76
CA TYR D 526 -34.94 -13.58 23.42
C TYR D 526 -34.61 -13.56 21.92
N PRO D 527 -35.41 -14.11 20.99
CA PRO D 527 -34.99 -14.02 19.58
C PRO D 527 -35.00 -12.62 19.01
N THR D 528 -36.00 -11.79 19.37
CA THR D 528 -35.97 -10.43 18.86
C THR D 528 -34.89 -9.61 19.56
N ALA D 529 -34.48 -10.01 20.77
CA ALA D 529 -33.32 -9.38 21.39
C ALA D 529 -32.04 -9.73 20.64
N LEU D 530 -31.92 -10.99 20.21
CA LEU D 530 -30.81 -11.41 19.37
C LEU D 530 -30.76 -10.62 18.07
N PHE D 531 -31.93 -10.45 17.45
CA PHE D 531 -31.99 -9.72 16.18
C PHE D 531 -31.69 -8.23 16.38
N SER D 532 -32.16 -7.64 17.49
CA SER D 532 -31.88 -6.24 17.74
C SER D 532 -30.42 -6.00 18.05
N THR D 533 -29.76 -6.95 18.72
CA THR D 533 -28.33 -6.82 18.94
C THR D 533 -27.55 -6.98 17.64
N PHE D 534 -28.01 -7.86 16.76
CA PHE D 534 -27.39 -7.99 15.43
C PHE D 534 -27.52 -6.68 14.65
N GLU D 535 -28.69 -6.04 14.72
CA GLU D 535 -28.88 -4.79 14.01
C GLU D 535 -28.05 -3.67 14.62
N LEU D 536 -27.94 -3.64 15.96
CA LEU D 536 -27.12 -2.62 16.60
C LEU D 536 -25.63 -2.84 16.34
N PHE D 537 -25.24 -4.09 16.10
CA PHE D 537 -23.90 -4.38 15.62
C PHE D 537 -23.67 -3.76 14.26
N LEU D 538 -24.57 -4.05 13.31
CA LEU D 538 -24.35 -3.56 11.96
C LEU D 538 -24.83 -2.13 11.75
N THR D 539 -25.22 -1.44 12.84
CA THR D 539 -25.67 -0.03 12.91
C THR D 539 -26.64 0.36 11.79
N ILE D 540 -27.81 -0.29 11.79
CA ILE D 540 -28.93 0.19 11.00
C ILE D 540 -29.92 0.85 11.94
N ILE D 541 -30.42 0.09 12.92
CA ILE D 541 -31.37 0.63 13.88
C ILE D 541 -30.64 1.58 14.82
N ASP D 542 -31.38 2.56 15.33
CA ASP D 542 -30.82 3.42 16.36
C ASP D 542 -30.85 2.71 17.71
N GLY D 543 -30.16 3.31 18.68
CA GLY D 543 -30.07 2.74 20.01
C GLY D 543 -31.39 2.87 20.73
N PRO D 544 -31.80 1.80 21.43
CA PRO D 544 -33.12 1.81 22.07
C PRO D 544 -33.16 2.73 23.27
N ALA D 545 -33.78 3.89 23.10
CA ALA D 545 -33.81 4.91 24.12
C ALA D 545 -35.18 5.56 24.16
N ASN D 546 -35.76 5.62 25.35
CA ASN D 546 -36.99 6.38 25.57
C ASN D 546 -36.66 7.44 26.60
N TYR D 547 -37.06 8.68 26.33
CA TYR D 547 -36.68 9.81 27.17
C TYR D 547 -37.86 10.35 27.95
N SER D 548 -38.68 9.44 28.46
CA SER D 548 -39.71 9.76 29.42
C SER D 548 -39.51 9.07 30.77
N VAL D 549 -38.80 7.94 30.80
CA VAL D 549 -38.58 7.18 32.02
C VAL D 549 -37.09 6.96 32.19
N ASP D 550 -36.73 6.20 33.23
CA ASP D 550 -35.35 5.88 33.53
C ASP D 550 -35.04 4.44 33.14
N LEU D 551 -33.77 4.18 32.84
CA LEU D 551 -33.26 2.88 32.45
C LEU D 551 -32.20 2.41 33.44
N PRO D 552 -32.06 1.10 33.64
CA PRO D 552 -31.03 0.60 34.57
C PRO D 552 -29.62 0.84 34.05
N PHE D 553 -28.72 1.17 34.97
CA PHE D 553 -27.37 1.60 34.62
C PHE D 553 -26.50 0.47 34.08
N MET D 554 -26.85 -0.77 34.40
CA MET D 554 -26.11 -1.90 33.84
C MET D 554 -26.27 -1.95 32.33
N TYR D 555 -27.46 -1.63 31.83
CA TYR D 555 -27.69 -1.49 30.40
C TYR D 555 -26.80 -0.42 29.80
N CYS D 556 -26.68 0.72 30.49
CA CYS D 556 -25.91 1.84 29.95
C CYS D 556 -24.43 1.50 29.86
N ILE D 557 -23.89 0.90 30.92
CA ILE D 557 -22.46 0.57 30.88
C ILE D 557 -22.19 -0.59 29.91
N THR D 558 -23.12 -1.55 29.78
CA THR D 558 -22.88 -2.64 28.85
C THR D 558 -23.05 -2.20 27.41
N TYR D 559 -23.98 -1.30 27.12
CA TYR D 559 -24.11 -0.78 25.77
C TYR D 559 -22.94 0.13 25.41
N ALA D 560 -22.40 0.86 26.37
CA ALA D 560 -21.20 1.64 26.11
C ALA D 560 -20.00 0.75 25.83
N ALA D 561 -19.92 -0.41 26.49
CA ALA D 561 -18.87 -1.37 26.14
C ALA D 561 -19.11 -1.98 24.76
N PHE D 562 -20.37 -2.27 24.45
CA PHE D 562 -20.73 -2.92 23.19
C PHE D 562 -20.46 -2.04 21.99
N ALA D 563 -20.64 -0.71 22.15
CA ALA D 563 -20.37 0.22 21.07
C ALA D 563 -18.91 0.18 20.65
N ILE D 564 -18.00 0.34 21.61
CA ILE D 564 -16.58 0.34 21.25
C ILE D 564 -16.03 -1.05 21.00
N ILE D 565 -16.76 -2.12 21.35
CA ILE D 565 -16.28 -3.44 20.95
C ILE D 565 -16.88 -3.89 19.63
N ALA D 566 -17.91 -3.23 19.13
CA ALA D 566 -18.45 -3.62 17.84
C ALA D 566 -18.24 -2.56 16.76
N THR D 567 -18.82 -1.38 16.93
CA THR D 567 -18.97 -0.48 15.80
C THR D 567 -17.69 0.27 15.51
N LEU D 568 -16.99 0.72 16.55
CA LEU D 568 -15.73 1.41 16.34
C LEU D 568 -14.63 0.45 15.94
N LEU D 569 -14.62 -0.76 16.51
CA LEU D 569 -13.50 -1.66 16.36
C LEU D 569 -13.65 -2.67 15.24
N MET D 570 -14.66 -3.55 15.32
CA MET D 570 -14.58 -4.77 14.52
C MET D 570 -15.03 -4.54 13.08
N LEU D 571 -16.04 -3.69 12.86
CA LEU D 571 -16.46 -3.36 11.49
C LEU D 571 -15.34 -2.64 10.74
N ASN D 572 -14.68 -1.70 11.40
CA ASN D 572 -13.58 -0.98 10.77
C ASN D 572 -12.37 -1.88 10.56
N LEU D 573 -12.13 -2.82 11.48
CA LEU D 573 -11.03 -3.74 11.28
C LEU D 573 -11.32 -4.70 10.14
N PHE D 574 -12.60 -5.05 9.95
CA PHE D 574 -12.96 -5.87 8.80
C PHE D 574 -12.75 -5.11 7.49
N ILE D 575 -13.07 -3.81 7.49
CA ILE D 575 -12.83 -2.97 6.31
C ILE D 575 -11.34 -2.92 5.98
N ALA D 576 -10.52 -2.71 7.01
CA ALA D 576 -9.07 -2.66 6.81
C ALA D 576 -8.51 -4.00 6.37
N MET D 577 -9.05 -5.11 6.88
CA MET D 577 -8.55 -6.42 6.49
C MET D 577 -8.90 -6.74 5.04
N MET D 578 -10.11 -6.37 4.62
CA MET D 578 -10.43 -6.60 3.22
C MET D 578 -9.66 -5.66 2.29
N GLY D 579 -9.29 -4.47 2.77
CA GLY D 579 -8.40 -3.62 1.98
C GLY D 579 -7.00 -4.18 1.84
N ASP D 580 -6.48 -4.75 2.93
CA ASP D 580 -5.18 -5.43 2.91
C ASP D 580 -5.19 -6.61 1.94
N THR D 581 -6.23 -7.45 2.01
CA THR D 581 -6.24 -8.60 1.14
C THR D 581 -6.56 -8.23 -0.31
N HIS D 582 -7.24 -7.11 -0.56
CA HIS D 582 -7.40 -6.64 -1.92
C HIS D 582 -6.08 -6.15 -2.49
N TRP D 583 -5.29 -5.44 -1.66
CA TRP D 583 -3.93 -5.05 -2.03
C TRP D 583 -3.06 -6.24 -2.36
N ARG D 584 -3.26 -7.36 -1.68
CA ARG D 584 -2.41 -8.53 -1.96
C ARG D 584 -2.90 -9.37 -3.14
N VAL D 585 -4.21 -9.54 -3.35
CA VAL D 585 -4.61 -10.39 -4.47
C VAL D 585 -5.28 -9.59 -5.60
N ALA D 586 -4.89 -8.32 -5.74
CA ALA D 586 -5.22 -7.60 -6.97
C ALA D 586 -4.48 -8.15 -8.19
N GLN D 587 -3.42 -8.92 -7.98
CA GLN D 587 -2.64 -9.48 -9.07
C GLN D 587 -3.37 -10.63 -9.77
N GLU D 588 -4.16 -11.41 -9.05
CA GLU D 588 -4.62 -12.69 -9.58
C GLU D 588 -5.94 -12.60 -10.34
N ARG D 589 -6.64 -11.46 -10.23
CA ARG D 589 -8.01 -11.38 -10.74
C ARG D 589 -8.05 -11.39 -12.26
N ASP D 590 -7.14 -10.67 -12.92
CA ASP D 590 -7.18 -10.62 -14.38
C ASP D 590 -6.75 -11.94 -15.00
N GLU D 591 -5.81 -12.65 -14.36
CA GLU D 591 -5.45 -13.98 -14.84
C GLU D 591 -6.62 -14.95 -14.68
N LEU D 592 -7.32 -14.87 -13.54
CA LEU D 592 -8.51 -15.70 -13.39
C LEU D 592 -9.60 -15.33 -14.37
N TRP D 593 -9.72 -14.05 -14.72
CA TRP D 593 -10.74 -13.63 -15.67
C TRP D 593 -10.43 -14.12 -17.08
N ARG D 594 -9.16 -14.08 -17.48
CA ARG D 594 -8.76 -14.64 -18.77
C ARG D 594 -9.01 -16.14 -18.81
N ALA D 595 -8.72 -16.83 -17.71
CA ALA D 595 -8.97 -18.27 -17.63
C ALA D 595 -10.44 -18.58 -17.77
N GLN D 596 -11.31 -17.81 -17.12
CA GLN D 596 -12.73 -18.16 -17.23
C GLN D 596 -13.35 -17.66 -18.53
N VAL D 597 -12.78 -16.65 -19.21
CA VAL D 597 -13.36 -16.33 -20.51
C VAL D 597 -12.96 -17.39 -21.55
N VAL D 598 -11.77 -17.98 -21.43
CA VAL D 598 -11.46 -19.12 -22.30
C VAL D 598 -12.31 -20.32 -21.94
N ALA D 599 -12.64 -20.47 -20.65
CA ALA D 599 -13.53 -21.54 -20.22
C ALA D 599 -14.94 -21.37 -20.77
N THR D 600 -15.48 -20.15 -20.74
CA THR D 600 -16.82 -19.98 -21.26
C THR D 600 -16.86 -20.07 -22.78
N THR D 601 -15.76 -19.72 -23.45
CA THR D 601 -15.69 -19.93 -24.90
C THR D 601 -15.70 -21.41 -25.25
N VAL D 602 -14.91 -22.23 -24.54
CA VAL D 602 -14.88 -23.65 -24.89
C VAL D 602 -16.18 -24.34 -24.47
N MET D 603 -16.82 -23.90 -23.37
CA MET D 603 -18.08 -24.50 -22.96
C MET D 603 -19.22 -24.15 -23.92
N LEU D 604 -19.33 -22.88 -24.33
CA LEU D 604 -20.39 -22.52 -25.25
C LEU D 604 -20.02 -22.79 -26.70
N GLU D 605 -18.81 -23.30 -26.95
CA GLU D 605 -18.53 -23.96 -28.21
C GLU D 605 -18.98 -25.41 -28.21
N ARG D 606 -18.75 -26.11 -27.09
CA ARG D 606 -19.17 -27.51 -27.03
C ARG D 606 -20.68 -27.65 -26.92
N LYS D 607 -21.36 -26.67 -26.32
CA LYS D 607 -22.77 -26.86 -25.99
C LYS D 607 -23.67 -26.75 -27.22
N MET D 608 -23.50 -25.71 -28.02
CA MET D 608 -24.38 -25.49 -29.15
C MET D 608 -24.06 -26.47 -30.28
N PRO D 609 -25.07 -26.90 -31.04
CA PRO D 609 -24.81 -27.82 -32.15
C PRO D 609 -24.06 -27.14 -33.28
N ARG D 610 -23.43 -27.97 -34.11
CA ARG D 610 -22.47 -27.50 -35.09
C ARG D 610 -23.09 -26.98 -36.38
N PHE D 611 -24.42 -26.80 -36.41
CA PHE D 611 -25.05 -26.13 -37.53
C PHE D 611 -24.87 -24.62 -37.49
N LEU D 612 -24.43 -24.07 -36.36
CA LEU D 612 -24.35 -22.63 -36.19
C LEU D 612 -22.94 -22.14 -35.96
N TRP D 613 -22.19 -22.80 -35.08
CA TRP D 613 -20.81 -22.42 -34.87
C TRP D 613 -19.96 -22.82 -36.08
N PRO D 614 -19.11 -21.93 -36.57
CA PRO D 614 -18.29 -22.27 -37.73
C PRO D 614 -17.17 -23.23 -37.36
N ARG D 615 -16.69 -23.94 -38.38
CA ARG D 615 -15.48 -24.72 -38.23
C ARG D 615 -14.30 -23.77 -38.03
N SER D 616 -13.48 -24.05 -37.04
CA SER D 616 -12.43 -23.11 -36.66
C SER D 616 -11.28 -23.14 -37.67
N GLY D 617 -10.67 -21.98 -37.87
CA GLY D 617 -9.55 -21.84 -38.78
C GLY D 617 -9.95 -21.93 -40.24
N ILE D 618 -8.94 -22.14 -41.08
CA ILE D 618 -9.11 -22.30 -42.52
C ILE D 618 -8.75 -23.73 -42.90
N CYS D 619 -9.47 -24.27 -43.88
CA CYS D 619 -9.17 -25.61 -44.35
C CYS D 619 -7.97 -25.60 -45.27
N GLY D 620 -7.41 -26.79 -45.52
CA GLY D 620 -6.21 -26.88 -46.31
C GLY D 620 -6.34 -27.72 -47.57
N TYR D 621 -7.54 -28.25 -47.82
CA TYR D 621 -7.74 -29.06 -49.00
C TYR D 621 -7.78 -28.23 -50.27
N GLU D 622 -8.19 -26.97 -50.18
CA GLU D 622 -8.18 -26.06 -51.32
C GLU D 622 -6.80 -25.46 -51.59
N TYR D 623 -5.81 -25.80 -50.78
CA TYR D 623 -4.45 -25.36 -50.99
C TYR D 623 -3.48 -26.53 -51.09
N GLY D 624 -3.96 -27.74 -50.87
CA GLY D 624 -3.19 -28.92 -51.20
C GLY D 624 -2.33 -29.49 -50.09
N LEU D 625 -2.37 -28.89 -48.90
CA LEU D 625 -1.65 -29.46 -47.77
C LEU D 625 -2.33 -30.75 -47.30
N GLY D 626 -3.65 -30.71 -47.13
CA GLY D 626 -4.43 -31.92 -46.98
C GLY D 626 -5.01 -32.17 -45.60
N ASP D 627 -6.29 -31.79 -45.42
CA ASP D 627 -7.13 -32.17 -44.29
C ASP D 627 -6.56 -31.74 -42.94
N ARG D 628 -5.80 -30.65 -42.93
CA ARG D 628 -5.22 -30.10 -41.72
C ARG D 628 -5.55 -28.62 -41.67
N TRP D 629 -6.37 -28.23 -40.71
CA TRP D 629 -6.67 -26.81 -40.54
C TRP D 629 -5.46 -26.09 -39.97
N PHE D 630 -5.29 -24.83 -40.38
CA PHE D 630 -4.08 -24.10 -40.05
C PHE D 630 -4.43 -22.68 -39.66
N LEU D 631 -3.47 -22.02 -39.00
CA LEU D 631 -3.63 -20.64 -38.57
C LEU D 631 -2.28 -19.96 -38.68
N ARG D 632 -2.31 -18.67 -39.00
CA ARG D 632 -1.10 -17.86 -39.12
C ARG D 632 -1.18 -16.69 -38.17
N VAL D 633 -0.02 -16.24 -37.70
CA VAL D 633 0.08 -15.05 -36.87
C VAL D 633 1.15 -14.13 -37.47
N GLU D 634 0.94 -12.84 -37.31
CA GLU D 634 1.80 -11.81 -37.88
C GLU D 634 2.51 -11.13 -36.71
N ASN D 635 3.63 -11.68 -36.30
CA ASN D 635 4.34 -11.10 -35.17
C ASN D 635 5.42 -10.14 -35.67
N HIS D 636 6.03 -9.44 -34.73
CA HIS D 636 6.99 -8.38 -35.07
C HIS D 636 8.08 -8.39 -34.01
N HIS D 637 9.23 -8.99 -34.34
CA HIS D 637 10.35 -9.06 -33.41
C HIS D 637 11.37 -7.97 -33.73
C01 O6V E . -12.19 22.64 12.14
C02 O6V E . -12.92 23.98 11.86
C04 O6V E . -15.34 24.76 11.91
C06 O6V E . -15.91 26.01 12.66
C07 O6V E . -16.43 27.25 11.80
C09 O6V E . -18.04 27.87 9.35
C10 O6V E . -19.31 28.03 8.73
C11 O6V E . -19.45 28.81 7.57
C12 O6V E . -18.30 29.43 7.05
C13 O6V E . -17.05 29.26 7.68
C14 O6V E . -16.87 28.46 8.87
C16 O6V E . -15.30 27.71 10.89
C18 O6V E . -12.85 24.31 10.32
C20 O6V E . -12.64 23.85 8.03
C22 O6V E . -12.53 24.31 5.49
C23 O6V E . -12.72 25.46 6.20
C24 O6V E . -12.87 26.82 5.65
C25 O6V E . -14.17 27.34 5.39
C26 O6V E . -14.34 28.62 4.88
C27 O6V E . -13.21 29.40 4.61
C28 O6V E . -11.92 28.91 4.86
C29 O6V E . -11.75 27.62 5.38
C30 O6V E . -12.79 25.18 7.64
C31 O6V E . -12.97 26.11 8.69
N15 O6V E . -15.58 28.26 9.56
N19 O6V E . -12.68 23.38 9.35
N33 O6V E . -12.99 25.64 10.02
O03 O6V E . -14.31 23.94 12.38
O05 O6V E . -15.85 24.43 10.81
O17 O6V E . -14.14 27.63 11.30
O32 O6V E . -13.13 27.37 8.58
S08 O6V E . -17.97 26.86 10.81
S21 O6V E . -12.42 22.92 6.54
C01 O6V F . -23.85 10.47 -11.22
C02 O6V F . -25.14 10.11 -12.01
C04 O6V F . -27.58 9.73 -11.41
C06 O6V F . -28.82 10.40 -12.08
C07 O6V F . -29.80 9.51 -12.97
C09 O6V F . -31.13 6.83 -12.99
C10 O6V F . -32.19 5.99 -12.54
C11 O6V F . -32.57 4.85 -13.28
C12 O6V F . -31.86 4.58 -14.47
C13 O6V F . -30.81 5.42 -14.89
C14 O6V F . -30.40 6.59 -14.15
C16 O6V F . -28.98 8.84 -14.06
C18 O6V F . -25.04 8.62 -12.52
C20 O6V F . -24.31 6.39 -12.55
C22 O6V F . -24.10 3.92 -13.32
C23 O6V F . -24.98 4.64 -14.11
C24 O6V F . -25.75 4.11 -15.25
C25 O6V F . -27.07 3.65 -15.05
C26 O6V F . -27.82 3.15 -16.12
C27 O6V F . -27.27 3.13 -17.39
C28 O6V F . -25.95 3.60 -17.62
C29 O6V F . -25.20 4.10 -16.54
C30 O6V F . -25.07 6.02 -13.65
C31 O6V F . -25.87 7.06 -14.20
N15 O6V F . -29.31 7.50 -14.56
N19 O6V F . -24.27 7.67 -11.96
N33 O6V F . -25.82 8.34 -13.62
O03 O6V F . -26.34 10.35 -11.20
O05 O6V F . -27.68 8.55 -11.02
O17 O6V F . -28.02 9.46 -14.54
O32 O6V F . -26.66 6.97 -15.20
S08 O6V F . -30.74 8.24 -11.98
S21 O6V F . -23.42 4.94 -12.07
C01 O6V G . -23.81 -15.25 1.99
C02 O6V G . -24.59 -16.27 2.85
C04 O6V G . -26.51 -16.17 4.51
C06 O6V G . -27.82 -17.02 4.49
C07 O6V G . -28.03 -18.12 5.63
C09 O6V G . -27.73 -18.48 8.59
C10 O6V G . -28.23 -18.26 9.91
C11 O6V G . -27.84 -19.11 10.97
C12 O6V G . -26.93 -20.15 10.68
C13 O6V G . -26.45 -20.34 9.37
C14 O6V G . -26.83 -19.50 8.26
C16 O6V G . -26.84 -19.06 5.64
C18 O6V G . -23.64 -16.82 3.99
C20 O6V G . -21.85 -16.78 5.50
C22 O6V G . -20.27 -17.59 7.39
C23 O6V G . -21.27 -18.50 7.13
C24 O6V G . -21.47 -19.79 7.83
C25 O6V G . -22.36 -19.85 8.93
C26 O6V G . -22.58 -21.06 9.60
C27 O6V G . -21.91 -22.21 9.16
C28 O6V G . -21.04 -22.16 8.06
C29 O6V G . -20.82 -20.95 7.39
C30 O6V G . -22.14 -18.01 6.06
C31 O6V G . -23.29 -18.68 5.53
N15 O6V G . -26.35 -19.66 6.88
N19 O6V G . -22.57 -16.15 4.48
N33 O6V G . -24.00 -18.05 4.49
O03 O6V G . -25.84 -15.69 3.37
O05 O6V G . -26.03 -15.84 5.62
O17 O6V G . -26.30 -19.33 4.55
O32 O6V G . -23.75 -19.81 5.88
S08 O6V G . -28.29 -17.36 7.32
S21 O6V G . -20.41 -16.19 6.33
C01 O6V H . -12.15 -3.07 25.38
C02 O6V H . -12.37 -2.40 26.75
C04 O6V H . -14.28 -1.14 27.87
C06 O6V H . -14.90 -1.42 29.27
C07 O6V H . -14.66 -0.39 30.45
C09 O6V H . -14.64 2.57 30.98
C10 O6V H . -15.36 3.77 31.23
C11 O6V H . -14.73 4.85 31.87
C12 O6V H . -13.39 4.71 32.25
C13 O6V H . -12.68 3.51 31.99
C14 O6V H . -13.30 2.38 31.34
C16 O6V H . -13.17 -0.19 30.64
C18 O6V H . -11.46 -1.12 26.87
C20 O6V H . -10.19 0.70 26.11
C22 O6V H . -8.71 2.81 26.22
C23 O6V H . -9.02 2.33 27.47
C24 O6V H . -8.60 2.94 28.75
C25 O6V H . -9.46 3.86 29.41
C26 O6V H . -9.10 4.43 30.63
C27 O6V H . -7.88 4.09 31.20
C28 O6V H . -7.02 3.18 30.58
C29 O6V H . -7.39 2.60 29.34
C30 O6V H . -9.86 1.15 27.38
C31 O6V H . -10.39 0.39 28.46
N15 O6V H . -12.61 1.10 31.05
N19 O6V H . -10.98 -0.43 25.81
N33 O6V H . -11.17 -0.74 28.16
O03 O6V H . -13.80 -2.10 26.98
O05 O6V H . -14.20 0.05 27.48
O17 O6V H . -12.42 -1.16 30.44
O32 O6V H . -10.23 0.60 29.71
S08 O6V H . -15.52 1.25 30.17
S21 O6V H . -9.42 1.81 24.97
#